data_4HFO
#
_entry.id   4HFO
#
_cell.length_a   102.164
_cell.length_b   70.661
_cell.length_c   108.413
_cell.angle_alpha   90.000
_cell.angle_beta   99.160
_cell.angle_gamma   90.000
#
_symmetry.space_group_name_H-M   'P 1 21 1'
#
_entity_poly.entity_id   1
_entity_poly.type   'polypeptide(L)'
_entity_poly.pdbx_seq_one_letter_code
;SGCSTVDTVKDFNKDNFFTGSWY(MSE)THYKLGDSTLEVGDKNCTKFLHQKTADGKIKEVFSNYNPNAKTYSYDISFAK
VSDFDGNNGKYTAKNVIVEKDGRKIDERTLQVSYIDTDYSKYSVVHVCDPAAPDYY(MSE)YAVQSRTENVKEDVKSKVE
AALGKVGLKLSGLFDATTLGNKCQYDDETLQKLLKQSFPNYEK
;
_entity_poly.pdbx_strand_id   A,B,C,D,I,J,K,L
#
# COMPACT_ATOMS: atom_id res chain seq x y z
N SER A 1 -11.26 26.61 -11.80
CA SER A 1 -11.66 26.13 -13.11
C SER A 1 -11.11 24.73 -13.39
N GLY A 2 -11.36 24.21 -14.58
CA GLY A 2 -10.98 22.84 -14.89
C GLY A 2 -11.98 21.87 -14.31
N CYS A 3 -11.55 20.66 -14.00
CA CYS A 3 -12.43 19.64 -13.43
C CYS A 3 -12.75 19.88 -11.96
N SER A 4 -14.04 19.84 -11.63
CA SER A 4 -14.50 20.03 -10.27
C SER A 4 -14.22 18.81 -9.41
N THR A 5 -13.83 19.04 -8.16
CA THR A 5 -13.68 17.96 -7.20
C THR A 5 -14.96 17.84 -6.37
N VAL A 6 -15.56 16.66 -6.39
CA VAL A 6 -16.81 16.43 -5.68
C VAL A 6 -16.62 15.32 -4.66
N ASP A 7 -17.27 15.43 -3.51
CA ASP A 7 -17.18 14.39 -2.50
C ASP A 7 -17.76 13.11 -3.09
N THR A 8 -17.21 11.97 -2.70
CA THR A 8 -17.59 10.70 -3.31
C THR A 8 -18.02 9.66 -2.29
N VAL A 9 -18.69 8.62 -2.78
CA VAL A 9 -19.13 7.50 -1.96
C VAL A 9 -18.01 6.98 -1.09
N LYS A 10 -18.27 6.88 0.21
CA LYS A 10 -17.32 6.35 1.17
C LYS A 10 -17.43 4.83 1.23
N ASP A 11 -16.30 4.14 1.40
CA ASP A 11 -16.31 2.68 1.40
C ASP A 11 -16.93 2.11 0.12
N PHE A 12 -16.26 2.34 -1.01
CA PHE A 12 -16.75 1.90 -2.30
C PHE A 12 -16.60 0.39 -2.48
N ASN A 13 -17.72 -0.29 -2.72
CA ASN A 13 -17.70 -1.73 -2.94
C ASN A 13 -17.59 -2.02 -4.43
N LYS A 14 -16.36 -2.16 -4.90
CA LYS A 14 -16.10 -2.37 -6.32
C LYS A 14 -16.78 -3.63 -6.85
N ASP A 15 -16.68 -4.71 -6.07
CA ASP A 15 -17.19 -6.00 -6.51
C ASP A 15 -18.70 -6.00 -6.75
N ASN A 16 -19.45 -5.25 -5.94
CA ASN A 16 -20.88 -5.15 -6.14
C ASN A 16 -21.27 -4.04 -7.12
N PHE A 17 -20.37 -3.11 -7.37
CA PHE A 17 -20.67 -2.04 -8.32
C PHE A 17 -20.39 -2.46 -9.75
N PHE A 18 -19.17 -2.93 -9.99
CA PHE A 18 -18.73 -3.25 -11.35
C PHE A 18 -19.19 -4.63 -11.82
N THR A 19 -20.49 -4.81 -11.87
CA THR A 19 -21.10 -6.04 -12.34
C THR A 19 -22.41 -5.70 -13.03
N GLY A 20 -22.77 -6.49 -14.02
CA GLY A 20 -23.99 -6.27 -14.77
C GLY A 20 -23.87 -5.06 -15.69
N SER A 21 -24.96 -4.30 -15.80
CA SER A 21 -25.00 -3.13 -16.67
C SER A 21 -25.76 -1.97 -16.02
N TRP A 22 -25.62 -0.78 -16.59
CA TRP A 22 -26.30 0.41 -16.11
C TRP A 22 -26.94 1.15 -17.30
N TYR A 23 -27.97 1.94 -17.02
CA TYR A 23 -28.54 2.82 -18.04
C TYR A 23 -28.38 4.24 -17.54
N THR A 25 -29.98 7.62 -17.29
CA THR A 25 -31.37 8.06 -17.39
C THR A 25 -31.49 9.56 -17.50
N HIS A 26 -30.65 10.29 -16.78
CA HIS A 26 -30.65 11.75 -16.80
C HIS A 26 -29.22 12.24 -16.69
N TYR A 27 -28.94 13.38 -17.31
CA TYR A 27 -27.60 13.94 -17.22
C TYR A 27 -27.46 15.39 -17.67
N LYS A 28 -26.42 16.04 -17.19
CA LYS A 28 -26.00 17.34 -17.70
C LYS A 28 -24.60 17.25 -18.26
N LEU A 29 -24.43 17.73 -19.48
CA LEU A 29 -23.15 17.66 -20.17
C LEU A 29 -22.66 19.06 -20.49
N GLY A 30 -21.62 19.51 -19.77
CA GLY A 30 -21.07 20.83 -19.99
C GLY A 30 -21.98 21.99 -19.58
N ASP A 31 -21.58 23.20 -19.94
CA ASP A 31 -22.28 24.42 -19.52
C ASP A 31 -23.34 24.88 -20.52
N SER A 32 -23.19 24.45 -21.77
CA SER A 32 -24.09 24.91 -22.82
C SER A 32 -25.40 24.15 -22.84
N THR A 33 -26.38 24.76 -23.47
CA THR A 33 -27.69 24.15 -23.68
C THR A 33 -27.51 22.87 -24.53
N LEU A 34 -28.19 21.79 -24.14
CA LEU A 34 -27.99 20.51 -24.81
C LEU A 34 -28.53 20.49 -26.26
N GLU A 35 -27.66 20.14 -27.20
CA GLU A 35 -28.04 19.93 -28.60
C GLU A 35 -28.48 18.49 -28.86
N VAL A 36 -29.25 18.29 -29.92
CA VAL A 36 -29.80 16.99 -30.24
C VAL A 36 -28.72 15.92 -30.47
N GLY A 37 -27.56 16.33 -30.96
CA GLY A 37 -26.44 15.42 -31.11
C GLY A 37 -25.92 14.86 -29.80
N ASP A 38 -26.20 15.56 -28.70
CA ASP A 38 -25.77 15.13 -27.38
C ASP A 38 -26.90 14.50 -26.56
N LYS A 39 -28.02 14.25 -27.21
CA LYS A 39 -29.15 13.58 -26.56
C LYS A 39 -29.15 12.11 -26.93
N ASN A 40 -28.60 11.29 -26.04
CA ASN A 40 -28.34 9.90 -26.36
C ASN A 40 -28.94 8.92 -25.36
N CYS A 41 -29.07 7.68 -25.80
CA CYS A 41 -29.47 6.59 -24.93
C CYS A 41 -28.21 5.76 -24.68
N THR A 42 -27.74 5.78 -23.45
CA THR A 42 -26.50 5.10 -23.11
C THR A 42 -26.73 3.94 -22.17
N LYS A 43 -26.19 2.79 -22.55
CA LYS A 43 -26.14 1.64 -21.67
C LYS A 43 -24.70 1.19 -21.66
N PHE A 44 -24.22 0.77 -20.49
CA PHE A 44 -22.90 0.19 -20.42
C PHE A 44 -22.87 -1.08 -19.58
N LEU A 45 -21.91 -1.93 -19.93
CA LEU A 45 -21.65 -3.18 -19.25
C LEU A 45 -20.28 -3.03 -18.62
N HIS A 46 -20.10 -3.52 -17.41
CA HIS A 46 -18.74 -3.62 -16.94
C HIS A 46 -18.41 -4.87 -16.14
N GLN A 47 -17.15 -4.96 -15.75
CA GLN A 47 -16.65 -6.12 -15.06
C GLN A 47 -15.35 -5.81 -14.38
N LYS A 48 -15.14 -6.44 -13.23
CA LYS A 48 -13.87 -6.39 -12.55
C LYS A 48 -13.39 -7.84 -12.52
N THR A 49 -12.19 -8.10 -13.03
CA THR A 49 -11.67 -9.46 -13.02
C THR A 49 -10.64 -9.69 -11.93
N ALA A 50 -10.33 -10.95 -11.63
CA ALA A 50 -9.44 -11.29 -10.53
C ALA A 50 -8.11 -10.55 -10.66
N ASP A 51 -7.63 -10.38 -11.89
CA ASP A 51 -6.37 -9.68 -12.13
C ASP A 51 -6.41 -8.21 -11.71
N GLY A 52 -7.58 -7.73 -11.28
CA GLY A 52 -7.71 -6.37 -10.80
C GLY A 52 -8.06 -5.32 -11.85
N LYS A 53 -8.33 -5.77 -13.06
CA LYS A 53 -8.72 -4.87 -14.14
C LYS A 53 -10.19 -4.49 -14.08
N ILE A 54 -10.48 -3.21 -14.28
CA ILE A 54 -11.87 -2.75 -14.42
C ILE A 54 -12.12 -2.30 -15.83
N LYS A 55 -13.25 -2.74 -16.39
CA LYS A 55 -13.55 -2.49 -17.79
C LYS A 55 -15.01 -2.14 -17.97
N GLU A 56 -15.27 -1.05 -18.68
CA GLU A 56 -16.63 -0.55 -18.87
C GLU A 56 -16.88 -0.21 -20.33
N VAL A 57 -17.92 -0.78 -20.91
CA VAL A 57 -18.17 -0.63 -22.33
C VAL A 57 -19.47 0.12 -22.55
N PHE A 58 -19.41 1.22 -23.27
CA PHE A 58 -20.57 2.08 -23.46
C PHE A 58 -21.18 1.96 -24.85
N SER A 59 -22.51 1.83 -24.88
CA SER A 59 -23.28 1.93 -26.11
C SER A 59 -24.07 3.22 -26.05
N ASN A 60 -23.73 4.16 -26.92
CA ASN A 60 -24.40 5.45 -26.98
C ASN A 60 -25.17 5.56 -28.28
N TYR A 61 -26.48 5.65 -28.15
CA TYR A 61 -27.35 5.68 -29.31
C TYR A 61 -28.11 7.00 -29.42
N ASN A 62 -27.96 7.67 -30.55
CA ASN A 62 -28.64 8.92 -30.83
C ASN A 62 -29.88 8.67 -31.70
N PRO A 63 -31.06 8.68 -31.08
CA PRO A 63 -32.29 8.36 -31.82
C PRO A 63 -32.55 9.30 -33.01
N ASN A 64 -32.07 10.54 -32.93
CA ASN A 64 -32.32 11.52 -33.98
C ASN A 64 -31.54 11.18 -35.25
N ALA A 65 -30.32 10.69 -35.07
CA ALA A 65 -29.48 10.30 -36.20
C ALA A 65 -29.49 8.79 -36.41
N LYS A 66 -30.08 8.07 -35.46
CA LYS A 66 -30.16 6.62 -35.55
C LYS A 66 -28.76 6.05 -35.64
N THR A 67 -27.85 6.59 -34.85
CA THR A 67 -26.45 6.18 -34.89
C THR A 67 -25.98 5.74 -33.51
N TYR A 68 -24.98 4.86 -33.50
CA TYR A 68 -24.36 4.40 -32.27
C TYR A 68 -22.96 4.96 -32.18
N SER A 69 -22.51 5.28 -30.97
CA SER A 69 -21.09 5.50 -30.72
C SER A 69 -20.69 4.57 -29.59
N TYR A 70 -19.42 4.21 -29.51
CA TYR A 70 -18.96 3.28 -28.48
C TYR A 70 -17.72 3.79 -27.80
N ASP A 71 -17.65 3.63 -26.48
CA ASP A 71 -16.39 3.90 -25.79
C ASP A 71 -16.15 2.88 -24.69
N ILE A 72 -14.89 2.74 -24.28
CA ILE A 72 -14.53 1.77 -23.26
C ILE A 72 -13.58 2.39 -22.27
N SER A 73 -13.94 2.29 -20.99
CA SER A 73 -13.06 2.74 -19.94
C SER A 73 -12.26 1.57 -19.38
N PHE A 74 -10.96 1.78 -19.28
CA PHE A 74 -10.05 0.79 -18.70
C PHE A 74 -9.41 1.37 -17.45
N ALA A 75 -9.48 0.61 -16.37
CA ALA A 75 -8.89 1.04 -15.11
C ALA A 75 -8.45 -0.19 -14.33
N LYS A 76 -7.67 0.05 -13.29
CA LYS A 76 -7.24 -1.00 -12.41
C LYS A 76 -7.52 -0.59 -10.98
N VAL A 77 -7.78 -1.58 -10.13
CA VAL A 77 -8.12 -1.34 -8.74
C VAL A 77 -7.18 -0.32 -8.10
N SER A 78 -5.97 -0.24 -8.62
CA SER A 78 -4.93 0.63 -8.06
C SER A 78 -5.03 2.05 -8.61
N ASP A 79 -6.01 2.28 -9.48
CA ASP A 79 -6.29 3.61 -9.99
C ASP A 79 -7.36 4.29 -9.13
N PHE A 80 -7.92 3.54 -8.19
CA PHE A 80 -8.95 4.08 -7.29
C PHE A 80 -8.32 4.83 -6.13
N ASP A 81 -8.99 5.90 -5.71
CA ASP A 81 -8.51 6.70 -4.58
C ASP A 81 -8.90 6.07 -3.24
N GLY A 82 -8.03 5.22 -2.71
CA GLY A 82 -8.31 4.59 -1.43
C GLY A 82 -9.57 3.74 -1.49
N ASN A 83 -10.48 3.97 -0.55
CA ASN A 83 -11.73 3.21 -0.50
C ASN A 83 -12.94 4.00 -0.98
N ASN A 84 -12.68 5.14 -1.63
CA ASN A 84 -13.75 5.98 -2.14
C ASN A 84 -14.21 5.58 -3.52
N GLY A 85 -15.42 5.98 -3.89
CA GLY A 85 -15.91 5.77 -5.24
C GLY A 85 -15.29 6.80 -6.17
N LYS A 86 -13.96 6.77 -6.26
CA LYS A 86 -13.25 7.75 -7.08
C LYS A 86 -12.04 7.11 -7.74
N TYR A 87 -11.88 7.36 -9.03
CA TYR A 87 -10.78 6.78 -9.78
C TYR A 87 -10.54 7.46 -11.12
N THR A 88 -9.40 7.17 -11.71
CA THR A 88 -9.07 7.66 -13.03
C THR A 88 -9.10 6.49 -14.01
N ALA A 89 -9.60 6.75 -15.20
CA ALA A 89 -9.65 5.72 -16.22
C ALA A 89 -9.09 6.23 -17.53
N LYS A 90 -8.59 5.31 -18.33
CA LYS A 90 -8.28 5.60 -19.72
C LYS A 90 -9.51 5.23 -20.53
N ASN A 91 -10.16 6.23 -21.10
CA ASN A 91 -11.36 5.98 -21.89
C ASN A 91 -11.06 6.09 -23.39
N VAL A 92 -11.39 5.02 -24.11
CA VAL A 92 -11.11 4.93 -25.53
C VAL A 92 -12.39 4.90 -26.36
N ILE A 93 -12.51 5.86 -27.28
CA ILE A 93 -13.61 5.83 -28.25
C ILE A 93 -13.25 4.88 -29.38
N VAL A 94 -14.15 3.94 -29.66
CA VAL A 94 -13.87 2.84 -30.57
C VAL A 94 -15.01 2.65 -31.56
N GLU A 95 -14.71 1.93 -32.63
CA GLU A 95 -15.72 1.51 -33.60
C GLU A 95 -16.36 0.23 -33.10
N LYS A 96 -17.41 -0.24 -33.78
CA LYS A 96 -18.07 -1.49 -33.42
C LYS A 96 -17.07 -2.60 -33.14
N ASP A 97 -16.02 -2.68 -33.97
CA ASP A 97 -15.07 -3.80 -33.89
C ASP A 97 -13.95 -3.55 -32.88
N GLY A 98 -13.96 -2.39 -32.23
CA GLY A 98 -13.00 -2.08 -31.18
C GLY A 98 -11.80 -1.28 -31.63
N ARG A 99 -11.77 -0.90 -32.90
CA ARG A 99 -10.67 -0.11 -33.43
C ARG A 99 -10.64 1.28 -32.79
N LYS A 100 -9.47 1.71 -32.35
CA LYS A 100 -9.34 2.98 -31.66
C LYS A 100 -9.64 4.18 -32.56
N ILE A 101 -10.54 5.06 -32.10
CA ILE A 101 -10.79 6.32 -32.79
C ILE A 101 -10.12 7.51 -32.09
N ASP A 102 -10.25 7.53 -30.77
CA ASP A 102 -9.68 8.57 -29.95
C ASP A 102 -9.56 8.07 -28.53
N GLU A 103 -8.74 8.76 -27.73
CA GLU A 103 -8.57 8.37 -26.33
C GLU A 103 -8.37 9.59 -25.42
N ARG A 104 -8.71 9.41 -24.16
CA ARG A 104 -8.60 10.47 -23.18
C ARG A 104 -8.54 9.86 -21.79
N THR A 105 -8.25 10.70 -20.82
CA THR A 105 -8.25 10.30 -19.43
C THR A 105 -9.49 10.89 -18.76
N LEU A 106 -10.22 10.06 -18.01
CA LEU A 106 -11.36 10.57 -17.25
C LEU A 106 -11.19 10.36 -15.76
N GLN A 107 -11.54 11.39 -15.00
CA GLN A 107 -11.67 11.28 -13.55
C GLN A 107 -13.13 10.98 -13.25
N VAL A 108 -13.36 9.87 -12.58
CA VAL A 108 -14.72 9.42 -12.30
C VAL A 108 -15.01 9.56 -10.82
N SER A 109 -16.07 10.29 -10.50
CA SER A 109 -16.44 10.47 -9.10
C SER A 109 -17.87 10.00 -8.85
N TYR A 110 -18.01 8.90 -8.13
CA TYR A 110 -19.33 8.46 -7.69
C TYR A 110 -19.76 9.21 -6.45
N ILE A 111 -20.73 10.10 -6.65
CA ILE A 111 -21.33 10.88 -5.58
C ILE A 111 -22.18 10.01 -4.66
N ASP A 112 -22.83 9.00 -5.23
CA ASP A 112 -23.66 8.10 -4.42
C ASP A 112 -24.14 6.89 -5.21
N THR A 113 -24.45 5.81 -4.51
CA THR A 113 -25.06 4.63 -5.11
C THR A 113 -25.52 3.64 -4.07
N ASP A 114 -26.56 2.88 -4.38
CA ASP A 114 -26.96 1.75 -3.55
C ASP A 114 -26.65 0.42 -4.23
N TYR A 115 -25.88 0.48 -5.32
CA TYR A 115 -25.40 -0.73 -6.00
C TYR A 115 -26.45 -1.45 -6.86
N SER A 116 -27.64 -1.67 -6.31
CA SER A 116 -28.63 -2.50 -7.00
C SER A 116 -29.72 -1.74 -7.76
N LYS A 117 -29.74 -0.42 -7.64
CA LYS A 117 -30.77 0.39 -8.28
C LYS A 117 -30.22 1.60 -9.03
N TYR A 118 -29.40 2.39 -8.33
CA TYR A 118 -29.01 3.69 -8.87
C TYR A 118 -27.60 4.09 -8.48
N SER A 119 -27.01 4.98 -9.28
CA SER A 119 -25.76 5.60 -8.93
C SER A 119 -25.76 7.01 -9.47
N VAL A 120 -24.97 7.88 -8.88
CA VAL A 120 -24.85 9.25 -9.35
C VAL A 120 -23.38 9.60 -9.47
N VAL A 121 -23.00 10.09 -10.64
CA VAL A 121 -21.59 10.18 -10.98
C VAL A 121 -21.25 11.55 -11.55
N HIS A 122 -20.01 11.96 -11.35
CA HIS A 122 -19.46 13.09 -12.06
C HIS A 122 -18.24 12.59 -12.83
N VAL A 123 -18.19 12.88 -14.12
CA VAL A 123 -17.09 12.47 -14.97
C VAL A 123 -16.53 13.71 -15.64
N CYS A 124 -15.21 13.80 -15.71
CA CYS A 124 -14.54 14.99 -16.23
C CYS A 124 -13.16 14.68 -16.82
N ASP A 125 -12.84 15.34 -17.92
CA ASP A 125 -11.55 15.20 -18.59
C ASP A 125 -10.62 16.32 -18.14
N PRO A 126 -9.56 15.99 -17.41
CA PRO A 126 -8.66 17.00 -16.85
C PRO A 126 -7.96 17.84 -17.90
N ALA A 127 -8.06 17.42 -19.16
CA ALA A 127 -7.43 18.12 -20.26
C ALA A 127 -8.49 18.79 -21.14
N ALA A 128 -9.75 18.55 -20.79
CA ALA A 128 -10.89 19.12 -21.51
C ALA A 128 -12.02 19.34 -20.52
N PRO A 129 -11.76 20.16 -19.48
CA PRO A 129 -12.67 20.34 -18.34
C PRO A 129 -14.04 20.84 -18.76
N ASP A 130 -14.13 21.45 -19.94
CA ASP A 130 -15.40 21.88 -20.49
C ASP A 130 -16.26 20.68 -20.86
N TYR A 131 -15.61 19.52 -21.00
CA TYR A 131 -16.33 18.26 -21.06
C TYR A 131 -16.42 17.65 -19.66
N TYR A 132 -17.50 18.00 -18.97
CA TYR A 132 -17.83 17.37 -17.71
C TYR A 132 -19.25 16.85 -17.81
N TYR A 134 -22.48 15.23 -15.33
CA TYR A 134 -23.13 14.75 -14.14
C TYR A 134 -24.24 13.86 -14.66
N ALA A 135 -24.31 12.63 -14.15
CA ALA A 135 -25.26 11.65 -14.67
C ALA A 135 -25.97 10.86 -13.59
N VAL A 136 -27.24 10.58 -13.83
CA VAL A 136 -27.99 9.64 -13.02
C VAL A 136 -28.02 8.30 -13.75
N GLN A 137 -27.78 7.22 -13.02
CA GLN A 137 -27.64 5.92 -13.64
C GLN A 137 -28.51 4.93 -12.89
N SER A 138 -29.03 3.96 -13.62
CA SER A 138 -30.03 3.05 -13.09
C SER A 138 -29.77 1.65 -13.61
N ARG A 139 -30.14 0.65 -12.82
CA ARG A 139 -30.04 -0.73 -13.25
C ARG A 139 -31.15 -1.06 -14.23
N THR A 140 -32.18 -0.23 -14.27
CA THR A 140 -33.26 -0.37 -15.26
C THR A 140 -33.36 0.87 -16.13
N GLU A 141 -34.19 0.80 -17.15
CA GLU A 141 -34.28 1.87 -18.13
C GLU A 141 -34.81 3.18 -17.51
N ASN A 142 -35.57 3.04 -16.44
CA ASN A 142 -36.02 4.18 -15.65
C ASN A 142 -35.49 4.02 -14.23
N VAL A 143 -35.29 5.13 -13.52
CA VAL A 143 -34.95 5.01 -12.13
C VAL A 143 -36.21 4.59 -11.36
N LYS A 144 -36.04 3.63 -10.45
CA LYS A 144 -37.19 3.10 -9.73
C LYS A 144 -37.76 4.19 -8.82
N GLU A 145 -39.07 4.43 -8.95
CA GLU A 145 -39.73 5.51 -8.26
C GLU A 145 -39.29 5.66 -6.79
N ASP A 146 -39.07 4.54 -6.10
CA ASP A 146 -38.78 4.57 -4.68
C ASP A 146 -37.37 5.04 -4.29
N VAL A 147 -36.55 5.38 -5.28
CA VAL A 147 -35.23 5.95 -5.01
C VAL A 147 -35.08 7.34 -5.63
N LYS A 148 -36.14 7.86 -6.22
CA LYS A 148 -36.09 9.15 -6.88
C LYS A 148 -35.63 10.27 -5.95
N SER A 149 -35.96 10.16 -4.67
CA SER A 149 -35.59 11.19 -3.70
C SER A 149 -34.19 10.95 -3.18
N LYS A 150 -33.80 9.68 -3.09
CA LYS A 150 -32.45 9.33 -2.66
C LYS A 150 -31.45 9.81 -3.72
N VAL A 151 -31.89 9.78 -4.97
CA VAL A 151 -31.13 10.33 -6.07
C VAL A 151 -31.08 11.85 -6.01
N GLU A 152 -32.23 12.46 -5.77
CA GLU A 152 -32.32 13.93 -5.79
C GLU A 152 -31.49 14.58 -4.69
N ALA A 153 -31.29 13.84 -3.59
CA ALA A 153 -30.39 14.27 -2.53
C ALA A 153 -28.94 14.33 -3.04
N ALA A 154 -28.53 13.25 -3.70
CA ALA A 154 -27.18 13.16 -4.25
C ALA A 154 -26.89 14.34 -5.18
N LEU A 155 -27.78 14.58 -6.14
CA LEU A 155 -27.67 15.73 -7.02
C LEU A 155 -27.62 17.01 -6.19
N GLY A 156 -28.33 17.00 -5.07
CA GLY A 156 -28.32 18.13 -4.16
C GLY A 156 -26.91 18.49 -3.75
N LYS A 157 -26.13 17.48 -3.38
CA LYS A 157 -24.75 17.69 -2.95
C LYS A 157 -23.93 18.48 -3.98
N VAL A 158 -24.22 18.27 -5.27
CA VAL A 158 -23.43 18.90 -6.32
C VAL A 158 -24.11 20.10 -6.97
N GLY A 159 -25.14 20.61 -6.30
CA GLY A 159 -25.78 21.85 -6.71
C GLY A 159 -26.77 21.71 -7.85
N LEU A 160 -27.41 20.55 -7.93
CA LEU A 160 -28.29 20.26 -9.05
C LEU A 160 -29.59 19.62 -8.60
N LYS A 161 -30.58 19.65 -9.48
CA LYS A 161 -31.83 18.95 -9.25
C LYS A 161 -32.19 18.15 -10.49
N LEU A 162 -32.90 17.04 -10.28
CA LEU A 162 -33.22 16.10 -11.34
C LEU A 162 -33.86 16.80 -12.54
N SER A 163 -34.81 17.69 -12.27
CA SER A 163 -35.51 18.44 -13.32
C SER A 163 -34.54 19.38 -14.03
N GLY A 164 -33.38 19.60 -13.44
CA GLY A 164 -32.34 20.41 -14.05
C GLY A 164 -31.44 19.62 -14.98
N LEU A 165 -31.79 18.35 -15.22
CA LEU A 165 -31.02 17.51 -16.13
C LEU A 165 -31.84 17.09 -17.34
N PHE A 166 -31.15 16.82 -18.44
CA PHE A 166 -31.81 16.19 -19.58
C PHE A 166 -32.33 14.82 -19.14
N ASP A 167 -33.63 14.62 -19.35
CA ASP A 167 -34.28 13.34 -19.07
C ASP A 167 -34.16 12.47 -20.31
N ALA A 168 -33.21 11.54 -20.29
CA ALA A 168 -33.00 10.66 -21.43
C ALA A 168 -34.18 9.73 -21.63
N THR A 169 -34.99 9.56 -20.57
CA THR A 169 -36.17 8.71 -20.65
C THR A 169 -37.31 9.33 -21.47
N THR A 170 -37.10 10.55 -21.99
CA THR A 170 -38.03 11.15 -22.95
C THR A 170 -37.76 10.60 -24.35
N LEU A 171 -36.58 10.00 -24.52
CA LEU A 171 -36.23 9.33 -25.76
C LEU A 171 -36.77 7.90 -25.77
N GLY A 172 -36.85 7.32 -24.57
CA GLY A 172 -37.22 5.94 -24.34
C GLY A 172 -37.81 5.14 -25.49
N ASN A 173 -39.04 5.48 -25.87
CA ASN A 173 -39.76 4.78 -26.93
C ASN A 173 -38.98 4.67 -28.24
N LYS A 174 -37.85 5.36 -28.31
CA LYS A 174 -36.99 5.31 -29.49
C LYS A 174 -35.59 4.85 -29.12
N CYS A 175 -35.33 4.73 -27.83
CA CYS A 175 -34.02 4.29 -27.34
C CYS A 175 -33.68 2.88 -27.83
N GLN A 176 -32.42 2.69 -28.21
CA GLN A 176 -31.91 1.38 -28.60
C GLN A 176 -30.56 1.18 -27.91
N TYR A 177 -30.22 -0.08 -27.64
CA TYR A 177 -28.97 -0.41 -26.97
C TYR A 177 -28.31 -1.59 -27.68
N ASP A 178 -27.02 -1.46 -28.00
CA ASP A 178 -26.33 -2.48 -28.78
C ASP A 178 -25.73 -3.57 -27.87
N ASP A 179 -26.60 -4.39 -27.31
CA ASP A 179 -26.16 -5.46 -26.42
C ASP A 179 -25.15 -6.42 -27.05
N GLU A 180 -25.30 -6.73 -28.33
CA GLU A 180 -24.34 -7.59 -29.03
C GLU A 180 -22.93 -7.02 -28.97
N THR A 181 -22.80 -5.77 -29.42
CA THR A 181 -21.49 -5.13 -29.40
C THR A 181 -20.98 -5.01 -27.96
N LEU A 182 -21.86 -4.64 -27.05
CA LEU A 182 -21.49 -4.52 -25.63
C LEU A 182 -20.85 -5.82 -25.15
N GLN A 183 -21.51 -6.93 -25.42
CA GLN A 183 -21.02 -8.23 -24.98
C GLN A 183 -19.72 -8.56 -25.67
N LYS A 184 -19.68 -8.34 -26.97
CA LYS A 184 -18.51 -8.67 -27.77
C LYS A 184 -17.26 -7.88 -27.36
N LEU A 185 -17.41 -6.57 -27.16
CA LEU A 185 -16.25 -5.75 -26.79
C LEU A 185 -15.77 -6.00 -25.34
N LEU A 186 -16.69 -6.39 -24.46
CA LEU A 186 -16.32 -6.69 -23.09
C LEU A 186 -15.38 -7.90 -23.05
N LYS A 187 -15.69 -8.88 -23.88
CA LYS A 187 -14.89 -10.10 -23.95
C LYS A 187 -13.61 -9.90 -24.75
N GLN A 188 -13.64 -8.93 -25.65
CA GLN A 188 -12.56 -8.71 -26.61
C GLN A 188 -11.29 -8.20 -25.95
N SER A 189 -10.15 -8.73 -26.41
CA SER A 189 -8.86 -8.33 -25.89
C SER A 189 -8.37 -6.98 -26.43
N PHE A 190 -7.87 -6.12 -25.53
CA PHE A 190 -7.28 -4.83 -25.91
C PHE A 190 -5.87 -4.66 -25.33
N PRO A 191 -4.87 -5.30 -25.95
CA PRO A 191 -3.52 -5.25 -25.38
C PRO A 191 -2.89 -3.86 -25.28
N ASN A 192 -3.32 -2.89 -26.08
CA ASN A 192 -2.80 -1.53 -25.94
C ASN A 192 -3.31 -0.79 -24.68
N TYR A 193 -4.36 -1.32 -24.05
CA TYR A 193 -4.99 -0.65 -22.91
C TYR A 193 -5.06 -1.49 -21.63
N GLU A 194 -4.85 -2.79 -21.78
CA GLU A 194 -4.80 -3.67 -20.62
C GLU A 194 -3.40 -3.60 -20.02
N LYS A 195 -3.29 -3.07 -18.82
CA LYS A 195 -2.01 -2.79 -18.16
C LYS A 195 -1.57 -1.35 -18.38
N SER B 1 -5.73 12.30 -28.95
CA SER B 1 -5.98 11.78 -30.29
C SER B 1 -5.24 10.46 -30.58
N GLY B 2 -4.05 10.30 -30.00
CA GLY B 2 -3.29 9.07 -30.15
C GLY B 2 -2.27 9.13 -31.28
N CYS B 3 -2.09 8.03 -32.00
CA CYS B 3 -1.21 8.02 -33.17
C CYS B 3 -1.84 8.83 -34.30
N SER B 4 -1.02 9.57 -35.02
CA SER B 4 -1.52 10.36 -36.14
C SER B 4 -1.70 9.52 -37.39
N THR B 5 -2.69 9.89 -38.20
CA THR B 5 -2.84 9.32 -39.53
C THR B 5 -2.25 10.30 -40.53
N VAL B 6 -1.40 9.80 -41.42
CA VAL B 6 -0.77 10.65 -42.42
C VAL B 6 -0.94 10.06 -43.81
N ASP B 7 -1.10 10.93 -44.80
CA ASP B 7 -1.13 10.50 -46.19
C ASP B 7 0.14 9.73 -46.50
N THR B 8 -0.01 8.65 -47.25
CA THR B 8 1.11 7.77 -47.57
C THR B 8 1.28 7.66 -49.07
N VAL B 9 2.46 7.18 -49.49
CA VAL B 9 2.72 6.94 -50.91
C VAL B 9 1.55 6.16 -51.52
N LYS B 10 1.06 6.64 -52.66
CA LYS B 10 -0.16 6.09 -53.27
C LYS B 10 0.00 4.67 -53.83
N ASP B 11 1.01 4.48 -54.67
CA ASP B 11 1.26 3.15 -55.22
C ASP B 11 2.62 2.63 -54.76
N PHE B 12 2.68 2.25 -53.48
CA PHE B 12 3.92 1.79 -52.86
C PHE B 12 4.45 0.50 -53.49
N ASN B 13 5.65 0.58 -54.04
CA ASN B 13 6.31 -0.60 -54.61
C ASN B 13 7.09 -1.35 -53.55
N LYS B 14 6.46 -2.34 -52.94
CA LYS B 14 7.09 -3.12 -51.87
C LYS B 14 8.33 -3.91 -52.31
N ASP B 15 8.53 -4.05 -53.62
CA ASP B 15 9.72 -4.75 -54.12
C ASP B 15 10.92 -3.81 -54.24
N ASN B 16 10.69 -2.60 -54.72
CA ASN B 16 11.76 -1.62 -54.88
C ASN B 16 12.08 -0.84 -53.60
N PHE B 17 11.31 -1.07 -52.55
CA PHE B 17 11.58 -0.42 -51.28
C PHE B 17 12.31 -1.32 -50.29
N PHE B 18 11.74 -2.50 -50.03
CA PHE B 18 12.28 -3.39 -49.00
C PHE B 18 13.48 -4.21 -49.48
N THR B 19 14.56 -3.50 -49.78
CA THR B 19 15.83 -4.14 -50.11
C THR B 19 16.96 -3.21 -49.71
N GLY B 20 18.12 -3.79 -49.44
CA GLY B 20 19.32 -3.02 -49.15
C GLY B 20 19.36 -2.51 -47.72
N SER B 21 20.02 -1.39 -47.53
CA SER B 21 20.17 -0.79 -46.21
C SER B 21 19.66 0.64 -46.20
N TRP B 22 19.29 1.13 -45.02
CA TRP B 22 18.92 2.54 -44.88
C TRP B 22 19.66 3.15 -43.70
N TYR B 23 19.74 4.47 -43.69
CA TYR B 23 20.23 5.20 -42.52
C TYR B 23 19.16 6.20 -42.14
N THR B 25 18.84 9.65 -41.10
CA THR B 25 19.72 10.81 -41.17
C THR B 25 19.17 12.01 -40.40
N HIS B 26 17.84 12.11 -40.36
CA HIS B 26 17.19 13.14 -39.56
C HIS B 26 15.95 12.54 -38.96
N TYR B 27 15.63 12.94 -37.73
CA TYR B 27 14.36 12.54 -37.17
C TYR B 27 13.90 13.44 -36.04
N LYS B 28 12.60 13.41 -35.81
CA LYS B 28 12.00 13.98 -34.64
C LYS B 28 11.40 12.83 -33.84
N LEU B 29 11.64 12.83 -32.53
CA LEU B 29 11.14 11.78 -31.66
C LEU B 29 10.31 12.36 -30.52
N GLY B 30 8.98 12.24 -30.63
CA GLY B 30 8.10 12.70 -29.58
C GLY B 30 7.93 14.22 -29.52
N ASP B 31 7.19 14.68 -28.52
CA ASP B 31 6.86 16.08 -28.35
C ASP B 31 7.96 16.89 -27.67
N SER B 32 8.64 16.28 -26.71
CA SER B 32 9.65 16.97 -25.90
C SER B 32 10.93 17.28 -26.63
N THR B 33 11.74 18.12 -26.02
CA THR B 33 13.06 18.43 -26.54
C THR B 33 13.95 17.18 -26.45
N LEU B 34 14.63 16.86 -27.54
CA LEU B 34 15.41 15.64 -27.63
C LEU B 34 16.55 15.61 -26.61
N GLU B 35 16.55 14.59 -25.76
CA GLU B 35 17.63 14.42 -24.79
C GLU B 35 18.74 13.63 -25.44
N VAL B 36 19.95 13.74 -24.89
CA VAL B 36 21.11 13.10 -25.49
C VAL B 36 20.97 11.57 -25.57
N GLY B 37 20.32 10.97 -24.58
CA GLY B 37 20.07 9.54 -24.59
C GLY B 37 19.20 9.10 -25.75
N ASP B 38 18.56 10.07 -26.41
CA ASP B 38 17.67 9.79 -27.53
C ASP B 38 18.27 10.27 -28.86
N LYS B 39 19.54 10.64 -28.83
CA LYS B 39 20.26 10.98 -30.04
C LYS B 39 21.11 9.79 -30.50
N ASN B 40 20.60 9.05 -31.46
CA ASN B 40 21.20 7.78 -31.86
C ASN B 40 21.55 7.72 -33.34
N CYS B 41 22.50 6.86 -33.68
CA CYS B 41 22.85 6.62 -35.07
C CYS B 41 22.23 5.30 -35.50
N THR B 42 21.32 5.37 -36.46
CA THR B 42 20.57 4.17 -36.83
C THR B 42 20.77 3.74 -38.29
N LYS B 43 20.92 2.43 -38.47
CA LYS B 43 21.00 1.83 -39.79
C LYS B 43 20.26 0.49 -39.80
N PHE B 44 19.56 0.21 -40.89
CA PHE B 44 18.85 -1.06 -40.97
C PHE B 44 18.92 -1.72 -42.34
N LEU B 45 18.91 -3.05 -42.34
CA LEU B 45 18.83 -3.84 -43.56
C LEU B 45 17.46 -4.44 -43.58
N HIS B 46 16.82 -4.50 -44.73
CA HIS B 46 15.57 -5.25 -44.80
C HIS B 46 15.31 -6.02 -46.10
N GLN B 47 14.44 -7.01 -45.98
CA GLN B 47 14.23 -7.97 -47.05
C GLN B 47 12.75 -8.26 -47.20
N LYS B 48 12.39 -8.85 -48.34
CA LYS B 48 11.06 -9.40 -48.58
C LYS B 48 11.21 -10.74 -49.29
N THR B 49 10.87 -11.81 -48.58
CA THR B 49 10.97 -13.15 -49.14
C THR B 49 9.75 -13.47 -50.00
N ALA B 50 9.91 -14.41 -50.93
CA ALA B 50 8.83 -14.78 -51.85
C ALA B 50 7.56 -15.17 -51.11
N ASP B 51 7.72 -15.67 -49.89
CA ASP B 51 6.57 -16.04 -49.06
C ASP B 51 5.79 -14.81 -48.61
N GLY B 52 6.28 -13.63 -48.98
CA GLY B 52 5.59 -12.38 -48.68
C GLY B 52 5.93 -11.78 -47.33
N LYS B 53 6.94 -12.33 -46.67
CA LYS B 53 7.31 -11.88 -45.33
C LYS B 53 8.34 -10.75 -45.39
N ILE B 54 8.20 -9.76 -44.53
CA ILE B 54 9.09 -8.61 -44.51
C ILE B 54 9.82 -8.51 -43.17
N LYS B 55 11.12 -8.23 -43.23
CA LYS B 55 11.95 -8.20 -42.03
C LYS B 55 12.91 -7.00 -42.05
N GLU B 56 12.88 -6.19 -40.99
CA GLU B 56 13.72 -5.01 -40.89
C GLU B 56 14.56 -5.08 -39.62
N VAL B 57 15.88 -5.13 -39.76
CA VAL B 57 16.74 -5.18 -38.60
C VAL B 57 17.43 -3.84 -38.35
N PHE B 58 17.40 -3.38 -37.09
CA PHE B 58 17.87 -2.06 -36.72
C PHE B 58 19.04 -2.06 -35.76
N SER B 59 20.09 -1.33 -36.14
CA SER B 59 21.22 -1.07 -35.26
C SER B 59 21.16 0.39 -34.78
N ASN B 60 21.07 0.59 -33.48
CA ASN B 60 20.97 1.93 -32.91
C ASN B 60 22.12 2.24 -31.96
N TYR B 61 22.91 3.24 -32.32
CA TYR B 61 24.10 3.58 -31.56
C TYR B 61 23.96 4.92 -30.85
N ASN B 62 24.33 4.96 -29.57
CA ASN B 62 24.33 6.20 -28.79
C ASN B 62 25.76 6.67 -28.51
N PRO B 63 26.24 7.64 -29.30
CA PRO B 63 27.63 8.15 -29.20
C PRO B 63 27.99 8.69 -27.82
N ASN B 64 27.04 9.29 -27.09
CA ASN B 64 27.32 9.79 -25.75
C ASN B 64 27.65 8.67 -24.78
N ALA B 65 26.87 7.59 -24.83
CA ALA B 65 27.04 6.46 -23.93
C ALA B 65 27.80 5.32 -24.59
N LYS B 66 28.17 5.51 -25.86
CA LYS B 66 28.84 4.47 -26.62
C LYS B 66 28.18 3.12 -26.38
N THR B 67 26.92 3.01 -26.76
CA THR B 67 26.15 1.79 -26.55
C THR B 67 25.17 1.54 -27.70
N TYR B 68 24.84 0.27 -27.93
CA TYR B 68 23.93 -0.11 -29.00
C TYR B 68 22.59 -0.61 -28.44
N SER B 69 21.55 -0.50 -29.24
CA SER B 69 20.32 -1.24 -29.00
C SER B 69 19.87 -1.76 -30.34
N TYR B 70 19.18 -2.89 -30.33
CA TYR B 70 18.75 -3.51 -31.58
C TYR B 70 17.25 -3.82 -31.51
N ASP B 71 16.57 -3.70 -32.63
CA ASP B 71 15.17 -4.11 -32.71
C ASP B 71 14.87 -4.62 -34.12
N ILE B 72 13.79 -5.39 -34.25
CA ILE B 72 13.46 -6.02 -35.52
C ILE B 72 11.97 -5.93 -35.80
N SER B 73 11.61 -5.35 -36.94
CA SER B 73 10.21 -5.30 -37.36
C SER B 73 9.86 -6.49 -38.24
N PHE B 74 8.83 -7.23 -37.86
CA PHE B 74 8.31 -8.32 -38.67
C PHE B 74 6.96 -7.91 -39.24
N ALA B 75 6.75 -8.19 -40.52
CA ALA B 75 5.49 -7.86 -41.15
C ALA B 75 5.19 -8.78 -42.33
N LYS B 76 3.95 -8.79 -42.77
CA LYS B 76 3.54 -9.58 -43.92
C LYS B 76 2.95 -8.65 -44.97
N VAL B 77 2.92 -9.09 -46.22
CA VAL B 77 2.36 -8.28 -47.29
C VAL B 77 0.88 -7.96 -47.05
N SER B 78 0.19 -8.86 -46.36
CA SER B 78 -1.23 -8.66 -46.06
C SER B 78 -1.42 -7.62 -44.96
N ASP B 79 -0.31 -7.20 -44.36
CA ASP B 79 -0.35 -6.21 -43.29
C ASP B 79 -0.38 -4.80 -43.85
N PHE B 80 -0.39 -4.68 -45.17
CA PHE B 80 -0.36 -3.38 -45.82
C PHE B 80 -1.74 -2.84 -46.14
N ASP B 81 -1.93 -1.55 -45.95
CA ASP B 81 -3.19 -0.90 -46.28
C ASP B 81 -3.28 -0.64 -47.78
N GLY B 82 -4.07 -1.47 -48.47
CA GLY B 82 -4.24 -1.35 -49.91
C GLY B 82 -2.92 -1.31 -50.63
N ASN B 83 -2.83 -0.44 -51.65
CA ASN B 83 -1.60 -0.26 -52.41
C ASN B 83 -0.75 0.87 -51.81
N ASN B 84 -1.18 1.36 -50.65
CA ASN B 84 -0.49 2.46 -49.99
C ASN B 84 0.78 2.07 -49.24
N GLY B 85 1.67 3.03 -49.04
CA GLY B 85 2.84 2.84 -48.20
C GLY B 85 2.44 3.03 -46.75
N LYS B 86 1.77 2.03 -46.20
CA LYS B 86 1.25 2.10 -44.84
C LYS B 86 0.94 0.70 -44.33
N TYR B 87 1.57 0.32 -43.22
CA TYR B 87 1.39 -1.04 -42.69
C TYR B 87 1.59 -1.12 -41.18
N THR B 88 1.16 -2.23 -40.60
CA THR B 88 1.42 -2.53 -39.21
C THR B 88 2.46 -3.63 -39.10
N ALA B 89 3.49 -3.39 -38.30
CA ALA B 89 4.53 -4.37 -38.07
C ALA B 89 4.58 -4.76 -36.61
N LYS B 90 4.96 -6.00 -36.35
CA LYS B 90 5.29 -6.40 -35.00
C LYS B 90 6.77 -6.08 -34.81
N ASN B 91 7.10 -5.33 -33.78
CA ASN B 91 8.49 -4.98 -33.55
C ASN B 91 9.05 -5.52 -32.24
N VAL B 92 10.11 -6.30 -32.34
CA VAL B 92 10.71 -6.89 -31.16
C VAL B 92 12.07 -6.26 -30.86
N ILE B 93 12.18 -5.70 -29.66
CA ILE B 93 13.46 -5.19 -29.16
C ILE B 93 14.29 -6.40 -28.69
N VAL B 94 15.47 -6.57 -29.28
CA VAL B 94 16.26 -7.78 -29.03
C VAL B 94 17.67 -7.50 -28.53
N GLU B 95 18.28 -8.51 -27.92
CA GLU B 95 19.69 -8.49 -27.59
C GLU B 95 20.53 -8.60 -28.87
N LYS B 96 21.84 -8.46 -28.74
CA LYS B 96 22.72 -8.53 -29.89
C LYS B 96 22.69 -9.92 -30.53
N ASP B 97 22.19 -10.89 -29.77
CA ASP B 97 22.16 -12.28 -30.24
C ASP B 97 20.78 -12.71 -30.73
N GLY B 98 19.82 -11.79 -30.68
CA GLY B 98 18.48 -12.06 -31.17
C GLY B 98 17.46 -12.43 -30.10
N ARG B 99 17.88 -12.36 -28.84
CA ARG B 99 17.03 -12.70 -27.71
C ARG B 99 15.99 -11.61 -27.45
N LYS B 100 14.75 -12.03 -27.15
CA LYS B 100 13.67 -11.10 -26.90
C LYS B 100 13.90 -10.27 -25.63
N ILE B 101 13.72 -8.96 -25.74
CA ILE B 101 13.80 -8.05 -24.60
C ILE B 101 12.41 -7.48 -24.32
N ASP B 102 11.76 -7.03 -25.39
CA ASP B 102 10.46 -6.40 -25.30
C ASP B 102 9.84 -6.41 -26.69
N GLU B 103 8.53 -6.26 -26.80
CA GLU B 103 7.88 -6.18 -28.10
C GLU B 103 6.68 -5.23 -28.12
N ARG B 104 6.32 -4.79 -29.31
CA ARG B 104 5.28 -3.79 -29.49
C ARG B 104 4.80 -3.87 -30.94
N THR B 105 3.72 -3.18 -31.27
CA THR B 105 3.35 -3.05 -32.67
C THR B 105 3.56 -1.61 -33.11
N LEU B 106 3.84 -1.41 -34.39
CA LEU B 106 4.11 -0.08 -34.91
C LEU B 106 3.30 0.19 -36.17
N GLN B 107 2.62 1.32 -36.19
CA GLN B 107 1.95 1.80 -37.39
C GLN B 107 2.94 2.62 -38.20
N VAL B 108 3.40 2.04 -39.31
CA VAL B 108 4.39 2.66 -40.17
C VAL B 108 3.73 3.34 -41.35
N SER B 109 3.97 4.64 -41.51
CA SER B 109 3.41 5.38 -42.66
C SER B 109 4.50 6.08 -43.50
N TYR B 110 4.63 5.67 -44.76
CA TYR B 110 5.60 6.29 -45.67
C TYR B 110 5.02 7.51 -46.39
N ILE B 111 5.50 8.68 -45.99
CA ILE B 111 4.99 9.94 -46.49
C ILE B 111 5.42 10.17 -47.92
N ASP B 112 6.65 9.75 -48.23
CA ASP B 112 7.16 9.88 -49.57
C ASP B 112 8.38 8.99 -49.73
N THR B 113 8.86 8.85 -50.96
CA THR B 113 10.03 8.02 -51.22
C THR B 113 10.30 7.97 -52.71
N ASP B 114 11.58 7.79 -53.06
CA ASP B 114 11.97 7.54 -54.44
C ASP B 114 12.61 6.16 -54.54
N TYR B 115 12.61 5.44 -53.43
CA TYR B 115 13.07 4.05 -53.39
C TYR B 115 14.59 3.92 -53.42
N SER B 116 15.25 4.70 -54.27
CA SER B 116 16.68 4.53 -54.51
C SER B 116 17.56 5.53 -53.74
N LYS B 117 16.94 6.56 -53.19
CA LYS B 117 17.69 7.60 -52.49
C LYS B 117 17.14 7.89 -51.10
N TYR B 118 15.87 8.26 -51.03
CA TYR B 118 15.30 8.74 -49.79
C TYR B 118 13.90 8.20 -49.52
N SER B 119 13.53 8.21 -48.24
CA SER B 119 12.14 8.01 -47.82
C SER B 119 11.87 8.91 -46.62
N VAL B 120 10.61 9.29 -46.43
CA VAL B 120 10.23 10.06 -45.25
C VAL B 120 9.10 9.30 -44.55
N VAL B 121 9.39 8.81 -43.34
CA VAL B 121 8.44 7.93 -42.65
C VAL B 121 7.91 8.50 -41.34
N HIS B 122 6.74 8.00 -40.94
CA HIS B 122 6.17 8.23 -39.62
C HIS B 122 5.97 6.88 -38.97
N VAL B 123 6.50 6.70 -37.77
CA VAL B 123 6.33 5.45 -37.02
C VAL B 123 5.71 5.76 -35.68
N CYS B 124 4.69 5.01 -35.29
CA CYS B 124 4.01 5.26 -34.04
C CYS B 124 3.50 3.98 -33.36
N ASP B 125 3.76 3.86 -32.07
CA ASP B 125 3.29 2.76 -31.25
C ASP B 125 1.94 3.17 -30.65
N PRO B 126 0.85 2.56 -31.11
CA PRO B 126 -0.49 2.92 -30.65
C PRO B 126 -0.72 2.63 -29.17
N ALA B 127 0.11 1.79 -28.56
CA ALA B 127 0.01 1.51 -27.13
C ALA B 127 0.77 2.57 -26.34
N ALA B 128 1.66 3.29 -27.02
CA ALA B 128 2.47 4.33 -26.40
C ALA B 128 2.74 5.44 -27.40
N PRO B 129 1.68 6.18 -27.80
CA PRO B 129 1.67 7.16 -28.89
C PRO B 129 2.53 8.41 -28.66
N ASP B 130 2.90 8.69 -27.42
CA ASP B 130 3.85 9.76 -27.15
C ASP B 130 5.21 9.38 -27.73
N TYR B 131 5.44 8.09 -27.90
CA TYR B 131 6.57 7.61 -28.68
C TYR B 131 6.17 7.56 -30.15
N TYR B 132 6.40 8.66 -30.84
CA TYR B 132 6.19 8.73 -32.28
C TYR B 132 7.47 9.30 -32.87
N TYR B 134 9.10 10.86 -36.64
CA TYR B 134 9.09 11.26 -38.04
C TYR B 134 10.55 11.23 -38.47
N ALA B 135 10.89 10.35 -39.41
CA ALA B 135 12.29 10.19 -39.81
C ALA B 135 12.53 10.40 -41.29
N VAL B 136 13.63 11.08 -41.58
CA VAL B 136 14.17 11.13 -42.92
C VAL B 136 15.21 10.03 -43.01
N GLN B 137 15.13 9.23 -44.05
CA GLN B 137 15.97 8.05 -44.19
C GLN B 137 16.67 8.06 -45.54
N SER B 138 17.89 7.56 -45.59
CA SER B 138 18.69 7.67 -46.80
C SER B 138 19.49 6.40 -47.09
N ARG B 139 19.69 6.13 -48.37
CA ARG B 139 20.53 5.01 -48.81
C ARG B 139 21.98 5.29 -48.48
N THR B 140 22.29 6.56 -48.19
CA THR B 140 23.62 6.95 -47.77
C THR B 140 23.55 7.75 -46.47
N GLU B 141 24.68 7.87 -45.77
CA GLU B 141 24.71 8.57 -44.48
C GLU B 141 24.32 10.04 -44.60
N ASN B 142 24.29 10.56 -45.82
CA ASN B 142 23.85 11.93 -46.06
C ASN B 142 22.74 12.03 -47.10
N VAL B 143 21.99 13.13 -47.07
CA VAL B 143 20.91 13.34 -48.03
C VAL B 143 21.39 14.13 -49.25
N LYS B 144 21.27 13.53 -50.43
CA LYS B 144 21.65 14.17 -51.68
C LYS B 144 20.92 15.50 -51.87
N GLU B 145 21.66 16.53 -52.27
CA GLU B 145 21.12 17.89 -52.31
C GLU B 145 19.88 18.05 -53.21
N ASP B 146 19.81 17.23 -54.27
CA ASP B 146 18.71 17.31 -55.21
C ASP B 146 17.38 16.81 -54.64
N VAL B 147 17.46 16.01 -53.58
CA VAL B 147 16.28 15.43 -52.95
C VAL B 147 15.92 16.18 -51.69
N LYS B 148 16.84 17.00 -51.20
CA LYS B 148 16.60 17.80 -50.01
C LYS B 148 15.30 18.57 -50.17
N SER B 149 15.09 19.11 -51.36
CA SER B 149 13.88 19.85 -51.68
C SER B 149 12.63 18.97 -51.59
N LYS B 150 12.73 17.76 -52.12
CA LYS B 150 11.61 16.82 -52.07
C LYS B 150 11.30 16.39 -50.64
N VAL B 151 12.35 16.22 -49.84
CA VAL B 151 12.18 15.79 -48.47
C VAL B 151 11.48 16.89 -47.66
N GLU B 152 11.89 18.14 -47.91
CA GLU B 152 11.32 19.26 -47.19
C GLU B 152 9.85 19.44 -47.56
N ALA B 153 9.54 19.21 -48.83
CA ALA B 153 8.14 19.27 -49.27
C ALA B 153 7.32 18.22 -48.51
N ALA B 154 7.84 17.01 -48.43
CA ALA B 154 7.19 15.92 -47.68
C ALA B 154 6.98 16.32 -46.22
N LEU B 155 8.02 16.86 -45.60
CA LEU B 155 7.93 17.29 -44.21
C LEU B 155 6.85 18.34 -44.01
N GLY B 156 6.73 19.27 -44.97
CA GLY B 156 5.70 20.28 -44.92
C GLY B 156 4.30 19.70 -44.88
N LYS B 157 4.10 18.58 -45.58
CA LYS B 157 2.82 17.88 -45.56
C LYS B 157 2.44 17.41 -44.16
N VAL B 158 3.43 17.30 -43.27
CA VAL B 158 3.16 16.91 -41.90
C VAL B 158 3.54 18.02 -40.91
N GLY B 159 3.57 19.25 -41.41
CA GLY B 159 3.80 20.42 -40.58
C GLY B 159 5.20 20.56 -40.00
N LEU B 160 6.19 19.97 -40.66
CA LEU B 160 7.55 19.98 -40.14
C LEU B 160 8.58 20.52 -41.11
N LYS B 161 9.64 21.13 -40.55
CA LYS B 161 10.78 21.61 -41.32
C LYS B 161 11.98 20.69 -41.10
N LEU B 162 12.68 20.34 -42.19
CA LEU B 162 13.91 19.55 -42.10
C LEU B 162 14.89 20.11 -41.07
N SER B 163 15.08 21.43 -41.10
CA SER B 163 16.03 22.07 -40.19
C SER B 163 15.47 22.10 -38.77
N GLY B 164 14.24 21.66 -38.61
CA GLY B 164 13.64 21.52 -37.29
C GLY B 164 13.87 20.14 -36.67
N LEU B 165 14.46 19.24 -37.45
CA LEU B 165 14.73 17.88 -36.97
C LEU B 165 16.15 17.72 -36.43
N PHE B 166 16.37 16.68 -35.63
CA PHE B 166 17.72 16.31 -35.20
C PHE B 166 18.56 15.78 -36.36
N ASP B 167 19.60 16.51 -36.72
CA ASP B 167 20.51 16.09 -37.77
C ASP B 167 21.48 15.07 -37.20
N ALA B 168 21.09 13.81 -37.23
CA ALA B 168 21.88 12.76 -36.60
C ALA B 168 23.29 12.71 -37.16
N THR B 169 23.41 12.84 -38.48
CA THR B 169 24.73 12.77 -39.11
C THR B 169 25.52 14.08 -38.95
N THR B 170 25.24 14.79 -37.86
CA THR B 170 26.11 15.88 -37.39
C THR B 170 26.93 15.35 -36.23
N LEU B 171 26.72 14.07 -35.90
CA LEU B 171 27.49 13.39 -34.86
C LEU B 171 28.83 12.96 -35.46
N GLY B 172 29.16 13.57 -36.59
CA GLY B 172 30.40 13.32 -37.28
C GLY B 172 30.66 11.85 -37.45
N ASN B 173 31.92 11.46 -37.26
CA ASN B 173 32.36 10.07 -37.38
C ASN B 173 32.16 9.31 -36.08
N LYS B 174 31.51 9.96 -35.12
CA LYS B 174 31.22 9.34 -33.84
C LYS B 174 30.10 8.34 -34.03
N CYS B 175 29.31 8.55 -35.08
CA CYS B 175 28.31 7.56 -35.52
C CYS B 175 29.00 6.26 -35.89
N GLN B 176 28.42 5.15 -35.43
CA GLN B 176 28.91 3.83 -35.80
C GLN B 176 27.72 2.94 -36.11
N TYR B 177 27.95 1.88 -36.88
CA TYR B 177 26.86 1.00 -37.29
C TYR B 177 27.28 -0.46 -37.25
N ASP B 178 26.61 -1.25 -36.40
CA ASP B 178 26.96 -2.66 -36.22
C ASP B 178 26.55 -3.53 -37.42
N ASP B 179 27.30 -3.40 -38.51
CA ASP B 179 27.02 -4.17 -39.73
C ASP B 179 27.06 -5.67 -39.48
N GLU B 180 27.95 -6.11 -38.60
CA GLU B 180 28.03 -7.53 -38.25
C GLU B 180 26.70 -8.06 -37.75
N THR B 181 26.14 -7.39 -36.74
CA THR B 181 24.89 -7.82 -36.14
C THR B 181 23.72 -7.68 -37.10
N LEU B 182 23.68 -6.57 -37.84
CA LEU B 182 22.64 -6.36 -38.84
C LEU B 182 22.55 -7.51 -39.83
N GLN B 183 23.71 -7.99 -40.28
CA GLN B 183 23.78 -9.07 -41.27
C GLN B 183 23.46 -10.43 -40.66
N LYS B 184 23.89 -10.64 -39.42
CA LYS B 184 23.55 -11.86 -38.70
C LYS B 184 22.05 -11.97 -38.47
N LEU B 185 21.46 -10.92 -37.90
CA LEU B 185 20.07 -10.97 -37.49
C LEU B 185 19.11 -11.06 -38.67
N LEU B 186 19.41 -10.34 -39.74
CA LEU B 186 18.60 -10.43 -40.95
C LEU B 186 18.54 -11.87 -41.45
N LYS B 187 19.69 -12.55 -41.38
CA LYS B 187 19.78 -13.94 -41.81
C LYS B 187 19.19 -14.87 -40.77
N GLN B 188 19.46 -14.56 -39.50
CA GLN B 188 19.07 -15.43 -38.39
C GLN B 188 17.56 -15.61 -38.30
N SER B 189 17.14 -16.81 -37.88
CA SER B 189 15.73 -17.19 -37.89
C SER B 189 15.01 -16.97 -36.56
N PHE B 190 13.81 -16.40 -36.63
CA PHE B 190 12.94 -16.23 -35.47
C PHE B 190 11.59 -16.86 -35.73
N PRO B 191 11.45 -18.15 -35.41
CA PRO B 191 10.24 -18.93 -35.67
C PRO B 191 8.98 -18.36 -35.01
N ASN B 192 9.15 -17.60 -33.94
CA ASN B 192 8.01 -17.06 -33.22
C ASN B 192 7.41 -15.85 -33.91
N TYR B 193 8.11 -15.34 -34.92
CA TYR B 193 7.71 -14.09 -35.57
C TYR B 193 7.68 -14.17 -37.11
N GLU B 194 8.47 -15.08 -37.67
CA GLU B 194 8.58 -15.19 -39.12
C GLU B 194 8.26 -16.61 -39.62
N CYS C 3 44.84 21.25 -2.62
CA CYS C 3 43.59 21.83 -2.13
C CYS C 3 43.65 22.02 -0.62
N SER C 4 43.02 23.09 -0.14
CA SER C 4 43.05 23.39 1.29
C SER C 4 41.79 22.93 2.02
N THR C 5 41.93 22.67 3.31
CA THR C 5 40.82 22.24 4.14
C THR C 5 40.39 23.37 5.08
N VAL C 6 39.09 23.65 5.10
CA VAL C 6 38.55 24.73 5.94
C VAL C 6 37.46 24.19 6.87
N ASP C 7 37.29 24.82 8.02
CA ASP C 7 36.23 24.45 8.95
C ASP C 7 34.91 24.45 8.20
N THR C 8 34.04 23.49 8.51
CA THR C 8 32.72 23.50 7.91
C THR C 8 31.63 23.52 8.99
N VAL C 9 30.41 23.78 8.55
CA VAL C 9 29.26 23.83 9.46
C VAL C 9 29.06 22.46 10.10
N LYS C 10 29.06 22.43 11.43
CA LYS C 10 28.76 21.19 12.13
C LYS C 10 27.25 20.97 12.16
N ASP C 11 26.83 19.71 12.18
CA ASP C 11 25.41 19.37 12.17
C ASP C 11 24.71 20.04 10.99
N PHE C 12 25.37 19.99 9.84
CA PHE C 12 24.86 20.58 8.60
C PHE C 12 23.59 19.87 8.14
N ASN C 13 22.48 20.60 8.14
CA ASN C 13 21.18 20.04 7.81
C ASN C 13 20.93 19.94 6.30
N LYS C 14 21.02 18.73 5.76
CA LYS C 14 20.93 18.54 4.31
C LYS C 14 19.54 18.82 3.74
N ASP C 15 18.50 18.44 4.47
CA ASP C 15 17.13 18.72 4.05
C ASP C 15 16.82 20.22 4.04
N ASN C 16 17.30 20.97 5.03
CA ASN C 16 17.12 22.41 5.05
C ASN C 16 17.89 23.08 3.90
N PHE C 17 18.91 22.38 3.39
CA PHE C 17 19.84 23.01 2.46
C PHE C 17 19.57 22.75 0.98
N PHE C 18 19.40 21.48 0.61
CA PHE C 18 19.31 21.09 -0.80
C PHE C 18 17.91 21.16 -1.38
N THR C 19 17.42 22.39 -1.54
CA THR C 19 16.11 22.68 -2.12
C THR C 19 16.18 23.97 -2.93
N GLY C 20 15.16 24.21 -3.75
CA GLY C 20 15.03 25.47 -4.46
C GLY C 20 16.21 25.86 -5.30
N SER C 21 16.62 27.13 -5.19
CA SER C 21 17.64 27.66 -6.08
C SER C 21 18.56 28.62 -5.38
N TRP C 22 19.73 28.84 -5.99
CA TRP C 22 20.75 29.70 -5.42
C TRP C 22 21.39 30.53 -6.51
N TYR C 23 21.92 31.68 -6.13
CA TYR C 23 22.71 32.51 -7.01
C TYR C 23 24.10 32.63 -6.42
N THR C 25 26.83 35.08 -5.86
CA THR C 25 26.89 36.53 -5.89
C THR C 25 28.31 37.09 -5.91
N HIS C 26 29.20 36.50 -5.12
CA HIS C 26 30.60 36.90 -5.04
C HIS C 26 31.49 35.67 -5.08
N TYR C 27 32.68 35.81 -5.66
CA TYR C 27 33.62 34.68 -5.66
C TYR C 27 35.06 35.03 -6.01
N LYS C 28 35.95 34.13 -5.63
CA LYS C 28 37.35 34.21 -6.00
C LYS C 28 37.74 32.87 -6.61
N LEU C 29 38.31 32.92 -7.80
CA LEU C 29 38.66 31.71 -8.54
C LEU C 29 40.16 31.64 -8.78
N GLY C 30 40.84 30.80 -8.02
CA GLY C 30 42.28 30.64 -8.14
C GLY C 30 43.04 31.85 -7.63
N ASP C 31 44.34 31.92 -7.92
CA ASP C 31 45.15 33.04 -7.46
C ASP C 31 45.37 34.07 -8.58
N SER C 32 45.48 33.58 -9.81
CA SER C 32 45.68 34.44 -10.96
C SER C 32 44.59 35.50 -11.03
N THR C 33 44.95 36.70 -11.50
CA THR C 33 43.95 37.74 -11.73
C THR C 33 42.78 37.13 -12.48
N LEU C 34 41.56 37.58 -12.18
CA LEU C 34 40.36 37.02 -12.80
C LEU C 34 40.12 37.60 -14.20
N GLU C 35 40.19 36.74 -15.21
CA GLU C 35 40.00 37.14 -16.59
C GLU C 35 38.53 37.21 -17.02
N VAL C 36 38.32 37.72 -18.23
CA VAL C 36 36.99 38.02 -18.72
C VAL C 36 36.13 36.77 -18.91
N GLY C 37 36.76 35.67 -19.30
CA GLY C 37 36.04 34.42 -19.53
C GLY C 37 35.49 33.80 -18.26
N ASP C 38 36.08 34.17 -17.13
CA ASP C 38 35.73 33.58 -15.86
C ASP C 38 34.80 34.45 -15.00
N LYS C 39 34.32 35.55 -15.58
CA LYS C 39 33.35 36.39 -14.90
C LYS C 39 31.92 36.05 -15.32
N ASN C 40 31.27 35.15 -14.58
CA ASN C 40 29.94 34.69 -14.97
C ASN C 40 28.85 34.97 -13.94
N CYS C 41 27.60 35.02 -14.39
CA CYS C 41 26.45 35.02 -13.51
C CYS C 41 25.92 33.58 -13.41
N THR C 42 26.03 32.99 -12.22
CA THR C 42 25.61 31.61 -12.01
C THR C 42 24.36 31.50 -11.14
N LYS C 43 23.39 30.73 -11.61
CA LYS C 43 22.25 30.32 -10.82
C LYS C 43 22.21 28.80 -10.86
N PHE C 44 21.82 28.17 -9.75
CA PHE C 44 21.69 26.71 -9.74
C PHE C 44 20.51 26.20 -8.94
N LEU C 45 20.03 25.01 -9.31
CA LEU C 45 18.93 24.35 -8.63
C LEU C 45 19.45 23.18 -7.80
N HIS C 46 18.77 22.92 -6.69
CA HIS C 46 19.12 21.84 -5.78
C HIS C 46 17.99 20.85 -5.64
N GLN C 47 18.35 19.58 -5.53
CA GLN C 47 17.42 18.58 -5.05
C GLN C 47 18.13 17.43 -4.34
N LYS C 48 17.51 16.97 -3.27
CA LYS C 48 17.96 15.79 -2.57
C LYS C 48 16.79 14.81 -2.57
N THR C 49 17.05 13.56 -2.93
CA THR C 49 16.00 12.56 -2.98
C THR C 49 15.87 11.83 -1.63
N ALA C 50 14.81 11.04 -1.48
CA ALA C 50 14.64 10.18 -0.30
C ALA C 50 15.77 9.14 -0.20
N ASP C 51 16.39 8.83 -1.33
CA ASP C 51 17.50 7.88 -1.37
C ASP C 51 18.81 8.54 -0.97
N GLY C 52 18.77 9.86 -0.76
CA GLY C 52 19.94 10.60 -0.34
C GLY C 52 20.88 10.89 -1.49
N LYS C 53 20.34 10.91 -2.70
CA LYS C 53 21.09 11.35 -3.87
C LYS C 53 20.86 12.86 -4.06
N ILE C 54 21.95 13.61 -4.07
CA ILE C 54 21.89 15.06 -4.20
C ILE C 54 22.29 15.50 -5.60
N LYS C 55 21.56 16.47 -6.14
CA LYS C 55 21.77 16.91 -7.50
C LYS C 55 21.81 18.43 -7.54
N GLU C 56 22.87 18.97 -8.11
CA GLU C 56 23.04 20.43 -8.20
C GLU C 56 23.32 20.82 -9.64
N VAL C 57 22.38 21.54 -10.23
CA VAL C 57 22.46 21.89 -11.65
C VAL C 57 22.80 23.37 -11.82
N PHE C 58 23.91 23.64 -12.51
CA PHE C 58 24.44 24.99 -12.63
C PHE C 58 24.27 25.62 -14.02
N SER C 59 23.83 26.88 -14.03
CA SER C 59 23.73 27.67 -15.25
C SER C 59 24.69 28.84 -15.13
N ASN C 60 25.78 28.79 -15.90
CA ASN C 60 26.84 29.80 -15.83
C ASN C 60 26.82 30.71 -17.05
N TYR C 61 26.52 31.99 -16.83
CA TYR C 61 26.37 32.91 -17.96
C TYR C 61 27.45 33.97 -18.03
N ASN C 62 28.10 34.06 -19.19
CA ASN C 62 29.13 35.05 -19.45
C ASN C 62 28.57 36.23 -20.25
N PRO C 63 28.41 37.38 -19.60
CA PRO C 63 27.85 38.58 -20.24
C PRO C 63 28.71 39.06 -21.41
N ASN C 64 30.03 38.95 -21.29
CA ASN C 64 30.95 39.38 -22.34
C ASN C 64 30.82 38.56 -23.63
N ALA C 65 30.97 37.24 -23.49
CA ALA C 65 30.83 36.33 -24.63
C ALA C 65 29.36 36.02 -24.92
N LYS C 66 28.49 36.39 -23.98
CA LYS C 66 27.06 36.09 -24.08
C LYS C 66 26.78 34.61 -24.35
N THR C 67 27.36 33.76 -23.51
CA THR C 67 27.22 32.31 -23.68
C THR C 67 27.06 31.61 -22.34
N TYR C 68 26.54 30.39 -22.39
CA TYR C 68 26.27 29.59 -21.19
C TYR C 68 27.14 28.35 -21.11
N SER C 69 27.54 27.99 -19.90
CA SER C 69 28.02 26.65 -19.63
C SER C 69 27.13 26.04 -18.55
N TYR C 70 26.99 24.72 -18.58
CA TYR C 70 26.16 24.02 -17.61
C TYR C 70 26.96 22.90 -16.99
N ASP C 71 26.81 22.70 -15.69
CA ASP C 71 27.39 21.53 -15.06
C ASP C 71 26.48 21.02 -13.96
N ILE C 72 26.67 19.75 -13.62
CA ILE C 72 25.87 19.10 -12.61
C ILE C 72 26.80 18.42 -11.61
N SER C 73 26.56 18.67 -10.33
CA SER C 73 27.24 17.95 -9.26
C SER C 73 26.34 16.86 -8.73
N PHE C 74 26.87 15.65 -8.67
CA PHE C 74 26.15 14.52 -8.11
C PHE C 74 26.88 14.08 -6.85
N ALA C 75 26.14 13.85 -5.78
CA ALA C 75 26.75 13.40 -4.54
C ALA C 75 25.76 12.58 -3.74
N LYS C 76 26.27 11.85 -2.74
CA LYS C 76 25.48 10.97 -1.89
C LYS C 76 25.55 11.52 -0.47
N VAL C 77 24.50 11.30 0.32
CA VAL C 77 24.54 11.64 1.73
C VAL C 77 25.76 10.99 2.39
N SER C 78 26.10 9.80 1.93
CA SER C 78 27.20 9.05 2.52
C SER C 78 28.57 9.60 2.11
N ASP C 79 28.58 10.48 1.11
CA ASP C 79 29.83 11.10 0.67
C ASP C 79 30.20 12.28 1.55
N PHE C 80 29.39 12.52 2.59
CA PHE C 80 29.65 13.60 3.53
C PHE C 80 30.57 13.15 4.67
N ASP C 81 31.29 14.12 5.23
CA ASP C 81 32.21 13.86 6.34
C ASP C 81 31.43 13.97 7.65
N GLY C 82 31.09 12.82 8.22
CA GLY C 82 30.30 12.80 9.43
C GLY C 82 29.08 13.69 9.28
N ASN C 83 28.89 14.60 10.22
CA ASN C 83 27.75 15.51 10.19
C ASN C 83 28.09 16.91 9.69
N ASN C 84 29.31 17.08 9.21
CA ASN C 84 29.79 18.38 8.72
C ASN C 84 29.22 18.76 7.36
N GLY C 85 29.29 20.05 7.04
CA GLY C 85 28.88 20.53 5.73
C GLY C 85 30.00 20.39 4.71
N LYS C 86 30.61 19.20 4.68
CA LYS C 86 31.75 18.93 3.80
C LYS C 86 31.53 17.63 3.03
N TYR C 87 31.76 17.67 1.72
CA TYR C 87 31.53 16.50 0.89
C TYR C 87 32.33 16.48 -0.41
N THR C 88 32.36 15.31 -1.02
CA THR C 88 33.00 15.09 -2.31
C THR C 88 31.93 14.81 -3.37
N ALA C 89 32.10 15.38 -4.55
CA ALA C 89 31.08 15.23 -5.60
C ALA C 89 31.69 14.97 -6.96
N LYS C 90 30.94 14.26 -7.80
CA LYS C 90 31.22 14.16 -9.23
C LYS C 90 30.55 15.30 -9.97
N ASN C 91 31.36 16.23 -10.47
CA ASN C 91 30.84 17.33 -11.26
C ASN C 91 31.02 17.05 -12.76
N VAL C 92 29.91 17.10 -13.49
CA VAL C 92 29.91 16.82 -14.91
C VAL C 92 29.54 18.06 -15.69
N ILE C 93 30.38 18.44 -16.63
CA ILE C 93 30.08 19.54 -17.53
C ILE C 93 29.32 18.99 -18.73
N VAL C 94 28.20 19.62 -19.05
CA VAL C 94 27.30 19.09 -20.05
C VAL C 94 26.73 20.17 -20.95
N GLU C 95 26.18 19.75 -22.08
CA GLU C 95 25.43 20.64 -22.97
C GLU C 95 23.96 20.67 -22.55
N LYS C 96 23.19 21.53 -23.21
CA LYS C 96 21.76 21.69 -22.93
C LYS C 96 21.01 20.37 -22.94
N ASP C 97 21.45 19.45 -23.79
CA ASP C 97 20.75 18.19 -23.97
C ASP C 97 21.26 17.09 -23.03
N GLY C 98 22.23 17.44 -22.20
CA GLY C 98 22.80 16.50 -21.24
C GLY C 98 24.09 15.83 -21.69
N ARG C 99 24.50 16.05 -22.93
CA ARG C 99 25.72 15.43 -23.42
C ARG C 99 26.91 15.72 -22.51
N LYS C 100 27.70 14.70 -22.21
CA LYS C 100 28.84 14.87 -21.33
C LYS C 100 30.01 15.51 -22.06
N ILE C 101 30.46 16.66 -21.57
CA ILE C 101 31.60 17.35 -22.14
C ILE C 101 32.88 16.97 -21.41
N ASP C 102 32.76 16.75 -20.10
CA ASP C 102 33.92 16.48 -19.27
C ASP C 102 33.47 16.18 -17.86
N GLU C 103 34.28 15.42 -17.13
CA GLU C 103 34.01 15.16 -15.73
C GLU C 103 35.18 15.59 -14.85
N ARG C 104 34.92 15.74 -13.56
CA ARG C 104 35.93 16.09 -12.57
C ARG C 104 35.37 15.84 -11.18
N THR C 105 36.26 15.67 -10.21
CA THR C 105 35.86 15.44 -8.83
C THR C 105 36.10 16.68 -7.98
N LEU C 106 35.06 17.15 -7.30
CA LEU C 106 35.16 18.36 -6.48
C LEU C 106 35.06 18.09 -4.98
N GLN C 107 35.86 18.84 -4.22
CA GLN C 107 35.75 18.84 -2.77
C GLN C 107 34.97 20.06 -2.35
N VAL C 108 33.80 19.83 -1.75
CA VAL C 108 32.92 20.93 -1.36
C VAL C 108 32.86 21.09 0.16
N SER C 109 33.26 22.26 0.64
CA SER C 109 33.25 22.54 2.06
C SER C 109 32.40 23.78 2.32
N TYR C 110 31.34 23.63 3.11
CA TYR C 110 30.48 24.77 3.44
C TYR C 110 30.90 25.44 4.74
N ILE C 111 31.48 26.63 4.59
CA ILE C 111 32.01 27.38 5.70
C ILE C 111 30.91 27.94 6.59
N ASP C 112 29.75 28.20 6.00
CA ASP C 112 28.61 28.67 6.77
C ASP C 112 27.33 28.78 5.93
N THR C 113 26.19 28.85 6.61
CA THR C 113 24.90 29.06 5.94
C THR C 113 23.76 29.19 6.96
N ASP C 114 22.67 29.83 6.56
CA ASP C 114 21.47 29.87 7.38
C ASP C 114 20.32 29.19 6.64
N TYR C 115 20.66 28.55 5.53
CA TYR C 115 19.71 27.76 4.73
C TYR C 115 18.74 28.58 3.86
N SER C 116 18.10 29.58 4.44
CA SER C 116 17.05 30.29 3.70
C SER C 116 17.45 31.64 3.12
N LYS C 117 18.69 32.06 3.38
CA LYS C 117 19.17 33.33 2.83
C LYS C 117 20.52 33.21 2.11
N TYR C 118 21.52 32.65 2.78
CA TYR C 118 22.88 32.66 2.25
C TYR C 118 23.66 31.41 2.57
N SER C 119 24.73 31.19 1.83
CA SER C 119 25.73 30.20 2.20
C SER C 119 27.10 30.63 1.69
N VAL C 120 28.14 30.13 2.33
CA VAL C 120 29.50 30.45 1.95
C VAL C 120 30.26 29.14 1.81
N VAL C 121 30.84 28.93 0.64
CA VAL C 121 31.38 27.62 0.29
C VAL C 121 32.79 27.70 -0.27
N HIS C 122 33.51 26.59 -0.16
CA HIS C 122 34.82 26.43 -0.77
C HIS C 122 34.79 25.18 -1.62
N VAL C 123 35.20 25.31 -2.88
CA VAL C 123 35.17 24.21 -3.82
C VAL C 123 36.55 24.07 -4.42
N CYS C 124 37.03 22.83 -4.48
CA CYS C 124 38.37 22.56 -5.01
C CYS C 124 38.44 21.21 -5.72
N ASP C 125 39.14 21.19 -6.84
CA ASP C 125 39.34 19.96 -7.62
C ASP C 125 40.66 19.31 -7.21
N PRO C 126 40.57 18.18 -6.49
CA PRO C 126 41.77 17.49 -5.98
C PRO C 126 42.80 17.27 -7.08
N ALA C 127 42.34 16.89 -8.27
CA ALA C 127 43.20 16.58 -9.40
C ALA C 127 43.84 17.84 -9.97
N ALA C 128 43.24 18.99 -9.70
CA ALA C 128 43.75 20.26 -10.20
C ALA C 128 43.58 21.37 -9.16
N PRO C 129 44.35 21.28 -8.06
CA PRO C 129 44.25 22.17 -6.90
C PRO C 129 44.37 23.66 -7.27
N ASP C 130 44.92 23.97 -8.44
CA ASP C 130 44.97 25.35 -8.89
C ASP C 130 43.56 25.82 -9.22
N TYR C 131 42.64 24.85 -9.30
CA TYR C 131 41.22 25.16 -9.42
C TYR C 131 40.52 25.04 -8.07
N TYR C 132 40.39 26.17 -7.39
CA TYR C 132 39.62 26.23 -6.17
C TYR C 132 38.78 27.47 -6.29
N TYR C 134 36.23 30.13 -3.81
CA TYR C 134 35.51 30.54 -2.62
C TYR C 134 34.36 31.38 -3.14
N ALA C 135 33.14 31.08 -2.70
CA ALA C 135 31.98 31.79 -3.19
C ALA C 135 30.92 32.07 -2.14
N VAL C 136 30.35 33.28 -2.19
CA VAL C 136 29.15 33.61 -1.43
C VAL C 136 27.95 33.24 -2.29
N GLN C 137 26.93 32.67 -1.67
CA GLN C 137 25.76 32.22 -2.40
C GLN C 137 24.49 32.73 -1.74
N SER C 138 23.48 33.05 -2.54
CA SER C 138 22.28 33.68 -2.00
C SER C 138 21.01 33.08 -2.58
N ARG C 139 19.94 33.08 -1.80
CA ARG C 139 18.63 32.65 -2.30
C ARG C 139 18.07 33.69 -3.25
N THR C 140 18.62 34.90 -3.18
CA THR C 140 18.24 36.01 -4.06
C THR C 140 19.46 36.55 -4.80
N GLU C 141 19.20 37.29 -5.87
CA GLU C 141 20.26 37.84 -6.71
C GLU C 141 21.35 38.57 -5.93
N ASN C 142 20.94 39.37 -4.95
CA ASN C 142 21.89 40.05 -4.08
C ASN C 142 21.94 39.37 -2.72
N VAL C 143 23.07 39.49 -2.03
CA VAL C 143 23.12 39.13 -0.63
C VAL C 143 22.26 40.14 0.13
N LYS C 144 21.32 39.65 0.93
CA LYS C 144 20.45 40.54 1.68
C LYS C 144 21.25 41.33 2.72
N GLU C 145 20.86 42.59 2.89
CA GLU C 145 21.48 43.49 3.86
C GLU C 145 21.61 42.87 5.26
N ASP C 146 20.55 42.17 5.71
CA ASP C 146 20.50 41.71 7.09
C ASP C 146 21.29 40.42 7.36
N VAL C 147 21.95 39.87 6.35
CA VAL C 147 22.91 38.80 6.57
C VAL C 147 24.31 39.19 6.10
N LYS C 148 24.48 40.45 5.71
CA LYS C 148 25.76 40.95 5.21
C LYS C 148 26.93 40.60 6.12
N SER C 149 26.80 40.86 7.42
CA SER C 149 27.89 40.68 8.36
C SER C 149 28.20 39.20 8.63
N LYS C 150 27.18 38.36 8.67
CA LYS C 150 27.40 36.92 8.82
C LYS C 150 28.24 36.43 7.65
N VAL C 151 28.03 37.03 6.49
CA VAL C 151 28.84 36.69 5.31
C VAL C 151 30.28 37.20 5.48
N GLU C 152 30.42 38.45 5.94
CA GLU C 152 31.74 39.04 6.18
C GLU C 152 32.59 38.19 7.11
N ALA C 153 32.02 37.80 8.25
CA ALA C 153 32.74 36.97 9.21
C ALA C 153 33.07 35.60 8.61
N ALA C 154 32.12 35.03 7.87
CA ALA C 154 32.36 33.76 7.20
C ALA C 154 33.61 33.84 6.33
N LEU C 155 33.68 34.87 5.49
CA LEU C 155 34.85 35.09 4.64
C LEU C 155 36.10 35.33 5.48
N GLY C 156 35.93 36.03 6.60
CA GLY C 156 37.03 36.29 7.50
C GLY C 156 37.68 35.02 8.01
N LYS C 157 36.89 33.97 8.18
CA LYS C 157 37.41 32.74 8.78
C LYS C 157 38.12 31.86 7.76
N VAL C 158 38.33 32.40 6.57
CA VAL C 158 39.19 31.74 5.58
C VAL C 158 40.11 32.76 4.92
N GLY C 159 40.37 33.86 5.63
CA GLY C 159 41.36 34.84 5.22
C GLY C 159 40.94 35.78 4.11
N LEU C 160 39.63 35.97 3.96
CA LEU C 160 39.09 36.82 2.90
C LEU C 160 38.09 37.87 3.39
N LYS C 161 37.97 38.94 2.62
CA LYS C 161 36.93 39.93 2.84
C LYS C 161 36.16 40.15 1.54
N LEU C 162 34.91 40.59 1.64
CA LEU C 162 34.02 40.67 0.50
C LEU C 162 34.61 41.54 -0.62
N SER C 163 35.34 42.58 -0.22
CA SER C 163 35.98 43.46 -1.20
C SER C 163 37.07 42.75 -1.99
N GLY C 164 37.55 41.63 -1.47
CA GLY C 164 38.58 40.85 -2.15
C GLY C 164 38.03 39.95 -3.24
N LEU C 165 36.73 39.71 -3.20
CA LEU C 165 36.10 38.81 -4.16
C LEU C 165 35.51 39.56 -5.34
N PHE C 166 35.53 38.95 -6.52
CA PHE C 166 34.82 39.52 -7.65
C PHE C 166 33.34 39.55 -7.31
N ASP C 167 32.71 40.71 -7.52
CA ASP C 167 31.30 40.89 -7.25
C ASP C 167 30.51 40.58 -8.52
N ALA C 168 30.17 39.31 -8.70
CA ALA C 168 29.44 38.87 -9.90
C ALA C 168 28.21 39.73 -10.11
N THR C 169 27.69 40.29 -9.04
CA THR C 169 26.49 41.13 -9.10
C THR C 169 26.80 42.55 -9.57
N THR C 170 28.07 42.86 -9.76
CA THR C 170 28.45 44.16 -10.31
C THR C 170 28.20 44.15 -11.82
N LEU C 171 27.99 42.96 -12.37
CA LEU C 171 27.62 42.82 -13.77
C LEU C 171 26.26 43.49 -14.02
N GLY C 172 25.41 43.47 -12.99
CA GLY C 172 24.15 44.18 -13.04
C GLY C 172 23.13 43.57 -13.99
N ASN C 173 22.49 44.43 -14.78
CA ASN C 173 21.40 44.00 -15.65
C ASN C 173 21.88 43.28 -16.91
N LYS C 174 23.18 43.00 -16.99
CA LYS C 174 23.73 42.20 -18.08
C LYS C 174 23.71 40.70 -17.75
N CYS C 175 23.26 40.36 -16.54
CA CYS C 175 23.17 38.97 -16.10
C CYS C 175 21.96 38.26 -16.71
N GLN C 176 22.19 37.09 -17.31
CA GLN C 176 21.09 36.26 -17.78
C GLN C 176 21.14 34.88 -17.15
N TYR C 177 19.97 34.30 -16.91
CA TYR C 177 19.90 32.93 -16.37
C TYR C 177 19.07 32.02 -17.29
N ASP C 178 19.46 30.76 -17.39
CA ASP C 178 18.76 29.82 -18.26
C ASP C 178 17.94 28.84 -17.42
N ASP C 179 16.73 29.26 -17.05
CA ASP C 179 15.86 28.45 -16.21
C ASP C 179 15.31 27.23 -16.96
N GLU C 180 14.99 27.38 -18.24
CA GLU C 180 14.51 26.25 -19.04
C GLU C 180 15.50 25.08 -19.00
N THR C 181 16.77 25.41 -19.20
CA THR C 181 17.80 24.37 -19.23
C THR C 181 18.05 23.82 -17.84
N LEU C 182 18.03 24.71 -16.83
CA LEU C 182 18.16 24.25 -15.45
C LEU C 182 17.12 23.19 -15.16
N GLN C 183 15.85 23.51 -15.42
CA GLN C 183 14.75 22.61 -15.12
C GLN C 183 14.83 21.29 -15.90
N LYS C 184 15.22 21.37 -17.17
CA LYS C 184 15.30 20.16 -18.00
C LYS C 184 16.38 19.22 -17.49
N LEU C 185 17.56 19.77 -17.23
CA LEU C 185 18.68 18.98 -16.76
C LEU C 185 18.40 18.39 -15.39
N LEU C 186 17.73 19.17 -14.55
CA LEU C 186 17.41 18.71 -13.21
C LEU C 186 16.55 17.44 -13.30
N LYS C 187 15.61 17.46 -14.23
CA LYS C 187 14.62 16.41 -14.36
C LYS C 187 15.16 15.21 -15.16
N GLN C 188 16.15 15.49 -16.01
CA GLN C 188 16.74 14.47 -16.87
C GLN C 188 17.45 13.37 -16.08
N SER C 189 17.34 12.13 -16.53
CA SER C 189 18.05 11.03 -15.90
C SER C 189 19.50 10.90 -16.39
N PHE C 190 20.42 10.78 -15.45
CA PHE C 190 21.81 10.46 -15.78
C PHE C 190 22.19 9.14 -15.09
N PRO C 191 21.82 8.02 -15.70
CA PRO C 191 21.95 6.69 -15.10
C PRO C 191 23.35 6.35 -14.57
N ASN C 192 24.39 6.93 -15.14
CA ASN C 192 25.74 6.61 -14.69
C ASN C 192 26.20 7.42 -13.47
N TYR C 193 25.64 8.61 -13.31
CA TYR C 193 26.06 9.48 -12.22
C TYR C 193 25.06 9.44 -11.07
N GLU C 194 23.78 9.31 -11.40
CA GLU C 194 22.76 8.92 -10.45
C GLU C 194 22.68 7.42 -10.64
N LYS C 195 22.06 6.70 -9.69
CA LYS C 195 22.03 5.23 -9.76
C LYS C 195 23.42 4.58 -9.52
N SER D 1 -6.82 47.94 -46.90
CA SER D 1 -5.82 48.42 -45.94
C SER D 1 -6.29 48.29 -44.49
N GLY D 2 -5.37 48.43 -43.56
CA GLY D 2 -5.69 48.29 -42.15
C GLY D 2 -5.74 46.83 -41.73
N CYS D 3 -6.12 46.59 -40.47
CA CYS D 3 -6.12 45.24 -39.90
C CYS D 3 -7.28 44.35 -40.35
N SER D 4 -6.98 43.08 -40.59
CA SER D 4 -7.99 42.10 -40.98
C SER D 4 -8.91 41.74 -39.82
N THR D 5 -10.15 41.40 -40.14
CA THR D 5 -11.10 40.96 -39.13
C THR D 5 -11.32 39.46 -39.26
N VAL D 6 -11.14 38.74 -38.17
CA VAL D 6 -11.28 37.29 -38.19
C VAL D 6 -12.28 36.81 -37.13
N ASP D 7 -12.94 35.69 -37.41
CA ASP D 7 -13.85 35.07 -36.46
C ASP D 7 -13.04 34.52 -35.28
N THR D 8 -13.65 34.48 -34.12
CA THR D 8 -12.91 34.19 -32.90
C THR D 8 -13.62 33.10 -32.11
N VAL D 9 -12.91 32.56 -31.11
CA VAL D 9 -13.47 31.54 -30.22
C VAL D 9 -14.75 32.05 -29.57
N LYS D 10 -15.75 31.18 -29.55
CA LYS D 10 -17.00 31.49 -28.87
C LYS D 10 -16.91 30.96 -27.44
N ASP D 11 -17.69 31.54 -26.54
CA ASP D 11 -17.65 31.13 -25.14
C ASP D 11 -16.23 31.00 -24.64
N PHE D 12 -15.49 32.11 -24.74
CA PHE D 12 -14.09 32.19 -24.34
C PHE D 12 -13.97 32.20 -22.82
N ASN D 13 -13.14 31.31 -22.29
CA ASN D 13 -13.04 31.15 -20.83
C ASN D 13 -11.77 31.81 -20.31
N LYS D 14 -11.89 33.09 -19.94
CA LYS D 14 -10.72 33.89 -19.56
C LYS D 14 -9.96 33.29 -18.38
N ASP D 15 -10.67 32.69 -17.43
CA ASP D 15 -10.02 32.07 -16.29
C ASP D 15 -9.01 31.03 -16.76
N ASN D 16 -9.43 30.19 -17.70
CA ASN D 16 -8.59 29.09 -18.15
C ASN D 16 -7.61 29.48 -19.25
N PHE D 17 -7.80 30.64 -19.86
CA PHE D 17 -6.87 31.06 -20.88
C PHE D 17 -5.68 31.82 -20.32
N PHE D 18 -5.95 32.89 -19.57
CA PHE D 18 -4.88 33.75 -19.08
C PHE D 18 -4.33 33.26 -17.75
N THR D 19 -3.40 32.33 -17.87
CA THR D 19 -2.82 31.65 -16.72
C THR D 19 -1.61 30.90 -17.25
N GLY D 20 -0.61 30.69 -16.40
CA GLY D 20 0.60 29.98 -16.81
C GLY D 20 1.38 30.69 -17.91
N SER D 21 1.97 29.89 -18.79
CA SER D 21 2.81 30.46 -19.86
C SER D 21 2.54 29.84 -21.22
N TRP D 22 3.10 30.49 -22.23
CA TRP D 22 2.92 30.07 -23.62
C TRP D 22 4.21 30.29 -24.39
N TYR D 23 4.41 29.48 -25.42
CA TYR D 23 5.49 29.70 -26.39
C TYR D 23 4.87 29.98 -27.73
N THR D 25 5.27 29.10 -31.20
CA THR D 25 5.94 28.04 -31.96
C THR D 25 6.04 28.37 -33.44
N HIS D 26 4.98 28.99 -33.98
CA HIS D 26 4.94 29.35 -35.38
C HIS D 26 4.32 30.73 -35.57
N TYR D 27 4.75 31.43 -36.62
CA TYR D 27 4.13 32.71 -36.93
C TYR D 27 4.46 33.21 -38.34
N LYS D 28 3.58 34.10 -38.80
CA LYS D 28 3.78 34.85 -40.04
C LYS D 28 3.71 36.33 -39.68
N LEU D 29 4.78 37.07 -40.00
CA LEU D 29 4.79 38.50 -39.73
C LEU D 29 4.68 39.27 -41.02
N GLY D 30 3.54 39.95 -41.21
CA GLY D 30 3.30 40.72 -42.42
C GLY D 30 3.29 39.88 -43.68
N ASP D 31 3.15 40.53 -44.83
CA ASP D 31 3.12 39.86 -46.13
C ASP D 31 4.51 39.47 -46.61
N SER D 32 5.50 40.26 -46.22
CA SER D 32 6.85 40.13 -46.76
C SER D 32 7.64 38.99 -46.14
N THR D 33 8.64 38.52 -46.88
CA THR D 33 9.54 37.46 -46.43
C THR D 33 10.05 37.74 -45.02
N LEU D 34 10.24 36.69 -44.23
CA LEU D 34 10.74 36.82 -42.87
C LEU D 34 12.28 36.85 -42.88
N GLU D 35 12.85 37.87 -42.25
CA GLU D 35 14.30 37.97 -42.19
C GLU D 35 14.88 37.64 -40.80
N VAL D 36 16.19 37.44 -40.75
CA VAL D 36 16.87 36.94 -39.55
C VAL D 36 16.55 37.74 -38.28
N GLY D 37 16.66 39.06 -38.35
CA GLY D 37 16.37 39.91 -37.21
C GLY D 37 14.96 39.71 -36.66
N ASP D 38 14.11 39.08 -37.49
CA ASP D 38 12.71 38.87 -37.13
C ASP D 38 12.41 37.40 -36.83
N LYS D 39 13.45 36.57 -36.81
CA LYS D 39 13.29 35.20 -36.36
C LYS D 39 13.60 35.12 -34.86
N ASN D 40 12.55 34.93 -34.06
CA ASN D 40 12.66 34.99 -32.61
C ASN D 40 12.06 33.79 -31.88
N CYS D 41 12.55 33.58 -30.66
CA CYS D 41 11.98 32.64 -29.72
C CYS D 41 11.25 33.47 -28.68
N THR D 42 9.94 33.26 -28.57
CA THR D 42 9.12 34.03 -27.64
C THR D 42 8.41 33.16 -26.63
N LYS D 43 8.61 33.47 -25.36
CA LYS D 43 7.85 32.85 -24.30
C LYS D 43 7.10 33.97 -23.59
N PHE D 44 5.87 33.71 -23.16
CA PHE D 44 5.16 34.73 -22.42
C PHE D 44 4.34 34.22 -21.24
N LEU D 45 4.12 35.10 -20.29
CA LEU D 45 3.34 34.84 -19.10
C LEU D 45 2.01 35.56 -19.06
N HIS D 46 1.04 34.92 -18.46
CA HIS D 46 -0.31 35.41 -18.36
C HIS D 46 -0.82 35.47 -16.94
N GLN D 47 -1.56 36.51 -16.62
CA GLN D 47 -2.38 36.55 -15.41
C GLN D 47 -3.71 37.26 -15.54
N LYS D 48 -4.71 36.79 -14.81
CA LYS D 48 -5.99 37.47 -14.81
C LYS D 48 -6.28 37.80 -13.37
N THR D 49 -6.65 39.05 -13.12
CA THR D 49 -6.86 39.50 -11.77
C THR D 49 -8.35 39.47 -11.44
N ALA D 50 -8.68 39.35 -10.15
CA ALA D 50 -10.07 39.24 -9.72
C ALA D 50 -10.89 40.47 -10.12
N ASP D 51 -10.26 41.63 -10.12
CA ASP D 51 -10.90 42.86 -10.55
C ASP D 51 -11.14 42.88 -12.06
N GLY D 52 -10.73 41.80 -12.74
CA GLY D 52 -10.96 41.65 -14.15
C GLY D 52 -9.90 42.24 -15.08
N LYS D 53 -8.70 42.44 -14.55
CA LYS D 53 -7.59 42.93 -15.37
C LYS D 53 -6.72 41.78 -15.90
N ILE D 54 -6.39 41.86 -17.19
CA ILE D 54 -5.50 40.89 -17.84
C ILE D 54 -4.11 41.47 -18.12
N LYS D 55 -3.09 40.64 -17.93
CA LYS D 55 -1.70 41.06 -18.15
C LYS D 55 -0.86 39.98 -18.84
N GLU D 56 -0.09 40.37 -19.86
CA GLU D 56 0.69 39.43 -20.64
C GLU D 56 2.10 39.95 -20.86
N VAL D 57 3.08 39.20 -20.38
CA VAL D 57 4.47 39.60 -20.44
C VAL D 57 5.25 38.76 -21.45
N PHE D 58 5.83 39.42 -22.45
CA PHE D 58 6.50 38.73 -23.55
C PHE D 58 8.02 38.83 -23.49
N SER D 59 8.67 37.69 -23.69
CA SER D 59 10.11 37.63 -23.81
C SER D 59 10.46 37.16 -25.21
N ASN D 60 11.00 38.06 -26.02
CA ASN D 60 11.36 37.79 -27.40
C ASN D 60 12.88 37.77 -27.60
N TYR D 61 13.42 36.60 -27.92
CA TYR D 61 14.86 36.44 -28.04
C TYR D 61 15.28 36.23 -29.49
N ASN D 62 16.23 37.04 -29.93
CA ASN D 62 16.81 36.91 -31.27
C ASN D 62 18.16 36.20 -31.17
N PRO D 63 18.19 34.93 -31.60
CA PRO D 63 19.42 34.12 -31.49
C PRO D 63 20.55 34.69 -32.35
N ASN D 64 20.20 35.28 -33.48
CA ASN D 64 21.20 35.85 -34.36
C ASN D 64 21.96 36.97 -33.65
N ALA D 65 21.20 37.90 -33.06
CA ALA D 65 21.80 39.03 -32.36
C ALA D 65 22.08 38.67 -30.91
N LYS D 66 21.40 37.63 -30.42
CA LYS D 66 21.53 37.20 -29.04
C LYS D 66 21.05 38.31 -28.11
N THR D 67 19.92 38.91 -28.47
CA THR D 67 19.34 39.99 -27.67
C THR D 67 17.89 39.71 -27.33
N TYR D 68 17.40 40.35 -26.27
CA TYR D 68 16.02 40.20 -25.87
C TYR D 68 15.26 41.50 -26.10
N SER D 69 13.99 41.37 -26.46
CA SER D 69 13.07 42.49 -26.39
C SER D 69 11.88 42.04 -25.57
N TYR D 70 11.34 42.97 -24.78
CA TYR D 70 10.22 42.68 -23.90
C TYR D 70 9.05 43.61 -24.23
N ASP D 71 7.83 43.09 -24.08
CA ASP D 71 6.65 43.94 -24.17
C ASP D 71 5.55 43.35 -23.30
N ILE D 72 4.67 44.22 -22.81
CA ILE D 72 3.56 43.82 -21.95
C ILE D 72 2.23 44.32 -22.50
N SER D 73 1.26 43.42 -22.62
CA SER D 73 -0.08 43.84 -23.02
C SER D 73 -1.01 43.93 -21.82
N PHE D 74 -1.76 45.03 -21.74
CA PHE D 74 -2.73 45.24 -20.66
C PHE D 74 -4.16 45.31 -21.22
N ALA D 75 -5.11 44.76 -20.48
CA ALA D 75 -6.50 44.77 -20.91
C ALA D 75 -7.45 44.50 -19.74
N LYS D 76 -8.69 44.98 -19.87
CA LYS D 76 -9.71 44.74 -18.86
C LYS D 76 -10.78 43.90 -19.54
N VAL D 77 -11.67 43.28 -18.77
CA VAL D 77 -12.71 42.48 -19.41
C VAL D 77 -13.62 43.35 -20.29
N SER D 78 -13.68 44.65 -20.01
CA SER D 78 -14.45 45.58 -20.85
C SER D 78 -13.82 45.86 -22.22
N ASP D 79 -12.56 45.43 -22.42
CA ASP D 79 -11.89 45.54 -23.71
C ASP D 79 -12.23 44.33 -24.59
N PHE D 80 -12.94 43.37 -23.99
CA PHE D 80 -13.33 42.15 -24.68
C PHE D 80 -14.66 42.27 -25.41
N ASP D 81 -14.75 41.60 -26.55
CA ASP D 81 -15.95 41.60 -27.35
C ASP D 81 -16.94 40.54 -26.85
N GLY D 82 -17.73 40.91 -25.83
CA GLY D 82 -18.72 40.03 -25.26
C GLY D 82 -18.11 38.75 -24.68
N ASN D 83 -18.65 37.60 -25.08
CA ASN D 83 -18.14 36.31 -24.63
C ASN D 83 -17.09 35.73 -25.59
N ASN D 84 -16.79 36.48 -26.64
CA ASN D 84 -15.84 36.04 -27.66
C ASN D 84 -14.39 36.13 -27.22
N GLY D 85 -13.53 35.37 -27.91
CA GLY D 85 -12.09 35.46 -27.70
C GLY D 85 -11.50 36.59 -28.52
N LYS D 86 -11.90 37.81 -28.19
CA LYS D 86 -11.48 38.98 -28.96
C LYS D 86 -11.45 40.23 -28.10
N TYR D 87 -10.36 40.98 -28.18
CA TYR D 87 -10.21 42.14 -27.33
C TYR D 87 -9.15 43.10 -27.84
N THR D 88 -9.18 44.31 -27.30
CA THR D 88 -8.20 45.33 -27.65
C THR D 88 -7.24 45.46 -26.48
N ALA D 89 -5.95 45.50 -26.77
CA ALA D 89 -4.96 45.62 -25.71
C ALA D 89 -4.04 46.81 -25.89
N LYS D 90 -3.67 47.43 -24.78
CA LYS D 90 -2.59 48.41 -24.75
C LYS D 90 -1.28 47.64 -24.57
N ASN D 91 -0.39 47.72 -25.55
CA ASN D 91 0.87 47.01 -25.48
C ASN D 91 2.03 47.98 -25.32
N VAL D 92 2.89 47.72 -24.34
CA VAL D 92 4.00 48.61 -24.03
C VAL D 92 5.32 47.86 -24.17
N ILE D 93 6.21 48.37 -25.02
CA ILE D 93 7.55 47.80 -25.17
C ILE D 93 8.46 48.34 -24.07
N VAL D 94 9.05 47.45 -23.28
CA VAL D 94 9.81 47.86 -22.11
C VAL D 94 11.22 47.28 -22.04
N GLU D 95 12.07 47.97 -21.28
CA GLU D 95 13.37 47.43 -20.91
C GLU D 95 13.18 46.50 -19.72
N LYS D 96 14.25 45.81 -19.36
CA LYS D 96 14.27 44.88 -18.23
C LYS D 96 13.71 45.46 -16.92
N ASP D 97 13.95 46.74 -16.67
CA ASP D 97 13.52 47.37 -15.42
C ASP D 97 12.12 47.97 -15.50
N GLY D 98 11.51 47.86 -16.67
CA GLY D 98 10.17 48.37 -16.88
C GLY D 98 10.08 49.67 -17.66
N ARG D 99 11.21 50.31 -17.91
CA ARG D 99 11.21 51.59 -18.61
C ARG D 99 10.48 51.49 -19.93
N LYS D 100 9.55 52.42 -20.17
CA LYS D 100 8.78 52.45 -21.41
C LYS D 100 9.62 52.89 -22.62
N ILE D 101 9.73 52.02 -23.62
CA ILE D 101 10.40 52.37 -24.87
C ILE D 101 9.38 52.90 -25.88
N ASP D 102 8.23 52.24 -25.96
CA ASP D 102 7.19 52.65 -26.89
C ASP D 102 5.88 51.99 -26.50
N GLU D 103 4.76 52.50 -27.01
CA GLU D 103 3.46 51.88 -26.76
C GLU D 103 2.60 51.88 -28.02
N ARG D 104 1.56 51.04 -28.00
CA ARG D 104 0.71 50.84 -29.16
C ARG D 104 -0.58 50.16 -28.74
N THR D 105 -1.55 50.16 -29.65
CA THR D 105 -2.80 49.47 -29.43
C THR D 105 -2.78 48.19 -30.27
N LEU D 106 -3.17 47.07 -29.69
CA LEU D 106 -3.17 45.79 -30.42
C LEU D 106 -4.55 45.17 -30.53
N GLN D 107 -4.93 44.77 -31.72
CA GLN D 107 -6.20 44.10 -31.91
C GLN D 107 -5.95 42.61 -31.92
N VAL D 108 -6.38 41.95 -30.85
CA VAL D 108 -6.10 40.53 -30.62
C VAL D 108 -7.35 39.69 -30.87
N SER D 109 -7.22 38.69 -31.74
CA SER D 109 -8.34 37.83 -32.13
C SER D 109 -7.95 36.37 -32.03
N TYR D 110 -8.48 35.67 -31.05
CA TYR D 110 -8.20 34.23 -30.92
C TYR D 110 -9.07 33.36 -31.81
N ILE D 111 -8.43 32.72 -32.78
CA ILE D 111 -9.13 31.90 -33.77
C ILE D 111 -9.53 30.55 -33.20
N ASP D 112 -8.65 29.98 -32.39
CA ASP D 112 -8.94 28.70 -31.76
C ASP D 112 -8.03 28.47 -30.56
N THR D 113 -8.48 27.62 -29.64
CA THR D 113 -7.66 27.18 -28.52
C THR D 113 -8.35 26.02 -27.80
N ASP D 114 -7.61 25.31 -26.97
CA ASP D 114 -8.19 24.28 -26.13
C ASP D 114 -7.73 24.57 -24.71
N TYR D 115 -7.11 25.74 -24.55
CA TYR D 115 -6.72 26.29 -23.24
C TYR D 115 -5.49 25.62 -22.64
N SER D 116 -5.44 24.30 -22.68
CA SER D 116 -4.40 23.56 -21.97
C SER D 116 -3.25 23.06 -22.86
N LYS D 117 -3.35 23.26 -24.16
CA LYS D 117 -2.25 22.87 -25.06
C LYS D 117 -1.85 23.94 -26.08
N TYR D 118 -2.81 24.51 -26.80
CA TYR D 118 -2.47 25.34 -27.93
C TYR D 118 -3.46 26.48 -28.14
N SER D 119 -3.01 27.51 -28.85
CA SER D 119 -3.90 28.56 -29.33
C SER D 119 -3.38 29.07 -30.68
N VAL D 120 -4.29 29.63 -31.47
CA VAL D 120 -3.94 30.23 -32.74
C VAL D 120 -4.52 31.64 -32.74
N VAL D 121 -3.69 32.63 -33.05
CA VAL D 121 -4.10 34.01 -32.86
C VAL D 121 -3.78 34.89 -34.07
N HIS D 122 -4.51 35.98 -34.20
CA HIS D 122 -4.17 37.06 -35.11
C HIS D 122 -4.05 38.38 -34.34
N VAL D 123 -2.92 39.06 -34.51
CA VAL D 123 -2.66 40.29 -33.77
C VAL D 123 -2.24 41.43 -34.70
N CYS D 124 -3.10 42.43 -34.82
CA CYS D 124 -2.81 43.57 -35.68
C CYS D 124 -2.79 44.90 -34.91
N ASP D 125 -1.77 45.69 -35.17
CA ASP D 125 -1.71 47.06 -34.65
C ASP D 125 -2.19 48.04 -35.73
N PRO D 126 -3.36 48.65 -35.49
CA PRO D 126 -4.05 49.54 -36.44
C PRO D 126 -3.21 50.71 -36.96
N ALA D 127 -2.11 51.04 -36.28
CA ALA D 127 -1.21 52.08 -36.75
C ALA D 127 -0.03 51.48 -37.52
N ALA D 128 -0.05 50.17 -37.69
CA ALA D 128 1.00 49.48 -38.43
C ALA D 128 0.50 48.13 -38.93
N PRO D 129 -0.58 48.16 -39.72
CA PRO D 129 -1.28 46.96 -40.20
C PRO D 129 -0.41 46.10 -41.12
N ASP D 130 0.70 46.65 -41.59
CA ASP D 130 1.60 45.90 -42.46
C ASP D 130 2.43 44.92 -41.65
N TYR D 131 2.31 45.02 -40.32
CA TYR D 131 3.03 44.12 -39.43
C TYR D 131 2.07 43.26 -38.62
N TYR D 132 1.05 42.74 -39.30
CA TYR D 132 0.09 41.86 -38.65
C TYR D 132 0.76 40.52 -38.38
N TYR D 134 0.02 36.44 -37.59
CA TYR D 134 -0.72 35.22 -37.33
C TYR D 134 0.26 34.31 -36.60
N ALA D 135 -0.17 33.75 -35.48
CA ALA D 135 0.76 32.95 -34.68
C ALA D 135 0.11 31.69 -34.12
N VAL D 136 0.94 30.66 -33.96
CA VAL D 136 0.52 29.45 -33.28
C VAL D 136 1.23 29.44 -31.93
N GLN D 137 0.46 29.22 -30.88
CA GLN D 137 1.02 29.30 -29.54
C GLN D 137 0.73 28.03 -28.77
N SER D 138 1.65 27.65 -27.88
CA SER D 138 1.54 26.38 -27.21
C SER D 138 2.04 26.42 -25.78
N ARG D 139 1.43 25.62 -24.92
CA ARG D 139 1.84 25.52 -23.52
C ARG D 139 3.22 24.89 -23.37
N THR D 140 3.70 24.22 -24.41
CA THR D 140 5.05 23.63 -24.41
C THR D 140 5.80 24.16 -25.63
N GLU D 141 7.10 23.91 -25.66
CA GLU D 141 7.97 24.41 -26.73
C GLU D 141 7.55 23.92 -28.10
N ASN D 142 7.00 22.73 -28.16
CA ASN D 142 6.45 22.20 -29.39
C ASN D 142 4.94 22.12 -29.28
N VAL D 143 4.27 22.36 -30.40
CA VAL D 143 2.88 21.97 -30.54
C VAL D 143 2.77 20.45 -30.37
N LYS D 144 2.10 20.01 -29.31
CA LYS D 144 1.87 18.58 -29.09
C LYS D 144 1.30 17.89 -30.33
N GLU D 145 1.82 16.70 -30.62
CA GLU D 145 1.38 15.88 -31.74
C GLU D 145 -0.14 15.74 -31.84
N ASP D 146 -0.80 15.42 -30.72
CA ASP D 146 -2.24 15.09 -30.77
C ASP D 146 -3.18 16.29 -30.97
N VAL D 147 -2.64 17.50 -31.02
CA VAL D 147 -3.45 18.66 -31.38
C VAL D 147 -2.92 19.33 -32.63
N LYS D 148 -1.96 18.70 -33.28
CA LYS D 148 -1.41 19.23 -34.53
C LYS D 148 -2.51 19.41 -35.56
N SER D 149 -3.41 18.44 -35.66
CA SER D 149 -4.50 18.48 -36.63
C SER D 149 -5.46 19.65 -36.43
N LYS D 150 -5.75 19.97 -35.17
CA LYS D 150 -6.61 21.10 -34.84
C LYS D 150 -5.95 22.44 -35.18
N VAL D 151 -4.63 22.49 -35.05
CA VAL D 151 -3.88 23.69 -35.38
C VAL D 151 -4.04 23.97 -36.87
N GLU D 152 -3.85 22.93 -37.67
CA GLU D 152 -4.07 23.00 -39.11
C GLU D 152 -5.45 23.54 -39.47
N ALA D 153 -6.47 23.00 -38.82
CA ALA D 153 -7.85 23.38 -39.13
C ALA D 153 -8.12 24.83 -38.78
N ALA D 154 -7.58 25.27 -37.65
CA ALA D 154 -7.71 26.67 -37.26
C ALA D 154 -6.99 27.56 -38.28
N LEU D 155 -5.82 27.13 -38.71
CA LEU D 155 -5.06 27.89 -39.70
C LEU D 155 -5.84 27.99 -41.02
N GLY D 156 -6.46 26.89 -41.42
CA GLY D 156 -7.27 26.88 -42.62
C GLY D 156 -8.31 27.99 -42.65
N LYS D 157 -9.00 28.17 -41.52
CA LYS D 157 -10.04 29.19 -41.39
C LYS D 157 -9.60 30.61 -41.77
N VAL D 158 -8.29 30.86 -41.77
CA VAL D 158 -7.77 32.14 -42.24
C VAL D 158 -6.84 31.97 -43.44
N GLY D 159 -7.01 30.85 -44.14
CA GLY D 159 -6.28 30.60 -45.38
C GLY D 159 -4.80 30.38 -45.19
N LEU D 160 -4.45 29.67 -44.12
CA LEU D 160 -3.05 29.47 -43.75
C LEU D 160 -2.72 28.01 -43.53
N LYS D 161 -1.44 27.67 -43.68
CA LYS D 161 -0.96 26.31 -43.45
C LYS D 161 0.27 26.32 -42.54
N LEU D 162 0.29 25.39 -41.59
CA LEU D 162 1.37 25.25 -40.63
C LEU D 162 2.76 25.31 -41.26
N SER D 163 2.99 24.47 -42.27
CA SER D 163 4.27 24.47 -42.95
C SER D 163 4.44 25.74 -43.80
N GLY D 164 3.39 26.56 -43.82
CA GLY D 164 3.44 27.85 -44.49
C GLY D 164 3.96 28.93 -43.56
N LEU D 165 3.99 28.63 -42.26
CA LEU D 165 4.49 29.59 -41.26
C LEU D 165 5.97 29.35 -40.97
N PHE D 166 6.57 30.24 -40.20
CA PHE D 166 7.93 30.03 -39.71
C PHE D 166 7.95 29.17 -38.44
N ASP D 167 8.69 28.05 -38.50
CA ASP D 167 8.78 27.09 -37.40
C ASP D 167 9.96 27.40 -36.49
N ALA D 168 9.68 27.93 -35.30
CA ALA D 168 10.75 28.36 -34.39
C ALA D 168 11.65 27.21 -33.93
N THR D 169 11.22 25.97 -34.17
CA THR D 169 12.04 24.81 -33.81
C THR D 169 13.18 24.64 -34.79
N THR D 170 13.09 25.36 -35.91
CA THR D 170 14.18 25.38 -36.89
C THR D 170 15.34 26.22 -36.36
N LEU D 171 15.15 26.85 -35.20
CA LEU D 171 16.23 27.55 -34.50
C LEU D 171 16.90 26.60 -33.53
N GLY D 172 16.21 25.49 -33.24
CA GLY D 172 16.75 24.42 -32.43
C GLY D 172 17.21 24.80 -31.05
N ASN D 173 18.43 24.39 -30.72
CA ASN D 173 19.01 24.60 -29.40
C ASN D 173 19.57 26.01 -29.20
N LYS D 174 19.33 26.90 -30.17
CA LYS D 174 19.78 28.29 -30.06
C LYS D 174 18.78 29.20 -29.33
N CYS D 175 17.54 28.74 -29.16
CA CYS D 175 16.53 29.51 -28.45
C CYS D 175 16.85 29.68 -26.97
N GLN D 176 16.76 30.91 -26.49
CA GLN D 176 16.90 31.20 -25.06
C GLN D 176 15.70 32.00 -24.58
N TYR D 177 15.34 31.80 -23.33
CA TYR D 177 14.21 32.52 -22.73
C TYR D 177 14.64 33.18 -21.43
N ASP D 178 14.09 34.36 -21.16
CA ASP D 178 14.45 35.09 -19.95
C ASP D 178 13.32 35.00 -18.92
N ASP D 179 13.26 33.90 -18.16
CA ASP D 179 12.23 33.74 -17.14
C ASP D 179 12.36 34.74 -16.00
N GLU D 180 13.59 35.13 -15.67
CA GLU D 180 13.81 36.12 -14.61
C GLU D 180 13.08 37.44 -14.89
N THR D 181 13.32 38.02 -16.06
CA THR D 181 12.66 39.28 -16.43
C THR D 181 11.15 39.08 -16.57
N LEU D 182 10.75 37.96 -17.19
CA LEU D 182 9.32 37.64 -17.31
C LEU D 182 8.61 37.75 -15.96
N GLN D 183 9.19 37.13 -14.93
CA GLN D 183 8.58 37.10 -13.60
C GLN D 183 8.67 38.45 -12.90
N LYS D 184 9.75 39.18 -13.14
CA LYS D 184 9.89 40.51 -12.56
C LYS D 184 8.85 41.47 -13.13
N LEU D 185 8.66 41.42 -14.44
CA LEU D 185 7.72 42.28 -15.13
C LEU D 185 6.28 41.90 -14.81
N LEU D 186 6.05 40.61 -14.59
CA LEU D 186 4.72 40.13 -14.28
C LEU D 186 4.25 40.70 -12.95
N LYS D 187 5.16 40.74 -11.97
CA LYS D 187 4.78 41.16 -10.64
C LYS D 187 4.93 42.66 -10.43
N GLN D 188 5.80 43.30 -11.20
CA GLN D 188 6.01 44.73 -11.10
C GLN D 188 4.71 45.47 -11.42
N SER D 189 4.46 46.57 -10.72
CA SER D 189 3.23 47.32 -10.93
C SER D 189 3.42 48.44 -11.95
N PHE D 190 2.53 48.49 -12.93
CA PHE D 190 2.50 49.59 -13.90
C PHE D 190 1.20 50.38 -13.71
N PRO D 191 1.21 51.34 -12.80
CA PRO D 191 -0.01 52.01 -12.33
C PRO D 191 -0.75 52.77 -13.45
N ASN D 192 -0.04 53.20 -14.48
CA ASN D 192 -0.67 53.82 -15.64
C ASN D 192 -1.65 52.90 -16.36
N TYR D 193 -1.37 51.60 -16.33
CA TYR D 193 -2.15 50.62 -17.10
C TYR D 193 -2.99 49.67 -16.25
N GLU D 194 -2.59 49.43 -15.01
CA GLU D 194 -3.32 48.50 -14.17
C GLU D 194 -3.84 49.14 -12.88
N SER E 1 11.66 -27.19 13.75
CA SER E 1 10.87 -26.62 12.68
C SER E 1 10.38 -25.21 13.05
N GLY E 2 9.59 -24.60 12.17
CA GLY E 2 9.18 -23.22 12.36
C GLY E 2 10.30 -22.29 11.93
N CYS E 3 10.35 -21.10 12.53
CA CYS E 3 11.37 -20.11 12.18
C CYS E 3 12.75 -20.45 12.76
N SER E 4 13.76 -20.43 11.91
CA SER E 4 15.13 -20.70 12.31
C SER E 4 15.72 -19.53 13.10
N THR E 5 16.49 -19.86 14.13
CA THR E 5 17.24 -18.84 14.86
C THR E 5 18.67 -18.77 14.31
N VAL E 6 19.07 -17.58 13.86
CA VAL E 6 20.38 -17.39 13.27
C VAL E 6 21.14 -16.35 14.07
N ASP E 7 22.45 -16.54 14.20
CA ASP E 7 23.27 -15.57 14.91
C ASP E 7 23.19 -14.25 14.15
N THR E 8 23.25 -13.14 14.89
CA THR E 8 23.03 -11.83 14.28
C THR E 8 24.16 -10.86 14.57
N VAL E 9 24.21 -9.78 13.79
CA VAL E 9 25.19 -8.71 13.96
C VAL E 9 25.27 -8.27 15.41
N LYS E 10 26.48 -8.25 15.95
CA LYS E 10 26.73 -7.80 17.31
C LYS E 10 26.92 -6.28 17.32
N ASP E 11 26.44 -5.62 18.36
CA ASP E 11 26.51 -4.16 18.43
C ASP E 11 25.85 -3.50 17.22
N PHE E 12 24.54 -3.65 17.10
CA PHE E 12 23.80 -3.12 15.96
C PHE E 12 23.65 -1.60 16.06
N ASN E 13 24.14 -0.90 15.05
CA ASN E 13 24.03 0.55 15.00
C ASN E 13 22.77 0.93 14.22
N LYS E 14 21.67 1.10 14.96
CA LYS E 14 20.38 1.40 14.37
C LYS E 14 20.41 2.69 13.57
N ASP E 15 21.03 3.71 14.15
CA ASP E 15 21.04 5.04 13.54
C ASP E 15 21.72 5.07 12.17
N ASN E 16 22.77 4.28 12.00
CA ASN E 16 23.44 4.20 10.71
C ASN E 16 22.82 3.17 9.77
N PHE E 17 22.05 2.25 10.32
CA PHE E 17 21.40 1.26 9.47
C PHE E 17 20.09 1.77 8.90
N PHE E 18 19.21 2.24 9.76
CA PHE E 18 17.87 2.65 9.35
C PHE E 18 17.82 4.06 8.78
N THR E 19 18.55 4.24 7.69
CA THR E 19 18.59 5.51 6.98
C THR E 19 18.77 5.23 5.49
N GLY E 20 18.21 6.10 4.67
CA GLY E 20 18.31 5.94 3.23
C GLY E 20 17.43 4.79 2.74
N SER E 21 17.94 4.05 1.76
CA SER E 21 17.19 2.94 1.15
C SER E 21 18.11 1.76 0.87
N TRP E 22 17.50 0.60 0.60
CA TRP E 22 18.23 -0.62 0.26
C TRP E 22 17.61 -1.26 -0.98
N TYR E 23 18.38 -2.06 -1.70
CA TYR E 23 17.85 -2.86 -2.80
C TYR E 23 18.07 -4.33 -2.45
N THR E 25 19.05 -7.70 -3.77
CA THR E 25 19.76 -8.10 -4.97
C THR E 25 19.66 -9.60 -5.20
N HIS E 26 19.73 -10.38 -4.13
CA HIS E 26 19.64 -11.84 -4.21
C HIS E 26 18.87 -12.34 -3.01
N TYR E 27 18.15 -13.45 -3.19
CA TYR E 27 17.42 -14.02 -2.07
C TYR E 27 16.90 -15.45 -2.30
N LYS E 28 16.64 -16.14 -1.21
CA LYS E 28 15.93 -17.40 -1.22
C LYS E 28 14.66 -17.28 -0.40
N LEU E 29 13.54 -17.69 -0.99
CA LEU E 29 12.25 -17.58 -0.34
C LEU E 29 11.62 -18.96 -0.19
N GLY E 30 11.59 -19.47 1.04
CA GLY E 30 11.03 -20.78 1.30
C GLY E 30 11.83 -21.95 0.74
N ASP E 31 11.25 -23.14 0.80
CA ASP E 31 11.93 -24.37 0.41
C ASP E 31 11.71 -24.75 -1.04
N SER E 32 10.63 -24.25 -1.63
CA SER E 32 10.29 -24.61 -3.00
C SER E 32 11.06 -23.84 -4.03
N THR E 33 11.10 -24.40 -5.23
CA THR E 33 11.72 -23.76 -6.37
C THR E 33 10.99 -22.44 -6.67
N LEU E 34 11.74 -21.38 -6.95
CA LEU E 34 11.15 -20.06 -7.11
C LEU E 34 10.29 -19.94 -8.39
N GLU E 35 9.04 -19.53 -8.22
CA GLU E 35 8.13 -19.22 -9.32
C GLU E 35 8.26 -17.76 -9.77
N VAL E 36 7.86 -17.49 -11.00
CA VAL E 36 7.98 -16.16 -11.57
C VAL E 36 7.21 -15.08 -10.79
N GLY E 37 6.12 -15.48 -10.14
CA GLY E 37 5.39 -14.57 -9.27
C GLY E 37 6.18 -14.11 -8.06
N ASP E 38 7.20 -14.87 -7.69
CA ASP E 38 8.04 -14.54 -6.54
C ASP E 38 9.40 -13.95 -6.96
N LYS E 39 9.54 -13.65 -8.24
CA LYS E 39 10.76 -13.02 -8.74
C LYS E 39 10.53 -11.52 -8.88
N ASN E 40 10.97 -10.77 -7.88
CA ASN E 40 10.63 -9.37 -7.80
C ASN E 40 11.84 -8.46 -7.66
N CYS E 41 11.62 -7.18 -7.96
CA CYS E 41 12.61 -6.14 -7.73
C CYS E 41 12.12 -5.35 -6.52
N THR E 42 12.84 -5.46 -5.41
CA THR E 42 12.43 -4.81 -4.19
C THR E 42 13.39 -3.72 -3.77
N LYS E 43 12.83 -2.56 -3.49
CA LYS E 43 13.56 -1.47 -2.90
C LYS E 43 12.75 -1.03 -1.70
N PHE E 44 13.44 -0.71 -0.61
CA PHE E 44 12.76 -0.12 0.53
C PHE E 44 13.48 1.08 1.11
N LEU E 45 12.69 1.94 1.72
CA LEU E 45 13.15 3.14 2.39
C LEU E 45 12.87 2.94 3.86
N HIS E 46 13.76 3.34 4.73
CA HIS E 46 13.35 3.39 6.11
C HIS E 46 13.87 4.58 6.90
N GLN E 47 13.46 4.64 8.16
CA GLN E 47 13.79 5.75 9.02
C GLN E 47 13.57 5.37 10.46
N LYS E 48 14.41 5.92 11.33
CA LYS E 48 14.22 5.82 12.76
C LYS E 48 14.04 7.25 13.23
N THR E 49 12.94 7.53 13.92
CA THR E 49 12.71 8.89 14.41
C THR E 49 13.01 9.03 15.90
N ALA E 50 13.14 10.27 16.37
CA ALA E 50 13.52 10.52 17.75
C ALA E 50 12.61 9.78 18.74
N ASP E 51 11.32 9.69 18.40
CA ASP E 51 10.36 8.99 19.24
C ASP E 51 10.64 7.50 19.39
N GLY E 52 11.65 7.00 18.67
CA GLY E 52 12.05 5.61 18.78
C GLY E 52 11.36 4.65 17.83
N LYS E 53 10.55 5.17 16.93
CA LYS E 53 9.85 4.35 15.95
C LYS E 53 10.74 3.98 14.76
N ILE E 54 10.69 2.72 14.35
CA ILE E 54 11.36 2.29 13.13
C ILE E 54 10.33 1.94 12.07
N LYS E 55 10.56 2.43 10.86
CA LYS E 55 9.59 2.27 9.79
C LYS E 55 10.28 1.95 8.48
N GLU E 56 9.79 0.91 7.80
CA GLU E 56 10.41 0.44 6.56
C GLU E 56 9.34 0.20 5.50
N VAL E 57 9.52 0.83 4.35
CA VAL E 57 8.49 0.77 3.31
C VAL E 57 9.05 0.05 2.09
N PHE E 58 8.37 -1.01 1.67
CA PHE E 58 8.85 -1.84 0.56
C PHE E 58 8.08 -1.61 -0.73
N SER E 59 8.83 -1.46 -1.81
CA SER E 59 8.28 -1.47 -3.16
C SER E 59 8.72 -2.76 -3.83
N ASN E 60 7.78 -3.65 -4.10
CA ASN E 60 8.05 -4.92 -4.75
C ASN E 60 7.44 -4.93 -6.12
N TYR E 61 8.30 -5.02 -7.13
CA TYR E 61 7.87 -4.96 -8.51
C TYR E 61 8.15 -6.27 -9.24
N ASN E 62 7.11 -6.85 -9.82
CA ASN E 62 7.23 -8.09 -10.59
C ASN E 62 7.25 -7.77 -12.08
N PRO E 63 8.44 -7.80 -12.69
CA PRO E 63 8.57 -7.43 -14.12
C PRO E 63 7.71 -8.28 -15.06
N ASN E 64 7.44 -9.52 -14.67
CA ASN E 64 6.68 -10.43 -15.52
C ASN E 64 5.21 -10.01 -15.62
N ALA E 65 4.67 -9.54 -14.50
CA ALA E 65 3.28 -9.09 -14.45
C ALA E 65 3.20 -7.57 -14.51
N LYS E 66 4.35 -6.91 -14.41
CA LYS E 66 4.40 -5.45 -14.45
C LYS E 66 3.53 -4.89 -13.34
N THR E 67 3.62 -5.50 -12.17
CA THR E 67 2.80 -5.10 -11.03
C THR E 67 3.65 -4.75 -9.82
N TYR E 68 3.12 -3.89 -8.97
CA TYR E 68 3.80 -3.51 -7.73
C TYR E 68 3.02 -4.10 -6.56
N SER E 69 3.73 -4.50 -5.51
CA SER E 69 3.09 -4.74 -4.23
C SER E 69 3.82 -3.90 -3.19
N TYR E 70 3.15 -3.55 -2.10
CA TYR E 70 3.76 -2.71 -1.08
C TYR E 70 3.57 -3.28 0.30
N ASP E 71 4.62 -3.21 1.13
CA ASP E 71 4.43 -3.53 2.54
C ASP E 71 5.24 -2.59 3.42
N ILE E 72 4.84 -2.50 4.69
CA ILE E 72 5.52 -1.60 5.61
C ILE E 72 5.73 -2.29 6.93
N SER E 73 6.97 -2.27 7.39
CA SER E 73 7.31 -2.81 8.69
C SER E 73 7.34 -1.68 9.72
N PHE E 74 6.66 -1.91 10.83
CA PHE E 74 6.64 -0.97 11.95
C PHE E 74 7.26 -1.64 13.16
N ALA E 75 8.21 -0.96 13.78
CA ALA E 75 8.87 -1.47 14.96
C ALA E 75 9.31 -0.31 15.84
N LYS E 76 9.69 -0.63 17.06
CA LYS E 76 10.21 0.36 17.97
C LYS E 76 11.52 -0.14 18.56
N VAL E 77 12.41 0.79 18.88
CA VAL E 77 13.72 0.46 19.40
C VAL E 77 13.64 -0.61 20.49
N SER E 78 12.50 -0.67 21.16
CA SER E 78 12.30 -1.58 22.28
C SER E 78 11.86 -2.96 21.82
N ASP E 79 11.70 -3.12 20.52
CA ASP E 79 11.39 -4.42 19.93
C ASP E 79 12.68 -5.14 19.53
N PHE E 80 13.81 -4.45 19.65
CA PHE E 80 15.10 -5.04 19.31
C PHE E 80 15.65 -5.88 20.45
N ASP E 81 16.33 -6.97 20.11
CA ASP E 81 16.92 -7.84 21.11
C ASP E 81 18.26 -7.30 21.61
N GLY E 82 18.23 -6.50 22.67
CA GLY E 82 19.46 -5.95 23.20
C GLY E 82 20.19 -5.10 22.18
N ASN E 83 21.47 -5.37 21.99
CA ASN E 83 22.28 -4.60 21.04
C ASN E 83 22.56 -5.36 19.73
N ASN E 84 21.82 -6.44 19.51
CA ASN E 84 21.99 -7.25 18.30
C ASN E 84 21.15 -6.74 17.15
N GLY E 85 21.54 -7.10 15.94
CA GLY E 85 20.73 -6.80 14.76
C GLY E 85 19.57 -7.77 14.68
N LYS E 86 18.72 -7.75 15.70
CA LYS E 86 17.60 -8.67 15.77
C LYS E 86 16.40 -8.01 16.40
N TYR E 87 15.24 -8.17 15.76
CA TYR E 87 14.02 -7.55 16.25
C TYR E 87 12.76 -8.15 15.64
N THR E 88 11.62 -7.81 16.24
CA THR E 88 10.33 -8.22 15.71
C THR E 88 9.62 -7.00 15.18
N ALA E 89 8.92 -7.16 14.07
CA ALA E 89 8.19 -6.06 13.48
C ALA E 89 6.78 -6.49 13.15
N LYS E 90 5.88 -5.51 13.14
CA LYS E 90 4.56 -5.71 12.57
C LYS E 90 4.63 -5.28 11.12
N ASN E 91 4.50 -6.24 10.21
CA ASN E 91 4.57 -5.92 8.78
C ASN E 91 3.17 -5.94 8.16
N VAL E 92 2.83 -4.81 7.52
CA VAL E 92 1.52 -4.63 6.93
C VAL E 92 1.59 -4.54 5.41
N ILE E 93 0.87 -5.42 4.73
CA ILE E 93 0.73 -5.31 3.28
C ILE E 93 -0.36 -4.29 2.95
N VAL E 94 -0.01 -3.33 2.10
CA VAL E 94 -0.86 -2.18 1.86
C VAL E 94 -1.00 -1.91 0.37
N GLU E 95 -2.01 -1.13 0.01
CA GLU E 95 -2.18 -0.62 -1.33
C GLU E 95 -1.33 0.63 -1.51
N LYS E 96 -1.25 1.15 -2.73
CA LYS E 96 -0.52 2.38 -3.01
C LYS E 96 -0.82 3.46 -1.98
N ASP E 97 -2.10 3.59 -1.60
CA ASP E 97 -2.53 4.68 -0.71
C ASP E 97 -2.36 4.36 0.77
N GLY E 98 -1.90 3.16 1.07
CA GLY E 98 -1.61 2.77 2.44
C GLY E 98 -2.73 1.98 3.12
N ARG E 99 -3.79 1.70 2.39
CA ARG E 99 -4.91 0.92 2.94
C ARG E 99 -4.47 -0.49 3.27
N LYS E 100 -4.81 -0.97 4.46
CA LYS E 100 -4.39 -2.29 4.91
C LYS E 100 -5.01 -3.41 4.08
N ILE E 101 -4.16 -4.32 3.58
CA ILE E 101 -4.64 -5.52 2.90
C ILE E 101 -4.51 -6.75 3.81
N ASP E 102 -3.36 -6.87 4.46
CA ASP E 102 -3.08 -7.98 5.35
C ASP E 102 -1.98 -7.58 6.31
N GLU E 103 -1.83 -8.32 7.40
CA GLU E 103 -0.78 -8.03 8.37
C GLU E 103 -0.22 -9.31 9.00
N ARG E 104 1.01 -9.21 9.47
CA ARG E 104 1.68 -10.34 10.07
C ARG E 104 2.82 -9.83 10.95
N THR E 105 3.39 -10.74 11.71
CA THR E 105 4.53 -10.42 12.54
C THR E 105 5.77 -11.05 11.89
N LEU E 106 6.85 -10.28 11.77
CA LEU E 106 8.10 -10.81 11.26
C LEU E 106 9.23 -10.71 12.27
N GLN E 107 10.00 -11.79 12.38
CA GLN E 107 11.25 -11.77 13.13
C GLN E 107 12.36 -11.48 12.12
N VAL E 108 13.10 -10.42 12.38
CA VAL E 108 14.14 -9.97 11.45
C VAL E 108 15.50 -10.21 12.07
N SER E 109 16.34 -10.95 11.36
CA SER E 109 17.68 -11.22 11.86
C SER E 109 18.74 -10.76 10.87
N TYR E 110 19.46 -9.70 11.24
CA TYR E 110 20.60 -9.28 10.43
C TYR E 110 21.82 -10.11 10.76
N ILE E 111 22.18 -10.97 9.81
CA ILE E 111 23.36 -11.82 9.91
C ILE E 111 24.65 -11.02 9.80
N ASP E 112 24.63 -9.97 8.99
CA ASP E 112 25.80 -9.10 8.83
C ASP E 112 25.49 -7.84 8.03
N THR E 113 26.30 -6.81 8.23
CA THR E 113 26.22 -5.58 7.44
C THR E 113 27.39 -4.65 7.73
N ASP E 114 27.78 -3.87 6.73
CA ASP E 114 28.74 -2.80 6.95
C ASP E 114 28.07 -1.43 6.87
N TYR E 115 26.73 -1.42 6.86
CA TYR E 115 25.97 -0.17 6.91
C TYR E 115 25.92 0.61 5.59
N SER E 116 27.06 0.81 4.95
CA SER E 116 27.13 1.70 3.79
C SER E 116 27.11 1.00 2.42
N LYS E 117 27.16 -0.33 2.42
CA LYS E 117 27.18 -1.07 1.16
C LYS E 117 26.20 -2.25 1.12
N TYR E 118 26.24 -3.09 2.16
CA TYR E 118 25.53 -4.36 2.10
C TYR E 118 24.99 -4.79 3.45
N SER E 119 23.97 -5.62 3.42
CA SER E 119 23.48 -6.28 4.63
C SER E 119 22.98 -7.65 4.23
N VAL E 120 22.95 -8.57 5.19
CA VAL E 120 22.44 -9.91 4.94
C VAL E 120 21.46 -10.26 6.06
N VAL E 121 20.27 -10.67 5.67
CA VAL E 121 19.17 -10.76 6.60
C VAL E 121 18.44 -12.08 6.47
N HIS E 122 17.87 -12.52 7.59
CA HIS E 122 16.91 -13.60 7.57
C HIS E 122 15.60 -13.05 8.15
N VAL E 123 14.51 -13.26 7.41
CA VAL E 123 13.19 -12.81 7.84
C VAL E 123 12.27 -14.01 7.85
N CYS E 124 11.43 -14.10 8.88
CA CYS E 124 10.56 -15.26 9.07
C CYS E 124 9.29 -14.93 9.86
N ASP E 125 8.17 -15.51 9.44
CA ASP E 125 6.89 -15.33 10.12
C ASP E 125 6.66 -16.50 11.07
N PRO E 126 6.65 -16.22 12.38
CA PRO E 126 6.54 -17.28 13.39
C PRO E 126 5.23 -18.05 13.30
N ALA E 127 4.29 -17.55 12.52
CA ALA E 127 2.99 -18.19 12.35
C ALA E 127 2.87 -18.78 10.95
N ALA E 128 3.89 -18.56 10.14
CA ALA E 128 3.95 -19.06 8.76
C ALA E 128 5.40 -19.35 8.41
N PRO E 129 6.06 -20.22 9.19
CA PRO E 129 7.49 -20.48 9.10
C PRO E 129 7.94 -20.94 7.72
N ASP E 130 6.99 -21.45 6.94
CA ASP E 130 7.27 -21.84 5.56
C ASP E 130 7.52 -20.61 4.71
N TYR E 131 7.09 -19.45 5.21
CA TYR E 131 7.52 -18.18 4.64
C TYR E 131 8.74 -17.67 5.42
N TYR E 132 9.92 -18.05 4.92
CA TYR E 132 11.16 -17.51 5.41
C TYR E 132 11.89 -17.04 4.18
N TYR E 134 15.93 -15.56 3.05
CA TYR E 134 17.27 -15.08 3.30
C TYR E 134 17.55 -14.15 2.14
N ALA E 135 18.06 -12.96 2.43
CA ALA E 135 18.23 -11.94 1.40
C ALA E 135 19.56 -11.22 1.50
N VAL E 136 20.12 -10.91 0.33
CA VAL E 136 21.26 -10.01 0.25
C VAL E 136 20.76 -8.62 -0.14
N GLN E 137 21.26 -7.60 0.53
CA GLN E 137 20.74 -6.27 0.34
C GLN E 137 21.90 -5.33 0.12
N SER E 138 21.66 -4.30 -0.68
CA SER E 138 22.72 -3.42 -1.15
C SER E 138 22.22 -1.99 -1.18
N ARG E 139 23.12 -1.04 -0.97
CA ARG E 139 22.79 0.36 -1.06
C ARG E 139 22.65 0.78 -2.52
N THR E 140 23.17 -0.05 -3.43
CA THR E 140 23.01 0.18 -4.87
C THR E 140 22.31 -1.01 -5.51
N GLU E 141 21.97 -0.86 -6.78
CA GLU E 141 21.16 -1.87 -7.47
C GLU E 141 21.90 -3.20 -7.61
N ASN E 142 23.23 -3.13 -7.59
CA ASN E 142 24.07 -4.31 -7.54
C ASN E 142 24.93 -4.26 -6.29
N VAL E 143 25.32 -5.41 -5.77
CA VAL E 143 26.28 -5.39 -4.68
C VAL E 143 27.65 -5.01 -5.23
N LYS E 144 28.34 -4.11 -4.53
CA LYS E 144 29.61 -3.63 -5.02
C LYS E 144 30.63 -4.76 -5.01
N GLU E 145 31.27 -4.99 -6.15
CA GLU E 145 32.18 -6.12 -6.34
C GLU E 145 33.10 -6.35 -5.14
N ASP E 146 33.58 -5.29 -4.51
CA ASP E 146 34.57 -5.42 -3.45
C ASP E 146 34.04 -5.93 -2.10
N VAL E 147 32.73 -6.20 -2.03
CA VAL E 147 32.16 -6.82 -0.82
C VAL E 147 31.50 -8.16 -1.12
N LYS E 148 31.63 -8.63 -2.36
CA LYS E 148 30.99 -9.87 -2.76
C LYS E 148 31.41 -11.06 -1.90
N SER E 149 32.66 -11.03 -1.43
CA SER E 149 33.18 -12.12 -0.60
C SER E 149 32.80 -11.93 0.86
N LYS E 150 32.70 -10.67 1.28
CA LYS E 150 32.28 -10.36 2.64
C LYS E 150 30.83 -10.78 2.82
N VAL E 151 30.06 -10.67 1.74
CA VAL E 151 28.69 -11.14 1.69
C VAL E 151 28.64 -12.66 1.69
N GLU E 152 29.48 -13.29 0.87
CA GLU E 152 29.44 -14.74 0.71
C GLU E 152 29.81 -15.47 2.00
N ALA E 153 30.62 -14.81 2.83
CA ALA E 153 30.93 -15.34 4.15
C ALA E 153 29.69 -15.35 5.04
N ALA E 154 28.96 -14.24 5.04
CA ALA E 154 27.72 -14.14 5.83
C ALA E 154 26.74 -15.25 5.46
N LEU E 155 26.48 -15.41 4.17
CA LEU E 155 25.65 -16.50 3.69
C LEU E 155 26.22 -17.84 4.16
N GLY E 156 27.55 -17.90 4.24
CA GLY E 156 28.22 -19.09 4.71
C GLY E 156 27.72 -19.49 6.08
N LYS E 157 27.62 -18.51 6.98
CA LYS E 157 27.15 -18.76 8.33
C LYS E 157 25.79 -19.48 8.36
N VAL E 158 24.94 -19.19 7.40
CA VAL E 158 23.59 -19.75 7.39
C VAL E 158 23.40 -20.90 6.41
N GLY E 159 24.52 -21.45 5.94
CA GLY E 159 24.50 -22.65 5.13
C GLY E 159 24.15 -22.41 3.67
N LEU E 160 24.52 -21.25 3.15
CA LEU E 160 24.13 -20.87 1.80
C LEU E 160 25.29 -20.25 1.03
N LYS E 161 25.15 -20.22 -0.28
CA LYS E 161 26.11 -19.52 -1.14
C LYS E 161 25.34 -18.63 -2.11
N LEU E 162 25.98 -17.54 -2.50
CA LEU E 162 25.35 -16.52 -3.35
C LEU E 162 24.71 -17.13 -4.59
N SER E 163 25.44 -18.03 -5.25
CA SER E 163 24.96 -18.70 -6.45
C SER E 163 23.77 -19.61 -6.14
N GLY E 164 23.56 -19.87 -4.84
CA GLY E 164 22.42 -20.65 -4.41
C GLY E 164 21.18 -19.80 -4.17
N LEU E 165 21.26 -18.53 -4.54
CA LEU E 165 20.11 -17.63 -4.39
C LEU E 165 19.63 -17.12 -5.75
N PHE E 166 18.34 -16.78 -5.81
CA PHE E 166 17.84 -16.07 -6.97
C PHE E 166 18.57 -14.73 -7.09
N ASP E 167 19.17 -14.49 -8.25
CA ASP E 167 19.83 -13.24 -8.55
C ASP E 167 18.80 -12.28 -9.14
N ALA E 168 18.32 -11.37 -8.31
CA ALA E 168 17.30 -10.41 -8.76
C ALA E 168 17.87 -9.46 -9.79
N THR E 169 19.20 -9.36 -9.83
CA THR E 169 19.88 -8.49 -10.79
C THR E 169 19.84 -9.05 -12.23
N THR E 170 19.24 -10.22 -12.41
CA THR E 170 18.97 -10.75 -13.75
C THR E 170 17.71 -10.10 -14.32
N LEU E 171 16.91 -9.51 -13.44
CA LEU E 171 15.73 -8.77 -13.84
C LEU E 171 16.11 -7.33 -14.21
N GLY E 172 17.17 -6.83 -13.55
CA GLY E 172 17.63 -5.46 -13.66
C GLY E 172 17.08 -4.59 -14.77
N ASN E 173 17.47 -4.90 -16.00
CA ASN E 173 17.07 -4.11 -17.18
C ASN E 173 15.55 -3.91 -17.30
N LYS E 174 14.80 -4.61 -16.45
CA LYS E 174 13.35 -4.50 -16.43
C LYS E 174 12.86 -4.07 -15.06
N CYS E 175 13.77 -4.04 -14.08
CA CYS E 175 13.41 -3.65 -12.71
C CYS E 175 12.89 -2.21 -12.67
N GLN E 176 11.86 -2.00 -11.85
CA GLN E 176 11.32 -0.69 -11.59
C GLN E 176 11.10 -0.54 -10.09
N TYR E 177 11.18 0.69 -9.59
CA TYR E 177 11.01 0.97 -8.17
C TYR E 177 10.11 2.19 -7.99
N ASP E 178 9.10 2.06 -7.14
CA ASP E 178 8.12 3.13 -6.98
C ASP E 178 8.54 4.15 -5.93
N ASP E 179 9.56 4.93 -6.25
CA ASP E 179 10.08 5.94 -5.34
C ASP E 179 9.02 6.93 -4.82
N GLU E 180 8.09 7.33 -5.69
CA GLU E 180 7.01 8.23 -5.27
C GLU E 180 6.21 7.64 -4.12
N THR E 181 5.69 6.43 -4.31
CA THR E 181 4.92 5.77 -3.29
C THR E 181 5.78 5.55 -2.03
N LEU E 182 7.02 5.12 -2.24
CA LEU E 182 7.95 4.91 -1.13
C LEU E 182 8.04 6.16 -0.26
N GLN E 183 8.26 7.30 -0.91
CA GLN E 183 8.40 8.55 -0.19
C GLN E 183 7.09 8.92 0.48
N LYS E 184 5.99 8.79 -0.25
CA LYS E 184 4.69 9.17 0.26
C LYS E 184 4.25 8.34 1.48
N LEU E 185 4.42 7.02 1.41
CA LEU E 185 4.01 6.16 2.54
C LEU E 185 4.92 6.31 3.77
N LEU E 186 6.19 6.64 3.55
CA LEU E 186 7.11 6.84 4.66
C LEU E 186 6.66 8.04 5.50
N LYS E 187 6.20 9.09 4.82
CA LYS E 187 5.75 10.31 5.48
C LYS E 187 4.35 10.13 6.05
N GLN E 188 3.58 9.23 5.46
CA GLN E 188 2.16 9.07 5.77
C GLN E 188 1.93 8.50 7.16
N SER E 189 0.93 9.05 7.84
CA SER E 189 0.57 8.60 9.19
C SER E 189 -0.22 7.28 9.19
N PHE E 190 0.18 6.36 10.08
CA PHE E 190 -0.54 5.09 10.29
C PHE E 190 -0.89 4.87 11.76
N PRO E 191 -1.95 5.54 12.25
CA PRO E 191 -2.28 5.44 13.67
C PRO E 191 -2.63 4.04 14.18
N ASN E 192 -3.07 3.13 13.31
CA ASN E 192 -3.32 1.75 13.75
C ASN E 192 -2.05 0.95 14.03
N TYR E 193 -0.89 1.44 13.57
CA TYR E 193 0.36 0.70 13.69
C TYR E 193 1.48 1.46 14.41
N GLU E 194 1.30 2.75 14.56
CA GLU E 194 2.25 3.56 15.32
C GLU E 194 1.92 3.43 16.80
N LYS E 195 2.82 2.82 17.56
CA LYS E 195 2.58 2.49 18.98
C LYS E 195 2.08 1.06 19.13
N SER F 1 -6.04 -13.29 9.15
CA SER F 1 -7.11 -12.75 8.30
C SER F 1 -7.63 -11.37 8.78
N GLY F 2 -7.62 -11.16 10.10
CA GLY F 2 -8.04 -9.88 10.65
C GLY F 2 -9.50 -9.86 11.08
N CYS F 3 -10.17 -8.73 10.87
CA CYS F 3 -11.60 -8.63 11.15
C CYS F 3 -12.37 -9.46 10.12
N SER F 4 -13.43 -10.12 10.57
CA SER F 4 -14.25 -10.92 9.66
C SER F 4 -15.25 -10.05 8.90
N THR F 5 -15.56 -10.46 7.67
CA THR F 5 -16.65 -9.87 6.93
C THR F 5 -17.86 -10.79 7.06
N VAL F 6 -19.00 -10.22 7.41
CA VAL F 6 -20.22 -11.00 7.56
C VAL F 6 -21.36 -10.39 6.77
N ASP F 7 -22.23 -11.24 6.23
CA ASP F 7 -23.43 -10.77 5.56
C ASP F 7 -24.23 -9.92 6.53
N THR F 8 -24.78 -8.83 6.02
CA THR F 8 -25.52 -7.88 6.85
C THR F 8 -26.94 -7.73 6.34
N VAL F 9 -27.81 -7.17 7.18
CA VAL F 9 -29.18 -6.87 6.79
C VAL F 9 -29.18 -6.15 5.44
N LYS F 10 -30.01 -6.63 4.51
CA LYS F 10 -29.98 -6.13 3.13
C LYS F 10 -30.49 -4.71 2.96
N ASP F 11 -31.68 -4.42 3.48
CA ASP F 11 -32.22 -3.07 3.42
C ASP F 11 -32.38 -2.48 4.82
N PHE F 12 -31.25 -2.13 5.42
CA PHE F 12 -31.20 -1.61 6.79
C PHE F 12 -31.93 -0.29 6.93
N ASN F 13 -32.96 -0.27 7.76
CA ASN F 13 -33.71 0.95 8.05
C ASN F 13 -33.07 1.73 9.20
N LYS F 14 -32.19 2.68 8.86
CA LYS F 14 -31.47 3.45 9.86
C LYS F 14 -32.39 4.32 10.74
N ASP F 15 -33.63 4.51 10.34
CA ASP F 15 -34.57 5.29 11.15
C ASP F 15 -35.24 4.42 12.22
N ASN F 16 -35.63 3.21 11.84
CA ASN F 16 -36.29 2.30 12.78
C ASN F 16 -35.33 1.51 13.66
N PHE F 17 -34.04 1.68 13.42
CA PHE F 17 -33.05 1.00 14.26
C PHE F 17 -32.44 1.93 15.31
N PHE F 18 -31.90 3.06 14.87
CA PHE F 18 -31.17 3.95 15.77
C PHE F 18 -32.08 4.86 16.60
N THR F 19 -32.87 4.22 17.46
CA THR F 19 -33.69 4.94 18.42
C THR F 19 -33.87 4.07 19.65
N GLY F 20 -34.11 4.71 20.79
CA GLY F 20 -34.42 4.01 22.02
C GLY F 20 -33.17 3.46 22.71
N SER F 21 -33.35 2.37 23.44
CA SER F 21 -32.26 1.75 24.18
C SER F 21 -32.11 0.28 23.79
N TRP F 22 -30.91 -0.25 23.99
CA TRP F 22 -30.68 -1.68 23.79
C TRP F 22 -29.98 -2.27 24.99
N TYR F 23 -30.07 -3.59 25.12
CA TYR F 23 -29.28 -4.31 26.11
C TYR F 23 -28.50 -5.39 25.38
N THR F 25 -27.61 -8.88 25.69
CA THR F 25 -28.12 -9.98 26.49
C THR F 25 -27.24 -11.23 26.37
N HIS F 26 -26.63 -11.41 25.21
CA HIS F 26 -25.68 -12.50 25.02
C HIS F 26 -24.56 -11.99 24.15
N TYR F 27 -23.34 -12.44 24.42
CA TYR F 27 -22.25 -12.12 23.52
C TYR F 27 -21.08 -13.08 23.64
N LYS F 28 -20.30 -13.13 22.58
CA LYS F 28 -19.01 -13.78 22.58
C LYS F 28 -17.98 -12.68 22.35
N LEU F 29 -16.91 -12.69 23.14
CA LEU F 29 -15.86 -11.70 23.03
C LEU F 29 -14.50 -12.36 22.81
N GLY F 30 -14.01 -12.32 21.59
CA GLY F 30 -12.70 -12.85 21.27
C GLY F 30 -12.65 -14.37 21.21
N ASP F 31 -11.45 -14.90 21.00
CA ASP F 31 -11.22 -16.33 20.84
C ASP F 31 -11.14 -17.10 22.17
N SER F 32 -10.55 -16.47 23.18
CA SER F 32 -10.29 -17.11 24.46
C SER F 32 -11.54 -17.33 25.30
N THR F 33 -11.37 -18.14 26.33
CA THR F 33 -12.44 -18.36 27.29
C THR F 33 -12.69 -17.05 28.07
N LEU F 34 -13.95 -16.67 28.19
CA LEU F 34 -14.31 -15.40 28.81
C LEU F 34 -13.90 -15.33 30.28
N GLU F 35 -13.09 -14.34 30.61
CA GLU F 35 -12.69 -14.13 32.00
C GLU F 35 -13.72 -13.26 32.67
N VAL F 36 -13.76 -13.31 34.00
CA VAL F 36 -14.78 -12.59 34.75
C VAL F 36 -14.71 -11.07 34.53
N GLY F 37 -13.50 -10.53 34.36
CA GLY F 37 -13.34 -9.11 34.07
C GLY F 37 -13.98 -8.71 32.75
N ASP F 38 -14.33 -9.70 31.94
CA ASP F 38 -14.94 -9.44 30.63
C ASP F 38 -16.40 -9.85 30.60
N LYS F 39 -16.96 -10.14 31.77
CA LYS F 39 -18.38 -10.40 31.90
C LYS F 39 -19.10 -9.15 32.41
N ASN F 40 -19.70 -8.42 31.48
CA ASN F 40 -20.27 -7.11 31.80
C ASN F 40 -21.74 -6.98 31.45
N CYS F 41 -22.43 -6.07 32.12
CA CYS F 41 -23.81 -5.77 31.81
C CYS F 41 -23.85 -4.48 31.00
N THR F 42 -24.32 -4.57 29.77
CA THR F 42 -24.27 -3.42 28.88
C THR F 42 -25.65 -2.94 28.40
N LYS F 43 -25.81 -1.61 28.41
CA LYS F 43 -27.00 -0.98 27.86
C LYS F 43 -26.62 0.31 27.14
N PHE F 44 -27.27 0.59 26.03
CA PHE F 44 -26.97 1.81 25.30
C PHE F 44 -28.21 2.50 24.74
N LEU F 45 -28.12 3.83 24.65
CA LEU F 45 -29.15 4.65 24.03
C LEU F 45 -28.53 5.17 22.75
N HIS F 46 -29.29 5.21 21.67
CA HIS F 46 -28.75 5.90 20.49
C HIS F 46 -29.76 6.67 19.66
N GLN F 47 -29.24 7.61 18.88
CA GLN F 47 -30.06 8.58 18.18
C GLN F 47 -29.51 8.80 16.78
N LYS F 48 -30.36 9.39 15.93
CA LYS F 48 -29.96 9.86 14.61
C LYS F 48 -30.60 11.22 14.38
N THR F 49 -29.76 12.26 14.33
CA THR F 49 -30.24 13.62 14.12
C THR F 49 -30.46 13.88 12.63
N ALA F 50 -31.31 14.86 12.33
CA ALA F 50 -31.65 15.19 10.94
C ALA F 50 -30.41 15.49 10.11
N ASP F 51 -29.36 15.96 10.77
CA ASP F 51 -28.09 16.24 10.10
C ASP F 51 -27.40 14.96 9.65
N GLY F 52 -28.01 13.81 9.97
CA GLY F 52 -27.50 12.52 9.54
C GLY F 52 -26.46 11.90 10.47
N LYS F 53 -26.28 12.50 11.63
CA LYS F 53 -25.27 12.03 12.58
C LYS F 53 -25.84 10.97 13.53
N ILE F 54 -25.04 9.95 13.81
CA ILE F 54 -25.48 8.86 14.69
C ILE F 54 -24.61 8.76 15.92
N LYS F 55 -25.24 8.57 17.07
CA LYS F 55 -24.54 8.54 18.35
C LYS F 55 -25.03 7.41 19.24
N GLU F 56 -24.11 6.58 19.72
CA GLU F 56 -24.44 5.45 20.56
C GLU F 56 -23.67 5.54 21.88
N VAL F 57 -24.39 5.66 23.00
CA VAL F 57 -23.72 5.73 24.29
C VAL F 57 -23.86 4.43 25.06
N PHE F 58 -22.74 3.95 25.62
CA PHE F 58 -22.69 2.63 26.25
C PHE F 58 -22.33 2.68 27.73
N SER F 59 -23.16 2.02 28.54
CA SER F 59 -22.88 1.80 29.94
C SER F 59 -22.51 0.34 30.16
N ASN F 60 -21.30 0.10 30.67
CA ASN F 60 -20.82 -1.26 30.87
C ASN F 60 -20.49 -1.52 32.34
N TYR F 61 -21.21 -2.47 32.94
CA TYR F 61 -21.07 -2.76 34.35
C TYR F 61 -20.44 -4.12 34.60
N ASN F 62 -19.46 -4.17 35.50
CA ASN F 62 -18.81 -5.43 35.89
C ASN F 62 -19.22 -5.81 37.31
N PRO F 63 -20.18 -6.74 37.44
CA PRO F 63 -20.73 -7.17 38.74
C PRO F 63 -19.67 -7.72 39.71
N ASN F 64 -18.64 -8.39 39.20
CA ASN F 64 -17.58 -8.91 40.07
C ASN F 64 -16.79 -7.80 40.75
N ALA F 65 -16.45 -6.77 39.97
CA ALA F 65 -15.66 -5.65 40.49
C ALA F 65 -16.54 -4.45 40.82
N LYS F 66 -17.84 -4.58 40.59
CA LYS F 66 -18.77 -3.49 40.83
C LYS F 66 -18.19 -2.18 40.28
N THR F 67 -17.97 -2.14 38.97
CA THR F 67 -17.39 -0.96 38.32
C THR F 67 -17.97 -0.75 36.93
N TYR F 68 -17.98 0.50 36.48
CA TYR F 68 -18.51 0.86 35.18
C TYR F 68 -17.41 1.26 34.21
N SER F 69 -17.67 1.09 32.92
CA SER F 69 -16.87 1.77 31.90
C SER F 69 -17.85 2.29 30.88
N TYR F 70 -17.49 3.38 30.22
CA TYR F 70 -18.38 4.00 29.24
C TYR F 70 -17.64 4.23 27.93
N ASP F 71 -18.36 4.09 26.83
CA ASP F 71 -17.80 4.42 25.53
C ASP F 71 -18.90 4.95 24.60
N ILE F 72 -18.50 5.65 23.55
CA ILE F 72 -19.47 6.30 22.67
C ILE F 72 -19.07 6.12 21.21
N SER F 73 -19.96 5.55 20.41
CA SER F 73 -19.72 5.44 18.97
C SER F 73 -20.30 6.63 18.22
N PHE F 74 -19.46 7.30 17.44
CA PHE F 74 -19.92 8.36 16.56
C PHE F 74 -19.86 7.90 15.12
N ALA F 75 -20.89 8.20 14.35
CA ALA F 75 -20.93 7.80 12.95
C ALA F 75 -21.81 8.74 12.14
N LYS F 76 -21.65 8.68 10.83
CA LYS F 76 -22.46 9.48 9.92
C LYS F 76 -23.18 8.55 8.97
N VAL F 77 -24.27 9.02 8.37
CA VAL F 77 -25.03 8.20 7.43
C VAL F 77 -24.18 7.78 6.22
N SER F 78 -23.22 8.63 5.86
CA SER F 78 -22.33 8.33 4.74
C SER F 78 -21.31 7.26 5.10
N ASP F 79 -21.29 6.88 6.38
CA ASP F 79 -20.36 5.87 6.85
C ASP F 79 -20.91 4.47 6.63
N PHE F 80 -22.11 4.39 6.06
CA PHE F 80 -22.76 3.12 5.85
C PHE F 80 -22.46 2.50 4.48
N ASP F 81 -22.27 1.19 4.46
CA ASP F 81 -22.05 0.48 3.20
C ASP F 81 -23.37 0.26 2.48
N GLY F 82 -23.59 1.05 1.43
CA GLY F 82 -24.81 0.97 0.64
C GLY F 82 -26.05 1.02 1.51
N ASN F 83 -27.04 0.19 1.17
CA ASN F 83 -28.28 0.09 1.95
C ASN F 83 -28.17 -0.99 3.02
N ASN F 84 -26.96 -1.55 3.18
CA ASN F 84 -26.72 -2.62 4.13
C ASN F 84 -26.59 -2.17 5.58
N GLY F 85 -26.85 -3.08 6.50
CA GLY F 85 -26.60 -2.84 7.91
C GLY F 85 -25.14 -3.10 8.20
N LYS F 86 -24.29 -2.15 7.81
CA LYS F 86 -22.85 -2.29 7.94
C LYS F 86 -22.19 -0.93 7.84
N TYR F 87 -21.45 -0.52 8.87
CA TYR F 87 -20.83 0.79 8.89
C TYR F 87 -19.56 0.84 9.73
N THR F 88 -18.81 1.92 9.56
CA THR F 88 -17.65 2.20 10.39
C THR F 88 -17.95 3.36 11.33
N ALA F 89 -17.70 3.15 12.62
CA ALA F 89 -17.92 4.19 13.61
C ALA F 89 -16.60 4.54 14.28
N LYS F 90 -16.47 5.80 14.68
CA LYS F 90 -15.39 6.17 15.56
C LYS F 90 -15.90 5.94 16.98
N ASN F 91 -15.14 5.19 17.77
CA ASN F 91 -15.58 4.91 19.13
C ASN F 91 -14.61 5.44 20.18
N VAL F 92 -15.13 6.30 21.06
CA VAL F 92 -14.32 6.89 22.10
C VAL F 92 -14.66 6.33 23.47
N ILE F 93 -13.67 5.76 24.13
CA ILE F 93 -13.81 5.32 25.51
C ILE F 93 -13.69 6.55 26.41
N VAL F 94 -14.72 6.81 27.21
CA VAL F 94 -14.79 8.05 27.97
C VAL F 94 -14.99 7.85 29.47
N GLU F 95 -14.66 8.88 30.24
CA GLU F 95 -14.97 8.93 31.66
C GLU F 95 -16.48 9.12 31.83
N LYS F 96 -16.95 9.07 33.07
CA LYS F 96 -18.37 9.20 33.34
C LYS F 96 -18.85 10.61 32.98
N ASP F 97 -17.91 11.54 32.83
CA ASP F 97 -18.25 12.92 32.54
C ASP F 97 -18.07 13.28 31.07
N GLY F 98 -17.64 12.30 30.27
CA GLY F 98 -17.47 12.51 28.84
C GLY F 98 -16.05 12.78 28.38
N ARG F 99 -15.11 12.72 29.32
CA ARG F 99 -13.70 12.97 29.04
C ARG F 99 -13.06 11.82 28.27
N LYS F 100 -12.24 12.16 27.27
CA LYS F 100 -11.58 11.16 26.45
C LYS F 100 -10.59 10.32 27.26
N ILE F 101 -10.67 9.00 27.11
CA ILE F 101 -9.72 8.07 27.71
C ILE F 101 -8.89 7.41 26.61
N ASP F 102 -9.59 6.95 25.58
CA ASP F 102 -8.96 6.24 24.47
C ASP F 102 -9.95 6.24 23.31
N GLU F 103 -9.46 6.02 22.09
CA GLU F 103 -10.36 5.93 20.94
C GLU F 103 -9.88 4.92 19.90
N ARG F 104 -10.82 4.49 19.06
CA ARG F 104 -10.58 3.42 18.09
C ARG F 104 -11.66 3.53 17.03
N THR F 105 -11.52 2.78 15.94
CA THR F 105 -12.61 2.67 14.99
C THR F 105 -13.18 1.25 15.06
N LEU F 106 -14.45 1.10 14.74
CA LEU F 106 -15.10 -0.20 14.80
C LEU F 106 -15.89 -0.48 13.53
N GLN F 107 -15.66 -1.66 12.97
CA GLN F 107 -16.46 -2.13 11.85
C GLN F 107 -17.67 -2.88 12.42
N VAL F 108 -18.83 -2.25 12.32
CA VAL F 108 -20.08 -2.77 12.86
C VAL F 108 -20.89 -3.47 11.75
N SER F 109 -21.20 -4.75 11.96
CA SER F 109 -22.01 -5.50 10.99
C SER F 109 -23.28 -6.10 11.61
N TYR F 110 -24.44 -5.64 11.16
CA TYR F 110 -25.71 -6.19 11.65
C TYR F 110 -26.17 -7.41 10.86
N ILE F 111 -26.09 -8.58 11.52
CA ILE F 111 -26.36 -9.85 10.89
C ILE F 111 -27.85 -10.01 10.67
N ASP F 112 -28.64 -9.52 11.61
CA ASP F 112 -30.08 -9.59 11.48
C ASP F 112 -30.71 -8.61 12.46
N THR F 113 -32.02 -8.40 12.35
CA THR F 113 -32.72 -7.51 13.25
C THR F 113 -34.18 -7.40 12.83
N ASP F 114 -35.05 -7.15 13.81
CA ASP F 114 -36.44 -6.84 13.54
C ASP F 114 -36.75 -5.42 14.01
N TYR F 115 -35.72 -4.72 14.47
CA TYR F 115 -35.82 -3.31 14.84
C TYR F 115 -36.51 -3.09 16.19
N SER F 116 -37.60 -3.81 16.44
CA SER F 116 -38.43 -3.55 17.61
C SER F 116 -38.17 -4.51 18.77
N LYS F 117 -37.47 -5.60 18.50
CA LYS F 117 -37.22 -6.60 19.53
C LYS F 117 -35.75 -6.96 19.67
N TYR F 118 -35.15 -7.40 18.57
CA TYR F 118 -33.80 -7.96 18.62
C TYR F 118 -32.92 -7.50 17.47
N SER F 119 -31.62 -7.57 17.70
CA SER F 119 -30.61 -7.47 16.65
C SER F 119 -29.46 -8.41 16.97
N VAL F 120 -28.75 -8.86 15.95
CA VAL F 120 -27.57 -9.69 16.14
C VAL F 120 -26.40 -9.02 15.42
N VAL F 121 -25.42 -8.54 16.19
CA VAL F 121 -24.35 -7.74 15.60
C VAL F 121 -22.96 -8.37 15.74
N HIS F 122 -22.06 -7.95 14.84
CA HIS F 122 -20.64 -8.25 14.92
C HIS F 122 -19.90 -6.93 14.97
N VAL F 123 -19.05 -6.75 15.97
CA VAL F 123 -18.25 -5.53 16.10
C VAL F 123 -16.78 -5.91 16.15
N CYS F 124 -15.96 -5.23 15.37
CA CYS F 124 -14.53 -5.55 15.33
C CYS F 124 -13.65 -4.33 15.12
N ASP F 125 -12.59 -4.23 15.91
CA ASP F 125 -11.60 -3.18 15.81
C ASP F 125 -10.48 -3.68 14.89
N PRO F 126 -10.40 -3.12 13.67
CA PRO F 126 -9.40 -3.57 12.69
C PRO F 126 -7.96 -3.33 13.13
N ALA F 127 -7.74 -2.46 14.11
CA ALA F 127 -6.40 -2.24 14.64
C ALA F 127 -6.07 -3.26 15.71
N ALA F 128 -7.11 -3.91 16.23
CA ALA F 128 -6.97 -4.91 17.28
C ALA F 128 -8.04 -5.99 17.13
N PRO F 129 -7.96 -6.77 16.03
CA PRO F 129 -8.99 -7.72 15.59
C PRO F 129 -9.22 -8.93 16.50
N ASP F 130 -8.28 -9.21 17.41
CA ASP F 130 -8.51 -10.23 18.43
C ASP F 130 -9.61 -9.76 19.37
N TYR F 131 -9.81 -8.45 19.43
CA TYR F 131 -10.99 -7.88 20.08
C TYR F 131 -12.11 -7.83 19.07
N TYR F 132 -12.89 -8.89 19.02
CA TYR F 132 -14.09 -8.94 18.20
C TYR F 132 -15.20 -9.41 19.11
N TYR F 134 -19.39 -10.79 18.98
CA TYR F 134 -20.66 -11.13 18.36
C TYR F 134 -21.68 -11.01 19.48
N ALA F 135 -22.64 -10.10 19.33
CA ALA F 135 -23.60 -9.84 20.40
C ALA F 135 -25.04 -9.99 19.97
N VAL F 136 -25.82 -10.60 20.85
CA VAL F 136 -27.26 -10.59 20.75
C VAL F 136 -27.74 -9.42 21.61
N GLN F 137 -28.61 -8.60 21.02
CA GLN F 137 -29.04 -7.37 21.68
C GLN F 137 -30.56 -7.30 21.71
N SER F 138 -31.11 -6.73 22.76
CA SER F 138 -32.56 -6.75 22.94
C SER F 138 -33.10 -5.44 23.48
N ARG F 139 -34.33 -5.13 23.08
CA ARG F 139 -35.04 -3.95 23.59
C ARG F 139 -35.40 -4.15 25.05
N THR F 140 -35.33 -5.40 25.51
CA THR F 140 -35.56 -5.73 26.91
C THR F 140 -34.40 -6.57 27.45
N GLU F 141 -34.28 -6.64 28.78
CA GLU F 141 -33.17 -7.36 29.40
C GLU F 141 -33.17 -8.86 29.06
N ASN F 142 -34.29 -9.34 28.51
CA ASN F 142 -34.37 -10.73 28.07
C ASN F 142 -34.83 -10.87 26.62
N VAL F 143 -34.52 -12.00 26.01
CA VAL F 143 -34.91 -12.26 24.62
C VAL F 143 -36.26 -13.00 24.55
N LYS F 144 -37.23 -12.37 23.89
CA LYS F 144 -38.56 -12.95 23.71
C LYS F 144 -38.47 -14.32 23.03
N GLU F 145 -39.21 -15.29 23.56
CA GLU F 145 -39.08 -16.68 23.11
C GLU F 145 -39.35 -16.89 21.61
N ASP F 146 -40.21 -16.04 21.05
CA ASP F 146 -40.59 -16.17 19.63
C ASP F 146 -39.46 -15.75 18.69
N VAL F 147 -38.50 -14.98 19.20
CA VAL F 147 -37.41 -14.49 18.39
C VAL F 147 -36.14 -15.29 18.66
N LYS F 148 -36.15 -16.07 19.74
CA LYS F 148 -35.02 -16.92 20.07
C LYS F 148 -34.63 -17.75 18.87
N SER F 149 -35.63 -18.27 18.18
CA SER F 149 -35.42 -19.09 16.98
C SER F 149 -34.75 -18.27 15.87
N LYS F 150 -35.21 -17.04 15.67
CA LYS F 150 -34.62 -16.18 14.65
C LYS F 150 -33.18 -15.80 14.99
N VAL F 151 -32.92 -15.60 16.28
CA VAL F 151 -31.60 -15.21 16.72
C VAL F 151 -30.62 -16.37 16.49
N GLU F 152 -31.07 -17.58 16.80
CA GLU F 152 -30.23 -18.76 16.65
C GLU F 152 -29.93 -19.01 15.18
N ALA F 153 -30.92 -18.78 14.32
CA ALA F 153 -30.70 -18.89 12.90
C ALA F 153 -29.61 -17.93 12.44
N ALA F 154 -29.70 -16.67 12.89
CA ALA F 154 -28.69 -15.65 12.60
C ALA F 154 -27.32 -16.10 13.07
N LEU F 155 -27.24 -16.60 14.30
CA LEU F 155 -25.98 -17.06 14.85
C LEU F 155 -25.37 -18.19 14.00
N GLY F 156 -26.22 -19.08 13.52
CA GLY F 156 -25.78 -20.17 12.66
C GLY F 156 -25.10 -19.67 11.39
N LYS F 157 -25.59 -18.55 10.87
CA LYS F 157 -24.97 -17.92 9.70
C LYS F 157 -23.52 -17.51 9.96
N VAL F 158 -23.17 -17.36 11.23
CA VAL F 158 -21.78 -17.02 11.58
C VAL F 158 -21.12 -18.13 12.40
N GLY F 159 -21.64 -19.35 12.26
CA GLY F 159 -21.06 -20.53 12.88
C GLY F 159 -21.16 -20.60 14.39
N LEU F 160 -22.16 -19.94 14.97
CA LEU F 160 -22.29 -19.88 16.42
C LEU F 160 -23.64 -20.33 16.94
N LYS F 161 -23.64 -20.89 18.15
CA LYS F 161 -24.85 -21.28 18.86
C LYS F 161 -25.14 -20.30 20.00
N LEU F 162 -26.40 -19.88 20.12
CA LEU F 162 -26.83 -19.02 21.23
C LEU F 162 -26.36 -19.55 22.59
N SER F 163 -26.54 -20.85 22.81
CA SER F 163 -26.17 -21.45 24.08
C SER F 163 -24.65 -21.56 24.21
N GLY F 164 -23.94 -21.19 23.16
CA GLY F 164 -22.50 -21.13 23.20
C GLY F 164 -21.97 -19.76 23.61
N LEU F 165 -22.88 -18.79 23.76
CA LEU F 165 -22.50 -17.44 24.17
C LEU F 165 -22.64 -17.21 25.67
N PHE F 166 -21.97 -16.18 26.18
CA PHE F 166 -22.16 -15.74 27.56
C PHE F 166 -23.54 -15.13 27.77
N ASP F 167 -24.35 -15.79 28.58
CA ASP F 167 -25.68 -15.29 28.91
C ASP F 167 -25.55 -14.23 29.99
N ALA F 168 -25.32 -13.00 29.58
CA ALA F 168 -25.06 -11.92 30.52
C ALA F 168 -26.18 -11.76 31.53
N THR F 169 -27.43 -11.85 31.07
CA THR F 169 -28.57 -11.70 31.96
C THR F 169 -28.84 -12.95 32.80
N THR F 170 -27.77 -13.70 33.06
CA THR F 170 -27.79 -14.76 34.08
C THR F 170 -27.07 -14.21 35.31
N LEU F 171 -26.63 -12.96 35.22
CA LEU F 171 -26.01 -12.26 36.34
C LEU F 171 -27.11 -11.73 37.25
N GLY F 172 -28.30 -12.30 37.08
CA GLY F 172 -29.45 -11.96 37.88
C GLY F 172 -29.64 -10.46 37.98
N ASN F 173 -30.01 -10.01 39.17
CA ASN F 173 -30.24 -8.60 39.46
C ASN F 173 -28.95 -7.88 39.81
N LYS F 174 -27.83 -8.59 39.69
CA LYS F 174 -26.53 -8.02 39.97
C LYS F 174 -26.16 -7.08 38.83
N CYS F 175 -26.76 -7.31 37.67
CA CYS F 175 -26.66 -6.38 36.55
C CYS F 175 -27.24 -5.03 36.94
N GLN F 176 -26.52 -3.96 36.59
CA GLN F 176 -27.00 -2.60 36.80
C GLN F 176 -26.70 -1.78 35.56
N TYR F 177 -27.45 -0.69 35.37
CA TYR F 177 -27.29 0.14 34.19
C TYR F 177 -27.36 1.62 34.52
N ASP F 178 -26.28 2.34 34.27
CA ASP F 178 -26.20 3.76 34.59
C ASP F 178 -27.06 4.63 33.66
N ASP F 179 -28.37 4.58 33.85
CA ASP F 179 -29.30 5.35 33.04
C ASP F 179 -29.03 6.86 33.12
N GLU F 180 -28.60 7.33 34.29
CA GLU F 180 -28.24 8.73 34.46
C GLU F 180 -27.18 9.17 33.46
N THR F 181 -26.07 8.46 33.44
CA THR F 181 -24.96 8.79 32.55
C THR F 181 -25.32 8.60 31.10
N LEU F 182 -26.01 7.51 30.78
CA LEU F 182 -26.45 7.25 29.42
C LEU F 182 -27.26 8.43 28.85
N GLN F 183 -28.15 8.99 29.66
CA GLN F 183 -29.02 10.10 29.25
C GLN F 183 -28.26 11.42 29.18
N LYS F 184 -27.32 11.62 30.10
CA LYS F 184 -26.47 12.81 30.07
C LYS F 184 -25.60 12.82 28.81
N LEU F 185 -24.89 11.72 28.58
CA LEU F 185 -23.89 11.69 27.51
C LEU F 185 -24.53 11.73 26.13
N LEU F 186 -25.66 11.07 25.95
CA LEU F 186 -26.38 11.15 24.69
C LEU F 186 -26.73 12.60 24.37
N LYS F 187 -27.13 13.34 25.39
CA LYS F 187 -27.50 14.74 25.22
C LYS F 187 -26.26 15.61 25.12
N GLN F 188 -25.26 15.29 25.92
CA GLN F 188 -24.05 16.10 26.03
C GLN F 188 -23.29 16.19 24.71
N SER F 189 -22.68 17.34 24.47
CA SER F 189 -22.04 17.64 23.18
C SER F 189 -20.54 17.34 23.14
N PHE F 190 -20.11 16.71 22.06
CA PHE F 190 -18.69 16.46 21.80
C PHE F 190 -18.31 17.01 20.44
N PRO F 191 -17.89 18.28 20.41
CA PRO F 191 -17.55 19.00 19.17
C PRO F 191 -16.44 18.33 18.36
N ASN F 192 -15.59 17.56 19.03
CA ASN F 192 -14.47 16.93 18.34
C ASN F 192 -14.87 15.70 17.55
N TYR F 193 -16.12 15.26 17.76
CA TYR F 193 -16.59 14.01 17.15
C TYR F 193 -17.95 14.13 16.45
N GLU F 194 -18.76 15.09 16.87
CA GLU F 194 -20.10 15.26 16.32
C GLU F 194 -20.33 16.67 15.76
N CYS G 3 -4.90 -18.83 66.33
CA CYS G 3 -3.95 -19.53 65.48
C CYS G 3 -2.64 -19.75 66.20
N SER G 4 -1.99 -20.88 65.95
CA SER G 4 -0.73 -21.20 66.61
C SER G 4 0.49 -20.88 65.76
N THR G 5 1.61 -20.63 66.43
CA THR G 5 2.87 -20.33 65.77
C THR G 5 3.83 -21.51 65.88
N VAL G 6 4.39 -21.92 64.75
CA VAL G 6 5.31 -23.05 64.72
C VAL G 6 6.65 -22.65 64.10
N ASP G 7 7.73 -23.31 64.51
CA ASP G 7 9.03 -23.06 63.92
C ASP G 7 8.94 -23.18 62.42
N THR G 8 9.65 -22.32 61.70
CA THR G 8 9.69 -22.46 60.25
C THR G 8 11.12 -22.60 59.74
N VAL G 9 11.25 -22.97 58.48
CA VAL G 9 12.55 -23.15 57.85
C VAL G 9 13.30 -21.83 57.84
N LYS G 10 14.49 -21.81 58.42
CA LYS G 10 15.33 -20.61 58.36
C LYS G 10 16.02 -20.55 57.00
N ASP G 11 16.29 -19.34 56.53
CA ASP G 11 16.92 -19.14 55.22
C ASP G 11 16.13 -19.86 54.14
N PHE G 12 14.81 -19.73 54.21
CA PHE G 12 13.87 -20.34 53.27
C PHE G 12 14.06 -19.76 51.88
N ASN G 13 14.49 -20.60 50.94
CA ASN G 13 14.78 -20.15 49.58
C ASN G 13 13.54 -20.06 48.70
N LYS G 14 13.09 -18.84 48.44
CA LYS G 14 11.84 -18.62 47.71
C LYS G 14 11.91 -19.04 46.24
N ASP G 15 13.04 -18.77 45.59
CA ASP G 15 13.23 -19.19 44.21
C ASP G 15 13.28 -20.72 44.04
N ASN G 16 13.91 -21.41 44.98
CA ASN G 16 13.92 -22.87 44.94
C ASN G 16 12.52 -23.44 45.18
N PHE G 17 11.66 -22.64 45.81
CA PHE G 17 10.38 -23.16 46.29
C PHE G 17 9.18 -22.90 45.38
N PHE G 18 9.00 -21.65 44.97
CA PHE G 18 7.79 -21.25 44.24
C PHE G 18 7.87 -21.45 42.74
N THR G 19 7.86 -22.71 42.32
CA THR G 19 7.90 -23.12 40.93
C THR G 19 7.07 -24.39 40.74
N GLY G 20 6.75 -24.72 39.49
CA GLY G 20 6.11 -25.96 39.17
C GLY G 20 4.80 -26.22 39.89
N SER G 21 4.66 -27.44 40.41
CA SER G 21 3.38 -27.86 40.98
C SER G 21 3.55 -28.73 42.19
N TRP G 22 2.50 -28.82 42.99
CA TRP G 22 2.52 -29.58 44.22
C TRP G 22 1.20 -30.33 44.38
N TYR G 23 1.25 -31.43 45.12
CA TYR G 23 0.07 -32.16 45.52
C TYR G 23 -0.06 -32.16 47.03
N THR G 25 -0.88 -34.32 49.91
CA THR G 25 -0.97 -35.76 50.07
C THR G 25 -1.64 -36.18 51.39
N HIS G 26 -1.27 -35.51 52.48
CA HIS G 26 -1.83 -35.79 53.80
C HIS G 26 -2.19 -34.47 54.48
N TYR G 27 -3.22 -34.48 55.31
CA TYR G 27 -3.56 -33.26 56.05
C TYR G 27 -4.52 -33.46 57.22
N LYS G 28 -4.51 -32.47 58.12
CA LYS G 28 -5.46 -32.41 59.21
C LYS G 28 -6.09 -31.03 59.18
N LEU G 29 -7.42 -30.99 59.18
CA LEU G 29 -8.17 -29.76 59.08
C LEU G 29 -9.03 -29.53 60.31
N GLY G 30 -8.59 -28.63 61.19
CA GLY G 30 -9.31 -28.34 62.41
C GLY G 30 -9.25 -29.47 63.41
N ASP G 31 -10.07 -29.41 64.44
CA ASP G 31 -10.08 -30.45 65.46
C ASP G 31 -11.24 -31.43 65.27
N SER G 32 -12.37 -30.91 64.77
CA SER G 32 -13.54 -31.73 64.53
C SER G 32 -13.20 -32.89 63.61
N THR G 33 -13.84 -34.03 63.83
CA THR G 33 -13.68 -35.17 62.92
C THR G 33 -13.81 -34.67 61.48
N LEU G 34 -13.04 -35.25 60.57
CA LEU G 34 -13.04 -34.80 59.18
C LEU G 34 -14.24 -35.37 58.39
N GLU G 35 -15.12 -34.48 57.95
CA GLU G 35 -16.31 -34.89 57.21
C GLU G 35 -16.07 -35.09 55.71
N VAL G 36 -17.09 -35.61 55.04
CA VAL G 36 -16.97 -36.03 53.65
C VAL G 36 -16.70 -34.86 52.70
N GLY G 37 -17.25 -33.69 52.99
CA GLY G 37 -17.07 -32.52 52.15
C GLY G 37 -15.66 -31.98 52.16
N ASP G 38 -14.92 -32.31 53.22
CA ASP G 38 -13.58 -31.78 53.41
C ASP G 38 -12.47 -32.75 53.02
N LYS G 39 -12.84 -33.88 52.42
CA LYS G 39 -11.86 -34.83 51.93
C LYS G 39 -11.61 -34.62 50.43
N ASN G 40 -10.61 -33.82 50.10
CA ASN G 40 -10.35 -33.47 48.71
C ASN G 40 -8.97 -33.88 48.20
N CYS G 41 -8.84 -34.04 46.88
CA CYS G 41 -7.55 -34.17 46.23
C CYS G 41 -7.14 -32.80 45.69
N THR G 42 -6.08 -32.22 46.26
CA THR G 42 -5.64 -30.90 45.86
C THR G 42 -4.30 -30.93 45.11
N LYS G 43 -4.27 -30.25 43.97
CA LYS G 43 -3.03 -29.96 43.27
C LYS G 43 -2.97 -28.46 43.08
N PHE G 44 -1.76 -27.88 43.16
CA PHE G 44 -1.60 -26.44 42.93
C PHE G 44 -0.35 -26.06 42.18
N LEU G 45 -0.41 -24.93 41.48
CA LEU G 45 0.72 -24.40 40.74
C LEU G 45 1.30 -23.20 41.48
N HIS G 46 2.62 -23.02 41.33
CA HIS G 46 3.35 -21.92 41.95
C HIS G 46 4.01 -21.05 40.92
N GLN G 47 4.04 -19.76 41.20
CA GLN G 47 4.93 -18.86 40.48
C GLN G 47 5.32 -17.66 41.33
N LYS G 48 6.58 -17.27 41.21
CA LYS G 48 7.09 -16.06 41.81
C LYS G 48 7.65 -15.22 40.69
N THR G 49 7.30 -13.94 40.66
CA THR G 49 7.77 -13.04 39.62
C THR G 49 9.08 -12.36 40.03
N ALA G 50 9.71 -11.67 39.08
CA ALA G 50 10.90 -10.86 39.37
C ALA G 50 10.57 -9.72 40.34
N ASP G 51 9.29 -9.32 40.37
CA ASP G 51 8.83 -8.27 41.27
C ASP G 51 8.60 -8.80 42.68
N GLY G 52 8.72 -10.11 42.84
CA GLY G 52 8.55 -10.75 44.14
C GLY G 52 7.09 -10.93 44.51
N LYS G 53 6.24 -10.98 43.49
CA LYS G 53 4.83 -11.32 43.68
C LYS G 53 4.67 -12.84 43.52
N ILE G 54 4.14 -13.48 44.56
CA ILE G 54 3.98 -14.92 44.58
C ILE G 54 2.51 -15.30 44.36
N LYS G 55 2.29 -16.32 43.54
CA LYS G 55 0.94 -16.73 43.18
C LYS G 55 0.80 -18.24 43.31
N GLU G 56 -0.20 -18.66 44.06
CA GLU G 56 -0.44 -20.08 44.29
C GLU G 56 -1.87 -20.42 43.96
N VAL G 57 -2.05 -21.23 42.91
CA VAL G 57 -3.38 -21.54 42.40
C VAL G 57 -3.77 -22.97 42.75
N PHE G 58 -4.89 -23.12 43.45
CA PHE G 58 -5.31 -24.42 43.99
C PHE G 58 -6.51 -25.03 43.28
N SER G 59 -6.41 -26.33 42.99
CA SER G 59 -7.50 -27.11 42.44
C SER G 59 -7.88 -28.19 43.45
N ASN G 60 -9.04 -28.00 44.08
CA ASN G 60 -9.49 -28.91 45.15
C ASN G 60 -10.64 -29.79 44.67
N TYR G 61 -10.39 -31.10 44.60
CA TYR G 61 -11.39 -32.00 44.04
C TYR G 61 -11.99 -32.96 45.07
N ASN G 62 -13.31 -32.96 45.15
CA ASN G 62 -14.04 -33.84 46.05
C ASN G 62 -14.59 -35.05 45.29
N PRO G 63 -14.01 -36.23 45.52
CA PRO G 63 -14.42 -37.47 44.85
C PRO G 63 -15.87 -37.84 45.15
N ASN G 64 -16.33 -37.59 46.37
CA ASN G 64 -17.69 -37.92 46.77
C ASN G 64 -18.74 -37.09 46.03
N ALA G 65 -18.61 -35.77 46.11
CA ALA G 65 -19.52 -34.86 45.42
C ALA G 65 -19.12 -34.70 43.95
N LYS G 66 -17.93 -35.16 43.60
CA LYS G 66 -17.38 -35.01 42.26
C LYS G 66 -17.41 -33.55 41.77
N THR G 67 -16.86 -32.66 42.58
CA THR G 67 -16.88 -31.24 42.28
C THR G 67 -15.55 -30.57 42.65
N TYR G 68 -15.29 -29.41 42.06
CA TYR G 68 -14.06 -28.66 42.28
C TYR G 68 -14.30 -27.34 42.99
N SER G 69 -13.35 -26.97 43.85
CA SER G 69 -13.25 -25.59 44.28
C SER G 69 -11.85 -25.10 43.91
N TYR G 70 -11.73 -23.80 43.65
CA TYR G 70 -10.47 -23.20 43.28
C TYR G 70 -10.19 -22.01 44.17
N ASP G 71 -8.95 -21.85 44.59
CA ASP G 71 -8.55 -20.65 45.30
C ASP G 71 -7.14 -20.23 44.92
N ILE G 72 -6.85 -18.97 45.13
CA ILE G 72 -5.55 -18.41 44.80
C ILE G 72 -5.02 -17.66 46.01
N SER G 73 -3.78 -17.96 46.38
CA SER G 73 -3.07 -17.19 47.39
C SER G 73 -2.14 -16.20 46.72
N PHE G 74 -2.24 -14.94 47.13
CA PHE G 74 -1.36 -13.89 46.63
C PHE G 74 -0.52 -13.42 47.80
N ALA G 75 0.78 -13.28 47.59
CA ALA G 75 1.65 -12.79 48.63
C ALA G 75 2.86 -12.08 48.03
N LYS G 76 3.57 -11.32 48.85
CA LYS G 76 4.73 -10.54 48.46
C LYS G 76 5.95 -11.10 49.18
N VAL G 77 7.12 -11.00 48.56
CA VAL G 77 8.36 -11.36 49.25
C VAL G 77 8.47 -10.61 50.57
N SER G 78 7.97 -9.37 50.58
CA SER G 78 8.07 -8.53 51.76
C SER G 78 7.08 -8.93 52.86
N ASP G 79 6.12 -9.79 52.51
CA ASP G 79 5.14 -10.28 53.48
C ASP G 79 5.71 -11.44 54.30
N PHE G 80 6.98 -11.77 54.05
CA PHE G 80 7.66 -12.83 54.78
C PHE G 80 8.30 -12.32 56.06
N ASP G 81 8.45 -13.22 57.03
CA ASP G 81 9.05 -12.88 58.31
C ASP G 81 10.55 -13.09 58.19
N GLY G 82 11.30 -12.00 58.05
CA GLY G 82 12.73 -12.07 57.87
C GLY G 82 13.06 -13.07 56.79
N ASN G 83 13.95 -14.02 57.09
CA ASN G 83 14.35 -15.04 56.12
C ASN G 83 13.67 -16.39 56.33
N ASN G 84 12.70 -16.43 57.24
CA ASN G 84 11.98 -17.66 57.55
C ASN G 84 10.98 -18.07 56.48
N GLY G 85 10.59 -19.35 56.51
CA GLY G 85 9.56 -19.85 55.61
C GLY G 85 8.17 -19.58 56.17
N LYS G 86 7.94 -18.33 56.59
CA LYS G 86 6.68 -17.93 57.21
C LYS G 86 6.15 -16.65 56.57
N TYR G 87 4.87 -16.65 56.21
CA TYR G 87 4.29 -15.49 55.55
C TYR G 87 2.78 -15.37 55.70
N THR G 88 2.29 -14.19 55.36
CA THR G 88 0.86 -13.89 55.35
C THR G 88 0.39 -13.70 53.90
N ALA G 89 -0.78 -14.23 53.58
CA ALA G 89 -1.28 -14.15 52.22
C ALA G 89 -2.75 -13.81 52.14
N LYS G 90 -3.14 -13.17 51.04
CA LYS G 90 -4.54 -13.02 50.67
C LYS G 90 -4.98 -14.21 49.83
N ASN G 91 -5.83 -15.05 50.41
CA ASN G 91 -6.38 -16.18 49.69
C ASN G 91 -7.79 -15.86 49.18
N VAL G 92 -7.97 -16.01 47.87
CA VAL G 92 -9.24 -15.70 47.23
C VAL G 92 -9.85 -16.95 46.65
N ILE G 93 -11.09 -17.23 47.04
CA ILE G 93 -11.83 -18.34 46.46
C ILE G 93 -12.54 -17.84 45.21
N VAL G 94 -12.39 -18.58 44.12
CA VAL G 94 -12.87 -18.13 42.83
C VAL G 94 -13.51 -19.25 42.02
N GLU G 95 -14.25 -18.87 40.99
CA GLU G 95 -14.77 -19.80 40.02
C GLU G 95 -13.77 -20.00 38.88
N LYS G 96 -14.08 -20.92 37.97
CA LYS G 96 -13.22 -21.23 36.82
C LYS G 96 -12.82 -19.99 36.05
N ASP G 97 -13.71 -19.01 35.98
CA ASP G 97 -13.50 -17.82 35.18
C ASP G 97 -12.81 -16.70 35.95
N GLY G 98 -12.50 -16.96 37.21
CA GLY G 98 -11.84 -15.98 38.06
C GLY G 98 -12.77 -15.18 38.96
N ARG G 99 -14.07 -15.35 38.81
CA ARG G 99 -15.02 -14.59 39.65
C ARG G 99 -14.72 -14.77 41.13
N LYS G 100 -14.73 -13.68 41.88
CA LYS G 100 -14.44 -13.77 43.30
C LYS G 100 -15.63 -14.27 44.09
N ILE G 101 -15.45 -15.37 44.80
CA ILE G 101 -16.50 -15.94 45.63
C ILE G 101 -16.38 -15.44 47.07
N ASP G 102 -15.14 -15.26 47.50
CA ASP G 102 -14.88 -14.89 48.88
C ASP G 102 -13.40 -14.66 49.08
N GLU G 103 -13.05 -13.83 50.05
CA GLU G 103 -11.65 -13.63 50.41
C GLU G 103 -11.39 -13.95 51.87
N ARG G 104 -10.13 -14.16 52.21
CA ARG G 104 -9.70 -14.41 53.58
C ARG G 104 -8.19 -14.25 53.67
N THR G 105 -7.70 -14.00 54.87
CA THR G 105 -6.26 -13.83 55.11
C THR G 105 -5.68 -15.07 55.79
N LEU G 106 -4.65 -15.65 55.19
CA LEU G 106 -4.02 -16.85 55.73
C LEU G 106 -2.61 -16.62 56.28
N GLN G 107 -2.31 -17.30 57.38
CA GLN G 107 -0.97 -17.33 57.93
C GLN G 107 -0.32 -18.63 57.51
N VAL G 108 0.74 -18.53 56.70
CA VAL G 108 1.40 -19.72 56.18
C VAL G 108 2.79 -19.91 56.79
N SER G 109 2.98 -21.04 57.46
CA SER G 109 4.26 -21.34 58.09
C SER G 109 4.78 -22.67 57.55
N TYR G 110 5.96 -22.63 56.93
CA TYR G 110 6.55 -23.86 56.40
C TYR G 110 7.51 -24.52 57.38
N ILE G 111 7.05 -25.63 57.94
CA ILE G 111 7.77 -26.34 58.98
C ILE G 111 9.02 -27.02 58.42
N ASP G 112 8.97 -27.39 57.14
CA ASP G 112 10.14 -27.97 56.49
C ASP G 112 9.92 -28.21 54.99
N THR G 113 11.03 -28.41 54.27
CA THR G 113 10.98 -28.73 52.84
C THR G 113 12.37 -28.99 52.28
N ASP G 114 12.44 -29.72 51.17
CA ASP G 114 13.70 -29.90 50.46
C ASP G 114 13.58 -29.33 49.05
N TYR G 115 12.46 -28.63 48.82
CA TYR G 115 12.20 -27.94 47.55
C TYR G 115 11.79 -28.83 46.37
N SER G 116 12.53 -29.90 46.13
CA SER G 116 12.27 -30.68 44.93
C SER G 116 11.51 -31.99 45.15
N LYS G 117 11.18 -32.29 46.40
CA LYS G 117 10.40 -33.49 46.71
C LYS G 117 9.18 -33.23 47.59
N TYR G 118 9.38 -32.57 48.73
CA TYR G 118 8.31 -32.46 49.71
C TYR G 118 8.34 -31.13 50.45
N SER G 119 7.22 -30.79 51.07
CA SER G 119 7.17 -29.71 52.05
C SER G 119 6.10 -30.00 53.08
N VAL G 120 6.26 -29.41 54.26
CA VAL G 120 5.31 -29.58 55.34
C VAL G 120 4.93 -28.20 55.85
N VAL G 121 3.63 -27.91 55.85
CA VAL G 121 3.17 -26.55 56.07
C VAL G 121 2.04 -26.48 57.09
N HIS G 122 1.91 -25.31 57.70
CA HIS G 122 0.80 -25.01 58.60
C HIS G 122 0.11 -23.75 58.08
N VAL G 123 -1.20 -23.83 57.91
CA VAL G 123 -1.97 -22.71 57.39
C VAL G 123 -3.10 -22.42 58.34
N CYS G 124 -3.30 -21.14 58.66
CA CYS G 124 -4.33 -20.74 59.60
C CYS G 124 -4.92 -19.37 59.25
N ASP G 125 -6.24 -19.26 59.38
CA ASP G 125 -6.94 -18.01 59.12
C ASP G 125 -7.10 -17.24 60.42
N PRO G 126 -6.36 -16.13 60.57
CA PRO G 126 -6.38 -15.34 61.80
C PRO G 126 -7.81 -15.00 62.23
N ALA G 127 -8.64 -14.64 61.26
CA ALA G 127 -10.02 -14.23 61.53
C ALA G 127 -10.89 -15.41 61.94
N ALA G 128 -10.44 -16.62 61.63
CA ALA G 128 -11.19 -17.83 61.97
C ALA G 128 -10.24 -18.96 62.36
N PRO G 129 -9.58 -18.81 63.52
CA PRO G 129 -8.56 -19.74 64.01
C PRO G 129 -9.02 -21.19 64.07
N ASP G 130 -10.33 -21.42 64.08
CA ASP G 130 -10.84 -22.80 64.05
C ASP G 130 -10.54 -23.39 62.68
N TYR G 131 -10.18 -22.52 61.74
CA TYR G 131 -9.69 -22.96 60.44
C TYR G 131 -8.16 -22.94 60.39
N TYR G 132 -7.56 -24.08 60.67
CA TYR G 132 -6.12 -24.24 60.52
C TYR G 132 -5.89 -25.54 59.78
N TYR G 134 -2.75 -28.46 58.81
CA TYR G 134 -1.41 -29.00 58.74
C TYR G 134 -1.43 -29.94 57.55
N ALA G 135 -0.49 -29.76 56.62
CA ALA G 135 -0.48 -30.59 55.43
C ALA G 135 0.92 -30.99 54.96
N VAL G 136 1.04 -32.24 54.53
CA VAL G 136 2.23 -32.71 53.81
C VAL G 136 2.01 -32.45 52.33
N GLN G 137 3.03 -31.98 51.64
CA GLN G 137 2.90 -31.64 50.23
C GLN G 137 4.02 -32.29 49.43
N SER G 138 3.72 -32.70 48.21
CA SER G 138 4.69 -33.44 47.41
C SER G 138 4.75 -32.97 45.96
N ARG G 139 5.92 -33.09 45.35
CA ARG G 139 6.06 -32.78 43.93
C ARG G 139 5.39 -33.86 43.09
N THR G 140 5.14 -35.01 43.71
CA THR G 140 4.45 -36.14 43.08
C THR G 140 3.22 -36.53 43.90
N GLU G 141 2.33 -37.29 43.27
CA GLU G 141 1.08 -37.71 43.89
C GLU G 141 1.27 -38.35 45.26
N ASN G 142 2.29 -39.20 45.39
CA ASN G 142 2.61 -39.79 46.69
C ASN G 142 3.85 -39.13 47.26
N VAL G 143 3.98 -39.16 48.58
CA VAL G 143 5.24 -38.82 49.20
C VAL G 143 6.24 -39.91 48.86
N LYS G 144 7.39 -39.54 48.32
CA LYS G 144 8.39 -40.52 47.95
C LYS G 144 8.95 -41.24 49.17
N GLU G 145 9.19 -42.54 49.01
CA GLU G 145 9.74 -43.38 50.06
C GLU G 145 10.98 -42.78 50.73
N ASP G 146 11.87 -42.20 49.93
CA ASP G 146 13.17 -41.77 50.45
C ASP G 146 13.15 -40.42 51.17
N VAL G 147 11.98 -39.79 51.26
CA VAL G 147 11.84 -38.62 52.14
C VAL G 147 10.78 -38.87 53.22
N LYS G 148 10.28 -40.10 53.30
CA LYS G 148 9.24 -40.46 54.28
C LYS G 148 9.57 -40.02 55.70
N SER G 149 10.79 -40.32 56.16
CA SER G 149 11.17 -40.03 57.53
C SER G 149 11.36 -38.53 57.82
N LYS G 150 11.90 -37.80 56.85
CA LYS G 150 12.03 -36.36 56.99
C LYS G 150 10.64 -35.76 57.19
N VAL G 151 9.64 -36.35 56.55
CA VAL G 151 8.26 -35.91 56.73
C VAL G 151 7.76 -36.28 58.14
N GLU G 152 8.03 -37.51 58.56
CA GLU G 152 7.64 -37.97 59.89
C GLU G 152 8.16 -37.06 61.00
N ALA G 153 9.45 -36.76 60.95
CA ALA G 153 10.06 -35.86 61.94
C ALA G 153 9.46 -34.47 61.87
N ALA G 154 9.23 -33.98 60.64
CA ALA G 154 8.59 -32.68 60.46
C ALA G 154 7.28 -32.62 61.22
N LEU G 155 6.42 -33.62 60.99
CA LEU G 155 5.15 -33.71 61.70
C LEU G 155 5.34 -33.84 63.20
N GLY G 156 6.38 -34.58 63.59
CA GLY G 156 6.71 -34.74 64.99
C GLY G 156 6.95 -33.41 65.69
N LYS G 157 7.51 -32.45 64.97
CA LYS G 157 7.90 -31.19 65.60
C LYS G 157 6.73 -30.23 65.72
N VAL G 158 5.52 -30.72 65.43
CA VAL G 158 4.31 -29.97 65.72
C VAL G 158 3.26 -30.88 66.33
N GLY G 159 3.72 -31.95 66.96
CA GLY G 159 2.86 -32.82 67.75
C GLY G 159 2.00 -33.78 66.97
N LEU G 160 2.42 -34.10 65.74
CA LEU G 160 1.64 -34.98 64.87
C LEU G 160 2.46 -36.13 64.27
N LYS G 161 1.75 -37.19 63.91
CA LYS G 161 2.34 -38.31 63.16
C LYS G 161 1.49 -38.56 61.92
N LEU G 162 2.10 -39.12 60.89
CA LEU G 162 1.45 -39.29 59.60
C LEU G 162 0.14 -40.06 59.72
N SER G 163 0.12 -41.04 60.62
CA SER G 163 -1.09 -41.83 60.84
C SER G 163 -2.24 -41.00 61.42
N GLY G 164 -1.91 -39.85 61.98
CA GLY G 164 -2.92 -38.96 62.54
C GLY G 164 -3.61 -38.11 61.50
N LEU G 165 -3.00 -38.00 60.33
CA LEU G 165 -3.54 -37.14 59.27
C LEU G 165 -4.39 -37.94 58.29
N PHE G 166 -5.41 -37.30 57.75
CA PHE G 166 -6.16 -37.92 56.67
C PHE G 166 -5.21 -38.10 55.48
N ASP G 167 -5.20 -39.31 54.93
CA ASP G 167 -4.36 -39.64 53.79
C ASP G 167 -5.14 -39.37 52.51
N ALA G 168 -5.08 -38.14 52.02
CA ALA G 168 -5.81 -37.76 50.82
C ALA G 168 -5.53 -38.73 49.68
N THR G 169 -4.36 -39.37 49.73
CA THR G 169 -3.96 -40.32 48.70
C THR G 169 -4.59 -41.70 48.88
N THR G 170 -5.33 -41.89 49.97
CA THR G 170 -6.08 -43.12 50.17
C THR G 170 -7.32 -43.12 49.29
N LEU G 171 -7.65 -41.94 48.77
CA LEU G 171 -8.74 -41.81 47.81
C LEU G 171 -8.42 -42.61 46.54
N GLY G 172 -7.12 -42.70 46.23
CA GLY G 172 -6.67 -43.53 45.13
C GLY G 172 -7.05 -43.01 43.76
N ASN G 173 -7.52 -43.91 42.90
CA ASN G 173 -7.82 -43.58 41.52
C ASN G 173 -9.12 -42.80 41.33
N LYS G 174 -9.72 -42.39 42.45
CA LYS G 174 -10.90 -41.52 42.39
C LYS G 174 -10.51 -40.03 42.40
N CYS G 175 -9.20 -39.76 42.50
CA CYS G 175 -8.69 -38.39 42.49
C CYS G 175 -8.67 -37.79 41.09
N GLN G 176 -9.25 -36.61 40.94
CA GLN G 176 -9.14 -35.89 39.67
C GLN G 176 -8.52 -34.51 39.88
N TYR G 177 -7.76 -34.04 38.88
CA TYR G 177 -7.17 -32.71 38.95
C TYR G 177 -7.58 -31.87 37.72
N ASP G 178 -7.77 -30.57 37.93
CA ASP G 178 -8.19 -29.68 36.85
C ASP G 178 -7.02 -28.81 36.39
N ASP G 179 -6.19 -29.36 35.51
CA ASP G 179 -5.01 -28.65 35.03
C ASP G 179 -5.37 -27.48 34.11
N GLU G 180 -6.39 -27.64 33.28
CA GLU G 180 -6.84 -26.55 32.41
C GLU G 180 -7.17 -25.29 33.21
N THR G 181 -7.92 -25.48 34.29
CA THR G 181 -8.33 -24.35 35.11
C THR G 181 -7.15 -23.81 35.90
N LEU G 182 -6.28 -24.69 36.39
CA LEU G 182 -5.07 -24.26 37.08
C LEU G 182 -4.29 -23.31 36.18
N GLN G 183 -4.00 -23.74 34.95
CA GLN G 183 -3.20 -22.97 34.02
C GLN G 183 -3.87 -21.63 33.65
N LYS G 184 -5.18 -21.65 33.45
CA LYS G 184 -5.90 -20.43 33.07
C LYS G 184 -5.85 -19.39 34.18
N LEU G 185 -6.15 -19.83 35.40
CA LEU G 185 -6.17 -18.94 36.54
C LEU G 185 -4.78 -18.40 36.83
N LEU G 186 -3.78 -19.26 36.66
CA LEU G 186 -2.40 -18.86 36.92
C LEU G 186 -2.05 -17.68 36.01
N LYS G 187 -2.48 -17.78 34.77
CA LYS G 187 -2.11 -16.83 33.73
C LYS G 187 -2.99 -15.57 33.77
N GLN G 188 -4.19 -15.72 34.31
CA GLN G 188 -5.17 -14.64 34.37
C GLN G 188 -4.69 -13.49 35.27
N SER G 189 -4.99 -12.26 34.86
CA SER G 189 -4.66 -11.11 35.70
C SER G 189 -5.72 -10.82 36.76
N PHE G 190 -5.27 -10.62 37.99
CA PHE G 190 -6.14 -10.17 39.07
C PHE G 190 -5.61 -8.84 39.61
N PRO G 191 -5.94 -7.74 38.90
CA PRO G 191 -5.38 -6.41 39.17
C PRO G 191 -5.48 -5.94 40.63
N ASN G 192 -6.48 -6.41 41.37
CA ASN G 192 -6.64 -5.96 42.76
C ASN G 192 -5.79 -6.75 43.75
N TYR G 193 -5.48 -7.99 43.42
CA TYR G 193 -4.73 -8.83 44.33
C TYR G 193 -3.25 -8.90 43.95
N GLU G 194 -3.00 -8.90 42.65
CA GLU G 194 -1.67 -8.62 42.12
C GLU G 194 -1.71 -7.13 41.84
N LYS G 195 -0.56 -6.50 41.65
CA LYS G 195 -0.53 -5.03 41.46
C LYS G 195 -0.87 -4.27 42.75
N SER H 1 -24.91 -49.37 3.28
CA SER H 1 -24.46 -49.76 4.61
C SER H 1 -22.94 -49.72 4.76
N GLY H 2 -22.47 -49.77 5.99
CA GLY H 2 -21.04 -49.69 6.24
C GLY H 2 -20.55 -48.25 6.25
N CYS H 3 -19.24 -48.08 6.39
CA CYS H 3 -18.63 -46.75 6.51
C CYS H 3 -18.53 -45.98 5.18
N SER H 4 -18.78 -44.68 5.24
CA SER H 4 -18.68 -43.81 4.08
C SER H 4 -17.23 -43.57 3.68
N THR H 5 -17.01 -43.35 2.39
CA THR H 5 -15.68 -43.04 1.89
C THR H 5 -15.62 -41.57 1.51
N VAL H 6 -14.65 -40.85 2.05
CA VAL H 6 -14.52 -39.42 1.79
C VAL H 6 -13.13 -39.07 1.26
N ASP H 7 -13.06 -38.02 0.44
CA ASP H 7 -11.78 -37.51 -0.05
C ASP H 7 -11.01 -36.91 1.12
N THR H 8 -9.69 -36.96 1.03
CA THR H 8 -8.85 -36.61 2.16
C THR H 8 -7.77 -35.61 1.75
N VAL H 9 -7.12 -35.02 2.74
CA VAL H 9 -6.01 -34.09 2.51
C VAL H 9 -4.94 -34.74 1.65
N LYS H 10 -4.46 -33.98 0.66
CA LYS H 10 -3.36 -34.44 -0.16
C LYS H 10 -2.06 -33.93 0.44
N ASP H 11 -0.96 -34.61 0.15
CA ASP H 11 0.33 -34.22 0.70
C ASP H 11 0.23 -33.95 2.20
N PHE H 12 -0.23 -34.97 2.93
CA PHE H 12 -0.43 -34.91 4.37
C PHE H 12 0.91 -34.94 5.11
N ASN H 13 1.13 -33.98 5.99
CA ASN H 13 2.42 -33.84 6.65
C ASN H 13 2.35 -34.37 8.08
N LYS H 14 2.66 -35.66 8.24
CA LYS H 14 2.50 -36.34 9.51
C LYS H 14 3.29 -35.68 10.64
N ASP H 15 4.49 -35.19 10.32
CA ASP H 15 5.32 -34.52 11.32
C ASP H 15 4.55 -33.37 11.96
N ASN H 16 3.89 -32.57 11.13
CA ASN H 16 3.22 -31.37 11.61
C ASN H 16 1.81 -31.63 12.09
N PHE H 17 1.26 -32.79 11.78
CA PHE H 17 -0.08 -33.09 12.25
C PHE H 17 -0.09 -33.74 13.63
N PHE H 18 0.63 -34.83 13.78
CA PHE H 18 0.61 -35.60 15.03
C PHE H 18 1.63 -35.08 16.01
N THR H 19 1.20 -34.05 16.73
CA THR H 19 2.06 -33.34 17.66
C THR H 19 1.15 -32.44 18.49
N GLY H 20 1.54 -32.15 19.73
CA GLY H 20 0.71 -31.32 20.59
C GLY H 20 -0.65 -31.91 20.92
N SER H 21 -1.65 -31.04 21.03
CA SER H 21 -2.98 -31.49 21.41
C SER H 21 -4.08 -30.88 20.57
N TRP H 22 -5.28 -31.45 20.72
CA TRP H 22 -6.45 -31.03 19.96
C TRP H 22 -7.68 -31.09 20.85
N TYR H 23 -8.66 -30.25 20.54
CA TYR H 23 -9.98 -30.33 21.15
C TYR H 23 -10.95 -30.63 20.04
N THR H 25 -14.26 -29.65 18.91
CA THR H 25 -15.16 -28.53 19.16
C THR H 25 -16.57 -28.82 18.68
N HIS H 26 -16.68 -29.53 17.56
CA HIS H 26 -17.97 -29.87 16.98
C HIS H 26 -17.98 -31.30 16.47
N TYR H 27 -19.14 -31.94 16.49
CA TYR H 27 -19.27 -33.27 15.92
C TYR H 27 -20.70 -33.71 15.69
N LYS H 28 -20.85 -34.67 14.78
CA LYS H 28 -22.09 -35.37 14.53
C LYS H 28 -21.83 -36.86 14.74
N LEU H 29 -22.58 -37.47 15.65
CA LEU H 29 -22.43 -38.90 15.91
C LEU H 29 -23.63 -39.65 15.35
N GLY H 30 -23.38 -40.44 14.30
CA GLY H 30 -24.43 -41.22 13.66
C GLY H 30 -25.53 -40.35 13.06
N ASP H 31 -26.56 -40.99 12.53
CA ASP H 31 -27.70 -40.30 11.91
C ASP H 31 -28.67 -39.76 12.95
N SER H 32 -28.77 -40.45 14.08
CA SER H 32 -29.79 -40.17 15.08
C SER H 32 -29.47 -38.96 15.95
N THR H 33 -30.52 -38.38 16.52
CA THR H 33 -30.39 -37.23 17.41
C THR H 33 -29.33 -37.50 18.48
N LEU H 34 -28.63 -36.43 18.88
CA LEU H 34 -27.60 -36.54 19.90
C LEU H 34 -28.21 -36.41 21.30
N GLU H 35 -27.92 -37.37 22.17
CA GLU H 35 -28.46 -37.33 23.53
C GLU H 35 -27.40 -36.96 24.58
N VAL H 36 -27.86 -36.63 25.77
CA VAL H 36 -27.01 -36.08 26.83
C VAL H 36 -25.77 -36.92 27.12
N GLY H 37 -25.96 -38.23 27.31
CA GLY H 37 -24.85 -39.13 27.59
C GLY H 37 -23.78 -39.09 26.51
N ASP H 38 -24.15 -38.54 25.34
CA ASP H 38 -23.25 -38.48 24.20
C ASP H 38 -22.76 -37.06 23.91
N LYS H 39 -23.11 -36.13 24.80
CA LYS H 39 -22.56 -34.79 24.71
C LYS H 39 -21.31 -34.70 25.59
N ASN H 40 -20.14 -34.63 24.94
CA ASN H 40 -18.86 -34.71 25.63
C ASN H 40 -17.87 -33.60 25.28
N CYS H 41 -16.95 -33.36 26.20
CA CYS H 41 -15.81 -32.51 25.97
C CYS H 41 -14.61 -33.42 25.80
N THR H 42 -13.97 -33.36 24.64
CA THR H 42 -12.85 -34.24 24.34
C THR H 42 -11.59 -33.46 24.02
N LYS H 43 -10.52 -33.77 24.74
CA LYS H 43 -9.21 -33.25 24.42
C LYS H 43 -8.32 -34.46 24.13
N PHE H 44 -7.43 -34.34 23.15
CA PHE H 44 -6.53 -35.44 22.90
C PHE H 44 -5.09 -35.05 22.59
N LEU H 45 -4.18 -35.97 22.85
CA LEU H 45 -2.77 -35.80 22.60
C LEU H 45 -2.25 -36.66 21.46
N HIS H 46 -1.26 -36.15 20.77
CA HIS H 46 -0.66 -36.77 19.62
C HIS H 46 0.83 -36.92 19.74
N GLN H 47 1.36 -38.04 19.28
CA GLN H 47 2.79 -38.19 19.03
C GLN H 47 3.16 -39.03 17.82
N LYS H 48 4.26 -38.68 17.18
CA LYS H 48 4.73 -39.49 16.07
C LYS H 48 6.14 -39.89 16.41
N THR H 49 6.43 -41.17 16.29
CA THR H 49 7.74 -41.66 16.68
C THR H 49 8.63 -41.78 15.45
N ALA H 50 9.95 -41.73 15.67
CA ALA H 50 10.91 -41.78 14.57
C ALA H 50 10.81 -43.08 13.77
N ASP H 51 10.48 -44.17 14.46
CA ASP H 51 10.26 -45.46 13.81
C ASP H 51 8.97 -45.47 12.98
N GLY H 52 8.26 -44.34 12.98
CA GLY H 52 7.06 -44.19 12.18
C GLY H 52 5.77 -44.64 12.82
N LYS H 53 5.74 -44.72 14.15
CA LYS H 53 4.53 -45.08 14.87
C LYS H 53 3.76 -43.83 15.34
N ILE H 54 2.44 -43.85 15.14
CA ILE H 54 1.56 -42.78 15.59
C ILE H 54 0.71 -43.20 16.79
N LYS H 55 0.52 -42.27 17.73
CA LYS H 55 -0.26 -42.55 18.94
C LYS H 55 -1.16 -41.37 19.32
N GLU H 56 -2.42 -41.66 19.64
CA GLU H 56 -3.40 -40.61 19.96
C GLU H 56 -4.19 -40.99 21.20
N VAL H 57 -4.09 -40.15 22.22
CA VAL H 57 -4.73 -40.40 23.50
C VAL H 57 -5.92 -39.46 23.73
N PHE H 58 -7.10 -40.03 23.92
CA PHE H 58 -8.33 -39.26 24.01
C PHE H 58 -8.89 -39.20 25.44
N SER H 59 -9.27 -37.99 25.84
CA SER H 59 -9.95 -37.78 27.11
C SER H 59 -11.34 -37.25 26.81
N ASN H 60 -12.35 -38.08 27.05
CA ASN H 60 -13.75 -37.73 26.81
C ASN H 60 -14.53 -37.56 28.10
N TYR H 61 -14.97 -36.33 28.36
CA TYR H 61 -15.65 -36.01 29.61
C TYR H 61 -17.13 -35.72 29.39
N ASN H 62 -17.97 -36.43 30.15
CA ASN H 62 -19.41 -36.22 30.13
C ASN H 62 -19.82 -35.36 31.32
N PRO H 63 -20.14 -34.09 31.08
CA PRO H 63 -20.49 -33.16 32.15
C PRO H 63 -21.76 -33.58 32.89
N ASN H 64 -22.70 -34.19 32.17
CA ASN H 64 -23.93 -34.64 32.78
C ASN H 64 -23.65 -35.69 33.85
N ALA H 65 -22.87 -36.70 33.48
CA ALA H 65 -22.54 -37.77 34.41
C ALA H 65 -21.30 -37.41 35.21
N LYS H 66 -20.53 -36.47 34.70
CA LYS H 66 -19.28 -36.06 35.35
C LYS H 66 -18.30 -37.22 35.38
N THR H 67 -18.21 -37.93 34.26
CA THR H 67 -17.33 -39.08 34.16
C THR H 67 -16.41 -38.97 32.94
N TYR H 68 -15.29 -39.67 32.99
CA TYR H 68 -14.36 -39.67 31.88
C TYR H 68 -14.35 -41.04 31.21
N SER H 69 -14.16 -41.04 29.90
CA SER H 69 -13.79 -42.26 29.19
C SER H 69 -12.53 -41.94 28.40
N TYR H 70 -11.65 -42.94 28.30
CA TYR H 70 -10.38 -42.79 27.61
C TYR H 70 -10.28 -43.82 26.50
N ASP H 71 -9.62 -43.44 25.40
CA ASP H 71 -9.27 -44.40 24.37
C ASP H 71 -8.01 -43.96 23.67
N ILE H 72 -7.25 -44.92 23.15
CA ILE H 72 -6.00 -44.66 22.45
C ILE H 72 -6.00 -45.28 21.05
N SER H 73 -5.67 -44.51 20.04
CA SER H 73 -5.52 -45.04 18.70
C SER H 73 -4.06 -45.26 18.34
N PHE H 74 -3.75 -46.43 17.78
CA PHE H 74 -2.39 -46.77 17.36
C PHE H 74 -2.33 -46.97 15.84
N ALA H 75 -1.24 -46.53 15.23
CA ALA H 75 -1.08 -46.68 13.79
C ALA H 75 0.38 -46.54 13.38
N LYS H 76 0.73 -47.15 12.24
CA LYS H 76 2.07 -47.03 11.68
C LYS H 76 1.94 -46.30 10.36
N VAL H 77 3.04 -45.79 9.82
CA VAL H 77 2.92 -45.09 8.53
C VAL H 77 2.41 -46.03 7.44
N SER H 78 2.62 -47.34 7.61
CA SER H 78 2.10 -48.33 6.65
C SER H 78 0.57 -48.52 6.70
N ASP H 79 -0.08 -47.96 7.72
CA ASP H 79 -1.54 -47.97 7.81
C ASP H 79 -2.14 -46.78 7.04
N PHE H 80 -1.24 -45.91 6.56
CA PHE H 80 -1.64 -44.73 5.82
C PHE H 80 -1.78 -44.97 4.32
N ASP H 81 -2.75 -44.30 3.72
CA ASP H 81 -3.00 -44.41 2.29
C ASP H 81 -2.08 -43.48 1.51
N GLY H 82 -0.87 -43.95 1.23
CA GLY H 82 0.11 -43.17 0.48
C GLY H 82 0.48 -41.86 1.15
N ASN H 83 0.39 -40.76 0.40
CA ASN H 83 0.67 -39.43 0.93
C ASN H 83 -0.58 -38.73 1.44
N ASN H 84 -1.71 -39.42 1.37
CA ASN H 84 -3.00 -38.86 1.78
C ASN H 84 -3.18 -38.81 3.29
N GLY H 85 -4.10 -37.96 3.73
CA GLY H 85 -4.50 -37.89 5.12
C GLY H 85 -5.56 -38.94 5.43
N LYS H 86 -5.17 -40.20 5.31
CA LYS H 86 -6.11 -41.30 5.49
C LYS H 86 -5.41 -42.56 5.96
N TYR H 87 -5.96 -43.19 6.99
CA TYR H 87 -5.31 -44.35 7.58
C TYR H 87 -6.26 -45.18 8.42
N THR H 88 -5.83 -46.39 8.73
CA THR H 88 -6.60 -47.29 9.57
C THR H 88 -5.92 -47.35 10.92
N ALA H 89 -6.70 -47.24 11.99
CA ALA H 89 -6.14 -47.27 13.33
C ALA H 89 -6.75 -48.37 14.19
N LYS H 90 -5.91 -48.97 15.04
CA LYS H 90 -6.39 -49.82 16.12
C LYS H 90 -6.69 -48.93 17.32
N ASN H 91 -7.95 -48.88 17.72
CA ASN H 91 -8.35 -48.04 18.85
C ASN H 91 -8.72 -48.90 20.05
N VAL H 92 -8.15 -48.56 21.20
CA VAL H 92 -8.38 -49.34 22.43
C VAL H 92 -8.98 -48.44 23.51
N ILE H 93 -10.14 -48.84 24.02
CA ILE H 93 -10.79 -48.13 25.13
C ILE H 93 -10.17 -48.60 26.45
N VAL H 94 -9.64 -47.66 27.22
CA VAL H 94 -8.89 -48.00 28.42
C VAL H 94 -9.36 -47.29 29.69
N GLU H 95 -9.04 -47.90 30.82
CA GLU H 95 -9.19 -47.23 32.10
C GLU H 95 -7.97 -46.34 32.34
N LYS H 96 -8.03 -45.55 33.40
CA LYS H 96 -6.96 -44.65 33.79
C LYS H 96 -5.57 -45.30 33.85
N ASP H 97 -5.51 -46.57 34.29
CA ASP H 97 -4.23 -47.26 34.47
C ASP H 97 -3.78 -48.00 33.22
N GLY H 98 -4.60 -47.94 32.17
CA GLY H 98 -4.28 -48.59 30.91
C GLY H 98 -5.04 -49.88 30.63
N ARG H 99 -5.77 -50.38 31.62
CA ARG H 99 -6.48 -51.65 31.44
C ARG H 99 -7.39 -51.59 30.23
N LYS H 100 -7.29 -52.62 29.38
CA LYS H 100 -8.12 -52.70 28.18
C LYS H 100 -9.58 -53.02 28.50
N ILE H 101 -10.48 -52.13 28.10
CA ILE H 101 -11.91 -52.38 28.24
C ILE H 101 -12.48 -52.99 26.96
N ASP H 102 -12.04 -52.46 25.82
CA ASP H 102 -12.50 -52.97 24.53
C ASP H 102 -11.57 -52.45 23.43
N GLU H 103 -11.63 -53.07 22.26
CA GLU H 103 -10.86 -52.59 21.12
C GLU H 103 -11.66 -52.65 19.83
N ARG H 104 -11.17 -51.93 18.82
CA ARG H 104 -11.88 -51.80 17.56
C ARG H 104 -10.94 -51.27 16.50
N THR H 105 -11.38 -51.35 15.25
CA THR H 105 -10.64 -50.80 14.12
C THR H 105 -11.34 -49.52 13.69
N LEU H 106 -10.59 -48.45 13.48
CA LEU H 106 -11.18 -47.17 13.07
C LEU H 106 -10.68 -46.69 11.70
N GLN H 107 -11.60 -46.31 10.85
CA GLN H 107 -11.23 -45.77 9.55
C GLN H 107 -11.24 -44.26 9.65
N VAL H 108 -10.05 -43.67 9.64
CA VAL H 108 -9.86 -42.24 9.84
C VAL H 108 -9.54 -41.53 8.53
N SER H 109 -10.33 -40.51 8.22
CA SER H 109 -10.19 -39.77 6.97
C SER H 109 -10.18 -38.28 7.22
N TYR H 110 -9.01 -37.65 7.07
CA TYR H 110 -8.92 -36.20 7.26
C TYR H 110 -9.33 -35.40 6.03
N ILE H 111 -10.44 -34.68 6.15
CA ILE H 111 -11.03 -33.92 5.05
C ILE H 111 -10.25 -32.63 4.80
N ASP H 112 -9.83 -31.98 5.87
CA ASP H 112 -9.06 -30.76 5.75
C ASP H 112 -8.31 -30.46 7.04
N THR H 113 -7.25 -29.67 6.92
CA THR H 113 -6.52 -29.17 8.09
C THR H 113 -5.52 -28.10 7.65
N ASP H 114 -5.02 -27.33 8.60
CA ASP H 114 -3.95 -26.39 8.32
C ASP H 114 -2.85 -26.67 9.34
N TYR H 115 -3.03 -27.76 10.07
CA TYR H 115 -2.02 -28.28 11.00
C TYR H 115 -1.92 -27.51 12.31
N SER H 116 -1.90 -26.18 12.22
CA SER H 116 -1.62 -25.35 13.38
C SER H 116 -2.86 -24.71 14.03
N LYS H 117 -4.03 -24.91 13.44
CA LYS H 117 -5.26 -24.38 14.03
C LYS H 117 -6.43 -25.39 14.09
N TYR H 118 -6.73 -26.03 12.97
CA TYR H 118 -7.96 -26.80 12.89
C TYR H 118 -7.81 -28.04 12.01
N SER H 119 -8.71 -29.00 12.22
CA SER H 119 -8.85 -30.13 11.31
C SER H 119 -10.32 -30.56 11.29
N VAL H 120 -10.72 -31.20 10.19
CA VAL H 120 -12.06 -31.73 10.04
C VAL H 120 -11.91 -33.19 9.65
N VAL H 121 -12.58 -34.08 10.36
CA VAL H 121 -12.33 -35.51 10.18
C VAL H 121 -13.61 -36.32 10.08
N HIS H 122 -13.50 -37.48 9.44
CA HIS H 122 -14.54 -38.50 9.48
C HIS H 122 -13.96 -39.81 10.03
N VAL H 123 -14.61 -40.37 11.04
CA VAL H 123 -14.11 -41.58 11.68
C VAL H 123 -15.20 -42.64 11.79
N CYS H 124 -15.02 -43.74 11.05
CA CYS H 124 -16.00 -44.82 11.08
C CYS H 124 -15.38 -46.14 11.52
N ASP H 125 -16.08 -46.84 12.42
CA ASP H 125 -15.71 -48.20 12.80
C ASP H 125 -16.55 -49.20 12.01
N PRO H 126 -15.91 -49.94 11.09
CA PRO H 126 -16.55 -50.87 10.17
C PRO H 126 -17.44 -51.94 10.82
N ALA H 127 -17.26 -52.17 12.13
CA ALA H 127 -18.13 -53.09 12.85
C ALA H 127 -19.26 -52.36 13.56
N ALA H 128 -19.33 -51.05 13.35
CA ALA H 128 -20.38 -50.24 13.96
C ALA H 128 -20.56 -48.94 13.17
N PRO H 129 -20.86 -49.08 11.87
CA PRO H 129 -20.95 -47.95 10.94
C PRO H 129 -22.08 -46.98 11.28
N ASP H 130 -22.98 -47.39 12.15
CA ASP H 130 -24.11 -46.55 12.55
C ASP H 130 -23.64 -45.49 13.55
N TYR H 131 -22.38 -45.63 13.99
CA TYR H 131 -21.80 -44.68 14.92
C TYR H 131 -20.62 -43.93 14.29
N TYR H 132 -20.79 -43.53 13.04
CA TYR H 132 -19.77 -42.76 12.35
C TYR H 132 -19.74 -41.37 12.97
N TYR H 134 -18.46 -37.38 12.25
CA TYR H 134 -17.84 -36.26 11.57
C TYR H 134 -17.52 -35.28 12.67
N ALA H 135 -16.29 -34.77 12.68
CA ALA H 135 -15.87 -33.90 13.78
C ALA H 135 -15.03 -32.73 13.31
N VAL H 136 -15.14 -31.62 14.02
CA VAL H 136 -14.29 -30.48 13.82
C VAL H 136 -13.33 -30.42 15.00
N GLN H 137 -12.05 -30.30 14.71
CA GLN H 137 -11.05 -30.35 15.77
C GLN H 137 -10.16 -29.13 15.71
N SER H 138 -9.70 -28.67 16.87
CA SER H 138 -8.95 -27.42 16.92
C SER H 138 -7.86 -27.45 17.97
N ARG H 139 -6.78 -26.73 17.69
CA ARG H 139 -5.66 -26.62 18.61
C ARG H 139 -6.02 -25.85 19.89
N THR H 140 -7.13 -25.11 19.84
CA THR H 140 -7.64 -24.40 21.00
C THR H 140 -9.08 -24.80 21.25
N GLU H 141 -9.62 -24.42 22.40
CA GLU H 141 -10.97 -24.80 22.80
C GLU H 141 -12.03 -24.35 21.83
N ASN H 142 -11.79 -23.20 21.19
CA ASN H 142 -12.65 -22.72 20.14
C ASN H 142 -11.95 -22.81 18.81
N VAL H 143 -12.72 -23.08 17.77
CA VAL H 143 -12.27 -22.85 16.41
C VAL H 143 -11.98 -21.35 16.26
N LYS H 144 -10.71 -21.00 16.01
CA LYS H 144 -10.34 -19.61 15.77
C LYS H 144 -11.21 -18.95 14.70
N GLU H 145 -11.60 -17.71 14.95
CA GLU H 145 -12.40 -16.93 14.01
C GLU H 145 -11.88 -16.94 12.58
N ASP H 146 -10.57 -16.72 12.40
CA ASP H 146 -10.03 -16.54 11.05
C ASP H 146 -9.90 -17.82 10.21
N VAL H 147 -10.24 -18.97 10.79
CA VAL H 147 -10.32 -20.19 10.01
C VAL H 147 -11.70 -20.79 10.05
N LYS H 148 -12.65 -20.05 10.60
CA LYS H 148 -14.04 -20.49 10.64
C LYS H 148 -14.56 -20.78 9.24
N SER H 149 -14.22 -19.90 8.30
CA SER H 149 -14.68 -20.03 6.92
C SER H 149 -14.18 -21.31 6.24
N LYS H 150 -12.93 -21.67 6.50
CA LYS H 150 -12.36 -22.90 5.95
C LYS H 150 -13.01 -24.15 6.54
N VAL H 151 -13.43 -24.08 7.80
CA VAL H 151 -14.10 -25.18 8.45
C VAL H 151 -15.42 -25.44 7.72
N GLU H 152 -16.16 -24.37 7.48
CA GLU H 152 -17.40 -24.44 6.71
C GLU H 152 -17.21 -25.11 5.36
N ALA H 153 -16.16 -24.70 4.64
CA ALA H 153 -15.91 -25.20 3.30
C ALA H 153 -15.58 -26.68 3.32
N ALA H 154 -14.79 -27.10 4.32
CA ALA H 154 -14.46 -28.50 4.47
C ALA H 154 -15.74 -29.29 4.80
N LEU H 155 -16.58 -28.73 5.66
CA LEU H 155 -17.83 -29.39 6.00
C LEU H 155 -18.73 -29.55 4.77
N GLY H 156 -18.79 -28.50 3.95
CA GLY H 156 -19.56 -28.57 2.72
C GLY H 156 -19.22 -29.77 1.86
N LYS H 157 -17.93 -30.06 1.71
CA LYS H 157 -17.45 -31.17 0.91
C LYS H 157 -18.08 -32.53 1.28
N VAL H 158 -18.61 -32.64 2.49
CA VAL H 158 -19.32 -33.85 2.89
C VAL H 158 -20.78 -33.56 3.24
N GLY H 159 -21.29 -32.46 2.69
CA GLY H 159 -22.70 -32.11 2.83
C GLY H 159 -23.10 -31.72 4.24
N LEU H 160 -22.22 -31.01 4.93
CA LEU H 160 -22.44 -30.68 6.34
C LEU H 160 -22.27 -29.19 6.60
N LYS H 161 -22.90 -28.72 7.68
CA LYS H 161 -22.80 -27.33 8.09
C LYS H 161 -22.46 -27.21 9.57
N LEU H 162 -21.55 -26.31 9.88
CA LEU H 162 -21.09 -26.07 11.25
C LEU H 162 -22.23 -25.97 12.26
N SER H 163 -23.19 -25.10 11.99
CA SER H 163 -24.33 -24.94 12.88
C SER H 163 -25.26 -26.16 12.80
N GLY H 164 -24.90 -27.09 11.91
CA GLY H 164 -25.61 -28.36 11.81
C GLY H 164 -25.03 -29.40 12.75
N LEU H 165 -23.84 -29.13 13.28
CA LEU H 165 -23.19 -30.04 14.22
C LEU H 165 -23.50 -29.64 15.66
N PHE H 166 -23.08 -30.49 16.60
CA PHE H 166 -23.16 -30.14 18.01
C PHE H 166 -21.96 -29.31 18.46
N ASP H 167 -22.25 -28.13 19.02
CA ASP H 167 -21.22 -27.18 19.46
C ASP H 167 -20.87 -27.39 20.93
N ALA H 168 -19.70 -27.96 21.21
CA ALA H 168 -19.32 -28.29 22.58
C ALA H 168 -19.21 -27.06 23.49
N THR H 169 -19.17 -25.87 22.89
CA THR H 169 -19.09 -24.64 23.68
C THR H 169 -20.45 -24.34 24.31
N THR H 170 -21.48 -25.02 23.83
CA THR H 170 -22.81 -24.91 24.43
C THR H 170 -22.83 -25.64 25.79
N LEU H 171 -21.74 -26.31 26.13
CA LEU H 171 -21.57 -26.91 27.46
C LEU H 171 -20.89 -25.90 28.38
N GLY H 172 -20.30 -24.89 27.76
CA GLY H 172 -19.70 -23.78 28.49
C GLY H 172 -18.64 -24.13 29.51
N ASN H 173 -18.80 -23.60 30.71
CA ASN H 173 -17.85 -23.78 31.78
C ASN H 173 -17.98 -25.12 32.49
N LYS H 174 -18.81 -26.02 31.96
CA LYS H 174 -18.97 -27.35 32.54
C LYS H 174 -17.97 -28.38 32.01
N CYS H 175 -17.28 -28.05 30.92
CA CYS H 175 -16.28 -28.94 30.34
C CYS H 175 -15.07 -29.10 31.26
N GLN H 176 -14.66 -30.34 31.47
CA GLN H 176 -13.44 -30.65 32.20
C GLN H 176 -12.55 -31.58 31.37
N TYR H 177 -11.25 -31.45 31.54
CA TYR H 177 -10.30 -32.29 30.82
C TYR H 177 -9.32 -32.91 31.79
N ASP H 178 -8.93 -34.15 31.50
CA ASP H 178 -8.01 -34.86 32.39
C ASP H 178 -6.61 -34.92 31.76
N ASP H 179 -5.82 -33.85 31.92
CA ASP H 179 -4.47 -33.82 31.38
C ASP H 179 -3.54 -34.82 32.04
N GLU H 180 -3.75 -35.08 33.34
CA GLU H 180 -2.93 -36.07 34.06
C GLU H 180 -2.98 -37.45 33.40
N THR H 181 -4.17 -37.98 33.19
CA THR H 181 -4.33 -39.28 32.56
C THR H 181 -3.84 -39.24 31.10
N LEU H 182 -4.17 -38.17 30.38
CA LEU H 182 -3.70 -37.99 29.01
C LEU H 182 -2.18 -38.21 28.92
N GLN H 183 -1.44 -37.56 29.80
CA GLN H 183 0.03 -37.61 29.79
C GLN H 183 0.55 -38.96 30.27
N LYS H 184 -0.14 -39.56 31.22
CA LYS H 184 0.25 -40.89 31.70
C LYS H 184 0.09 -41.94 30.61
N LEU H 185 -1.03 -41.88 29.91
CA LEU H 185 -1.34 -42.82 28.84
C LEU H 185 -0.44 -42.61 27.63
N LEU H 186 -0.08 -41.35 27.40
CA LEU H 186 0.76 -41.02 26.26
C LEU H 186 2.14 -41.65 26.43
N LYS H 187 2.66 -41.62 27.66
CA LYS H 187 4.01 -42.11 27.90
C LYS H 187 4.06 -43.59 28.25
N GLN H 188 2.96 -44.11 28.78
CA GLN H 188 2.88 -45.52 29.14
C GLN H 188 3.07 -46.38 27.89
N SER H 189 3.74 -47.52 28.05
CA SER H 189 3.99 -48.38 26.90
C SER H 189 2.92 -49.46 26.77
N PHE H 190 2.37 -49.59 25.57
CA PHE H 190 1.44 -50.67 25.23
C PHE H 190 2.08 -51.58 24.20
N PRO H 191 2.86 -52.56 24.66
CA PRO H 191 3.73 -53.37 23.80
C PRO H 191 2.96 -54.18 22.75
N ASN H 192 1.70 -54.51 23.02
CA ASN H 192 0.87 -55.18 22.02
C ASN H 192 0.64 -54.34 20.77
N TYR H 193 0.64 -53.02 20.93
CA TYR H 193 0.31 -52.12 19.80
C TYR H 193 1.48 -51.28 19.29
N GLU H 194 2.46 -51.02 20.15
CA GLU H 194 3.58 -50.18 19.74
C GLU H 194 4.93 -50.91 19.84
#